data_7M2X
#
_entry.id   7M2X
#
loop_
_entity.id
_entity.type
_entity.pdbx_description
1 polymer 'Tubulin gamma chain'
2 polymer 'Spindle pole body component SPC97'
3 polymer 'Spindle pole body component SPC98'
4 polymer 'Spindle pole body component 110'
5 non-polymer "GUANOSINE-5'-DIPHOSPHATE"
#
loop_
_entity_poly.entity_id
_entity_poly.type
_entity_poly.pdbx_seq_one_letter_code
_entity_poly.pdbx_strand_id
1 'polypeptide(L)'
;MGGEIITLQAGQCGNHVGKFLWSQLAKEHAIGTDGLSQLPDSSTERDDDTKPFFRENSRNKFTPRAIMMDSEPSVIADVE
NTFRGFFDPRNTWVASDGASAGNSWANGYDIGTRNQDDILNKIDKEIDSTDNFEGFQLLHSVAGGTGSGLGSNLLEALCD
RYPKKILTTYSVFPARSSEVVVQSYNTILALRRLIEDSDATVVFDNASLLNISGKVFRNPNIDLQHTNQLISTIISSVTN
SIRFPSYMYSSMSSIYSTLIPSPELHFLSPSFTPFTSDYIHDDIAHKGHSSYDVMLDLLDPSNSLVSTAMNNPTYFNVYN
TIIGNVEPRQISRAMTKLQQRIKFPSWSSSAMHVNIGRRSPYLPLQPNENEVSGMMLSNMSTVVNVFENACNTFDKVFAK
GAFLNNYNVGDLFQSMQNVQDEFAESREVVQSLMEDYVAAEQDSYLDDVLVDDENMVGELEEDLDADGDHKLV
;
A,B
2 'polypeptide(L)'
;MEIKEVDDRAELLRYTNNIPLLGKLVNHQPLWSTNPKLKSFSLEKISAPDQRRVQEALVVKDLLNVLIGLEGTYIRYFND
YEPSDPETPIEFKIAKKMDPSFKTFSRRIVRYGKQYMILTRAYEKWSDTSFGMVLQRFAYEIRRFLEDVYLKTLVERLER
DFNKVPNFSIRELEQIINETEVNKQMELLYNIYEEIFREIEERRTNQSSQEDFNNFMDSMKNESSLHLRLMVAFDTTVYP
VPKGGAILKIFQQKILENLGDRSSVMFLKKLLNNISQDYCTMLYEWLTQGILNDPYQEFMTYDDLEGKTDNIFDTRDRAW
DTQYFIRKDVLLRDCDSEEDKNLLFKMLRTGILLKVVRASLQIPTIPSNSSDITIQEINDFADLMEGSNLELYVDKCYSR
ANEIFLKLFFQGYDLINVLKHLQQIFLGYQSGHNVLKFLTKNMGELTKHYRNDNNANYDKLLQNFELERQSENPNNLMRQ
LLMIQFDTETLPQVLSHYLQIYPEVPENNSANDDSDPLMHANNFKNMNAILFDELSKERTGAYHGSNLELYTPKSAIYHL
KFDINIPYPLNIIISRTCMIKYQIILRYQLVLQYHSRLLDETWMDLNKTPSWKYRGYSHTVKRRIVRATRVLHAKMNHFI
KTIMEYFNQNVIDKEVYSLEKCYRNPTLAVAIQNELEGGLTNIMTNRCLSDLIPLQLQIFDIVYKFCKFIKSMRAKLCQL
DPVLYEKHKSGMMKTLNEGYRTNNGGQEDVGYQEDAALELIQKLIEYISNASSIFRKCLINFTQELSTEKFDFYDSSSVD
AAGIERVLYSIVPPRSASASSQR
;
C
3 'polypeptide(L)'
;MELEPTLFGIIEALAPQLLSQSHLQTFVSDVVNLLRSSTKSATQLGPLIDFYKLQSLDSPETTIMWHKIEKFLDALFGIQ
NTDDMVKYLSVFQSLLPSNYRAKIVQKSSGLNMENLANHEHLLSPVRAPSIYTEASFENMDRFSERRSMVSSPNRYVPSS
TYSSVTLRQLSNPYYVNTIPEEDILKYVSYTLLATTSALFPFDHEQIQIPSKIPNFESGLLHLIFEAGLLYQSLGYKVEK
FRMLNISPMKKALIIEISEELQNYTAFVNNLVSSGTVVSLKSLYREIYENIIRLRIYCRFTEHLEELSGDTFLIELNIFK
SHGDLTIRKIATNLFNSMISLYYEYLMNWLTKGLLRATYGEFFIAENTDTNGTDDDFIYHIPIEFNQERVPAFIPKELAY
KIFMIGKSYIFLEKYCKEVQWTNEFSKKYHVLYQSNSYRGISTNFFEIINDQYSEIVNHTNQILNQKFHYRDVVFALKNI
LLMGKSDFMDALIEKANDILATPSDSLPNYKLTRVLQEAVQLSSLRHLMNSPRNSSVINGLDARVLDLGHGSVGWDVFTL
DYILYPPLSLVLNVNRPFGRKEYLRIFNFLWRFKKNNYFYQKEMLKSNDIIRSFKKIRGYNPLIRDIINKLSRISILRTQ
FQQFNSKMESYYLNCIIEENFKEMTRKLQRTENKSQNQFDLIRLNNGTIELNGILTPKAEVLTKSSSSKPQKHAIEKTLN
IDELESVHNTFLTNILSHKLFATNTSEISVGDYSGQPYPTSLVLLLNSVYEFVKVYCNLNDIGYEIFIKMNLNDHEASNG
LLGKFNTNLKEIVSQYKNFKDRLYIFRADLKNDGDEELFLLSKSLR
;
D
4 'polypeptide(L)'
;MDEASHLPNGSLKNMEFTPVGFIKSKRNTTQTQVVSPTKVPNANNGDENEGPVKKRQRRSIDDTIDSTRLFSEASQFDDS
FPEIKANIPPSPRSGNVDKSRKRNLIDDLKKDVPMSQPLKEQEVREHQMKKERFDRALESKLLGKRHITYANSDISNKEL
YINEIKSLKHEIKELRKEKNDTLNNYDTLEEETDDLKNRLQALEKELDAKNKIVNSRKVD
;
U
#
loop_
_chem_comp.id
_chem_comp.type
_chem_comp.name
_chem_comp.formula
GDP RNA linking GUANOSINE-5'-DIPHOSPHATE 'C10 H15 N5 O11 P2'
#
# COMPACT_ATOMS: atom_id res chain seq x y z
N GLY A 3 -6.42 -5.57 -23.94
CA GLY A 3 -7.17 -6.18 -25.04
C GLY A 3 -6.36 -7.29 -25.65
N GLU A 4 -6.80 -8.52 -25.44
CA GLU A 4 -6.09 -9.65 -25.98
C GLU A 4 -6.48 -9.87 -27.42
N ILE A 5 -5.50 -10.26 -28.23
CA ILE A 5 -5.75 -10.52 -29.63
C ILE A 5 -5.37 -11.93 -30.08
N ILE A 6 -6.27 -12.59 -30.78
CA ILE A 6 -5.98 -13.93 -31.29
C ILE A 6 -5.79 -13.91 -32.80
N THR A 7 -4.65 -14.39 -33.25
CA THR A 7 -4.38 -14.43 -34.67
C THR A 7 -4.99 -15.68 -35.29
N LEU A 8 -5.64 -15.52 -36.42
CA LEU A 8 -6.21 -16.63 -37.13
C LEU A 8 -5.45 -16.81 -38.42
N GLN A 9 -4.79 -17.94 -38.56
CA GLN A 9 -3.96 -18.18 -39.73
C GLN A 9 -4.69 -19.13 -40.67
N ALA A 10 -5.30 -18.60 -41.74
CA ALA A 10 -6.14 -19.44 -42.60
C ALA A 10 -5.56 -19.71 -44.00
N GLY A 11 -5.36 -20.99 -44.29
CA GLY A 11 -4.90 -21.45 -45.58
C GLY A 11 -3.41 -21.34 -45.61
N GLN A 12 -2.74 -21.76 -46.68
CA GLN A 12 -1.30 -21.69 -46.58
C GLN A 12 -0.85 -20.27 -46.57
N CYS A 13 -1.53 -19.39 -47.29
CA CYS A 13 -1.12 -18.01 -47.25
C CYS A 13 -1.20 -17.54 -45.81
N GLY A 14 -2.35 -17.73 -45.15
CA GLY A 14 -2.45 -17.25 -43.79
C GLY A 14 -1.39 -17.82 -42.85
N ASN A 15 -1.03 -19.08 -43.05
CA ASN A 15 -0.02 -19.69 -42.19
C ASN A 15 1.40 -19.21 -42.54
N HIS A 16 1.67 -18.91 -43.80
CA HIS A 16 2.98 -18.41 -44.19
C HIS A 16 3.16 -16.97 -43.72
N VAL A 17 2.08 -16.20 -43.78
CA VAL A 17 2.15 -14.82 -43.35
C VAL A 17 2.37 -14.82 -41.84
N GLY A 18 1.66 -15.70 -41.13
CA GLY A 18 1.83 -15.80 -39.71
C GLY A 18 3.27 -16.16 -39.37
N LYS A 19 3.90 -17.05 -40.13
CA LYS A 19 5.28 -17.41 -39.83
C LYS A 19 6.16 -16.16 -39.76
N PHE A 20 5.98 -15.26 -40.73
CA PHE A 20 6.74 -14.00 -40.77
C PHE A 20 6.35 -13.06 -39.65
N LEU A 21 5.06 -13.01 -39.36
CA LEU A 21 4.59 -12.15 -38.29
C LEU A 21 5.13 -12.58 -36.95
N TRP A 22 5.08 -13.86 -36.68
CA TRP A 22 5.55 -14.34 -35.42
C TRP A 22 7.04 -14.23 -35.33
N SER A 23 7.73 -14.34 -36.46
CA SER A 23 9.16 -14.16 -36.44
C SER A 23 9.48 -12.73 -36.06
N GLN A 24 8.74 -11.77 -36.62
CA GLN A 24 9.03 -10.40 -36.27
C GLN A 24 8.67 -10.15 -34.83
N LEU A 25 7.60 -10.76 -34.33
CA LEU A 25 7.23 -10.52 -32.96
C LEU A 25 8.27 -11.09 -32.02
N ALA A 26 8.83 -12.25 -32.35
CA ALA A 26 9.88 -12.85 -31.55
C ALA A 26 11.09 -11.92 -31.51
N LYS A 27 11.35 -11.21 -32.61
CA LYS A 27 12.45 -10.28 -32.62
C LYS A 27 12.14 -9.03 -31.81
N GLU A 28 10.90 -8.54 -31.93
CA GLU A 28 10.48 -7.32 -31.25
C GLU A 28 10.45 -7.51 -29.76
N HIS A 29 9.98 -8.64 -29.36
CA HIS A 29 9.90 -8.98 -27.98
C HIS A 29 10.81 -10.11 -27.94
N ALA A 30 11.95 -9.91 -27.33
CA ALA A 30 12.97 -10.89 -27.44
C ALA A 30 12.60 -12.17 -26.75
N ILE A 31 11.93 -13.00 -27.53
CA ILE A 31 11.38 -14.31 -27.25
C ILE A 31 12.00 -15.24 -28.27
N GLY A 32 12.45 -16.40 -27.91
CA GLY A 32 13.05 -17.27 -28.91
C GLY A 32 11.99 -18.05 -29.66
N THR A 33 12.43 -18.94 -30.53
CA THR A 33 11.51 -19.76 -31.32
C THR A 33 10.96 -20.89 -30.48
N ASP A 34 11.53 -21.02 -29.31
CA ASP A 34 11.16 -21.96 -28.30
C ASP A 34 10.15 -21.39 -27.31
N GLY A 35 9.76 -20.14 -27.53
CA GLY A 35 8.79 -19.50 -26.68
C GLY A 35 9.37 -18.90 -25.43
N LEU A 36 10.68 -18.89 -25.28
CA LEU A 36 11.28 -18.36 -24.06
C LEU A 36 11.79 -16.96 -24.19
N SER A 37 11.75 -16.20 -23.12
CA SER A 37 12.36 -14.90 -23.17
C SER A 37 13.82 -15.10 -23.39
N GLN A 38 14.38 -14.26 -24.24
CA GLN A 38 15.78 -14.24 -24.57
C GLN A 38 16.52 -13.32 -23.62
N LEU A 39 15.78 -12.67 -22.75
CA LEU A 39 16.35 -11.69 -21.87
C LEU A 39 16.83 -12.36 -20.61
N PRO A 40 17.83 -11.79 -19.94
CA PRO A 40 18.27 -12.21 -18.65
C PRO A 40 17.16 -11.81 -17.72
N ASP A 41 17.04 -12.51 -16.60
CA ASP A 41 16.03 -12.18 -15.60
C ASP A 41 16.58 -11.31 -14.50
N SER A 42 17.79 -10.78 -14.73
CA SER A 42 18.45 -9.87 -13.80
C SER A 42 17.74 -8.52 -13.83
N SER A 43 16.95 -8.32 -14.87
CA SER A 43 16.14 -7.16 -15.09
C SER A 43 14.76 -7.71 -15.37
N THR A 44 13.88 -7.56 -14.41
CA THR A 44 12.58 -8.17 -14.49
C THR A 44 11.54 -7.29 -15.16
N GLU A 45 11.83 -6.00 -15.25
CA GLU A 45 10.90 -5.13 -15.92
C GLU A 45 11.27 -5.04 -17.39
N ARG A 46 10.33 -5.44 -18.24
CA ARG A 46 10.56 -5.47 -19.66
C ARG A 46 10.22 -4.17 -20.40
N ASP A 47 9.47 -3.26 -19.79
CA ASP A 47 9.04 -2.02 -20.44
C ASP A 47 8.28 -2.28 -21.73
N ASP A 48 7.48 -3.34 -21.76
CA ASP A 48 6.66 -3.70 -22.91
C ASP A 48 5.54 -4.57 -22.41
N ASP A 49 4.65 -5.00 -23.31
CA ASP A 49 3.65 -5.95 -22.84
C ASP A 49 3.37 -6.98 -23.91
N THR A 50 3.83 -8.19 -23.68
CA THR A 50 3.69 -9.25 -24.64
C THR A 50 2.36 -9.93 -24.49
N LYS A 51 1.70 -9.69 -23.35
CA LYS A 51 0.49 -10.38 -23.00
C LYS A 51 -0.57 -10.37 -24.10
N PRO A 52 -0.91 -9.25 -24.77
CA PRO A 52 -1.91 -9.21 -25.80
C PRO A 52 -1.66 -10.17 -26.96
N PHE A 53 -0.40 -10.56 -27.17
CA PHE A 53 -0.09 -11.46 -28.25
C PHE A 53 0.40 -12.80 -27.81
N PHE A 54 0.82 -12.88 -26.56
CA PHE A 54 1.34 -14.12 -26.04
C PHE A 54 0.77 -14.46 -24.69
N ARG A 55 0.49 -15.72 -24.48
CA ARG A 55 0.10 -16.08 -23.16
C ARG A 55 1.35 -16.34 -22.43
N GLU A 56 1.91 -15.26 -21.91
CA GLU A 56 3.10 -15.43 -21.13
C GLU A 56 2.61 -16.30 -20.02
N ASN A 57 3.35 -17.34 -19.76
CA ASN A 57 3.07 -18.34 -18.79
C ASN A 57 3.74 -17.97 -17.49
N SER A 58 3.57 -18.81 -16.46
CA SER A 58 4.26 -18.56 -15.20
C SER A 58 5.70 -18.99 -15.42
N ARG A 59 5.83 -19.83 -16.43
CA ARG A 59 7.07 -20.37 -16.91
C ARG A 59 7.67 -19.41 -17.89
N ASN A 60 8.94 -19.59 -18.22
CA ASN A 60 9.51 -18.74 -19.25
C ASN A 60 9.00 -19.24 -20.58
N LYS A 61 7.78 -18.89 -20.85
CA LYS A 61 7.09 -19.31 -22.02
C LYS A 61 6.08 -18.29 -22.45
N PHE A 62 6.14 -17.95 -23.70
CA PHE A 62 5.24 -17.01 -24.31
C PHE A 62 4.48 -17.69 -25.39
N THR A 63 3.25 -18.06 -25.13
CA THR A 63 2.54 -18.82 -26.14
C THR A 63 1.77 -17.91 -27.09
N PRO A 64 2.05 -17.88 -28.40
CA PRO A 64 1.41 -17.02 -29.34
C PRO A 64 -0.06 -17.24 -29.27
N ARG A 65 -0.80 -16.18 -29.23
CA ARG A 65 -2.22 -16.32 -29.18
C ARG A 65 -2.71 -16.45 -30.58
N ALA A 66 -2.72 -17.68 -31.08
CA ALA A 66 -3.09 -17.95 -32.46
C ALA A 66 -3.71 -19.31 -32.65
N ILE A 67 -4.60 -19.37 -33.63
CA ILE A 67 -5.20 -20.62 -34.08
C ILE A 67 -4.62 -20.86 -35.46
N MET A 68 -4.04 -22.02 -35.66
CA MET A 68 -3.38 -22.33 -36.93
C MET A 68 -4.32 -23.22 -37.72
N MET A 69 -4.82 -22.74 -38.86
CA MET A 69 -5.85 -23.51 -39.56
C MET A 69 -5.60 -23.76 -41.03
N ASP A 70 -5.68 -25.03 -41.41
CA ASP A 70 -5.42 -25.37 -42.79
C ASP A 70 -6.11 -26.68 -43.18
N SER A 71 -5.90 -27.12 -44.41
CA SER A 71 -6.44 -28.34 -44.94
C SER A 71 -5.24 -29.18 -45.27
N GLU A 72 -4.12 -28.47 -45.32
CA GLU A 72 -2.82 -29.05 -45.64
C GLU A 72 -1.91 -28.86 -44.44
N PRO A 73 -1.74 -29.87 -43.59
CA PRO A 73 -1.08 -29.82 -42.30
C PRO A 73 0.39 -29.44 -42.39
N SER A 74 0.99 -29.61 -43.57
CA SER A 74 2.38 -29.33 -43.79
C SER A 74 2.75 -27.85 -43.67
N VAL A 75 1.80 -26.94 -43.92
CA VAL A 75 2.21 -25.55 -43.79
C VAL A 75 2.28 -25.21 -42.33
N ILE A 76 1.37 -25.76 -41.57
CA ILE A 76 1.36 -25.48 -40.17
C ILE A 76 2.57 -26.11 -39.57
N ALA A 77 2.87 -27.35 -39.97
CA ALA A 77 4.03 -28.01 -39.45
C ALA A 77 5.29 -27.24 -39.77
N ASP A 78 5.37 -26.63 -40.94
CA ASP A 78 6.56 -25.86 -41.27
C ASP A 78 6.74 -24.72 -40.27
N VAL A 79 5.63 -24.15 -39.83
CA VAL A 79 5.71 -23.08 -38.89
C VAL A 79 6.02 -23.63 -37.49
N GLU A 80 5.32 -24.69 -37.06
CA GLU A 80 5.50 -25.27 -35.72
C GLU A 80 6.91 -25.84 -35.56
N ASN A 81 7.48 -26.31 -36.65
CA ASN A 81 8.79 -26.90 -36.66
C ASN A 81 9.91 -25.87 -36.66
N THR A 82 9.54 -24.61 -36.77
CA THR A 82 10.48 -23.52 -36.73
C THR A 82 10.37 -22.99 -35.33
N PHE A 83 9.12 -22.78 -34.95
CA PHE A 83 8.74 -22.29 -33.66
C PHE A 83 8.55 -23.44 -32.69
N ARG A 84 9.70 -24.03 -32.38
CA ARG A 84 9.83 -25.24 -31.60
C ARG A 84 9.68 -25.08 -30.11
N GLY A 85 8.44 -24.88 -29.73
CA GLY A 85 8.04 -24.69 -28.34
C GLY A 85 7.25 -23.40 -28.20
N PHE A 86 7.49 -22.49 -29.12
CA PHE A 86 6.77 -21.24 -29.17
C PHE A 86 5.28 -21.50 -29.38
N PHE A 87 4.89 -22.30 -30.39
CA PHE A 87 3.45 -22.52 -30.60
C PHE A 87 2.83 -23.64 -29.80
N ASP A 88 1.57 -23.43 -29.40
CA ASP A 88 0.78 -24.45 -28.73
C ASP A 88 -0.01 -25.25 -29.77
N PRO A 89 0.32 -26.53 -30.00
CA PRO A 89 -0.21 -27.38 -31.05
C PRO A 89 -1.68 -27.68 -30.84
N ARG A 90 -2.20 -27.40 -29.65
CA ARG A 90 -3.60 -27.73 -29.40
C ARG A 90 -4.51 -26.72 -30.06
N ASN A 91 -3.92 -25.66 -30.57
CA ASN A 91 -4.67 -24.65 -31.24
C ASN A 91 -4.54 -24.84 -32.75
N THR A 92 -4.05 -26.01 -33.17
CA THR A 92 -3.95 -26.33 -34.57
C THR A 92 -5.05 -27.21 -35.10
N TRP A 93 -5.72 -26.74 -36.13
CA TRP A 93 -6.77 -27.48 -36.77
C TRP A 93 -6.46 -27.73 -38.21
N VAL A 94 -6.69 -28.95 -38.64
CA VAL A 94 -6.51 -29.25 -40.02
C VAL A 94 -7.75 -29.97 -40.52
N ALA A 95 -8.23 -29.59 -41.68
CA ALA A 95 -9.38 -30.28 -42.24
C ALA A 95 -8.95 -31.62 -42.76
N SER A 96 -8.85 -32.57 -41.85
CA SER A 96 -8.39 -33.89 -42.20
C SER A 96 -9.48 -34.72 -42.90
N ASP A 97 -10.77 -34.32 -42.81
CA ASP A 97 -11.81 -35.10 -43.45
C ASP A 97 -12.05 -34.74 -44.90
N GLY A 98 -10.99 -34.95 -45.69
CA GLY A 98 -11.00 -34.69 -47.12
C GLY A 98 -10.30 -33.39 -47.46
N ALA A 99 -9.44 -33.42 -48.47
CA ALA A 99 -8.75 -32.22 -48.89
C ALA A 99 -9.74 -31.37 -49.63
N SER A 100 -9.51 -30.07 -49.67
CA SER A 100 -10.42 -29.22 -50.42
C SER A 100 -10.44 -29.73 -51.85
N ALA A 101 -11.64 -29.82 -52.43
CA ALA A 101 -11.83 -30.30 -53.80
C ALA A 101 -11.49 -29.23 -54.81
N GLY A 102 -10.22 -28.87 -54.84
CA GLY A 102 -9.73 -27.82 -55.71
C GLY A 102 -9.77 -26.43 -55.09
N ASN A 103 -9.42 -25.44 -55.89
CA ASN A 103 -9.29 -24.09 -55.38
C ASN A 103 -10.58 -23.30 -55.42
N SER A 104 -11.50 -23.61 -54.53
CA SER A 104 -12.80 -22.96 -54.51
C SER A 104 -13.16 -22.57 -53.11
N TRP A 105 -13.57 -21.31 -52.91
CA TRP A 105 -13.86 -20.82 -51.56
C TRP A 105 -14.91 -21.74 -50.97
N ALA A 106 -15.80 -22.27 -51.81
CA ALA A 106 -16.82 -23.16 -51.39
C ALA A 106 -16.25 -24.39 -50.74
N ASN A 107 -15.09 -24.83 -51.19
CA ASN A 107 -14.51 -26.03 -50.65
C ASN A 107 -13.96 -25.73 -49.31
N GLY A 108 -13.33 -24.56 -49.21
CA GLY A 108 -12.76 -24.17 -47.94
C GLY A 108 -13.88 -23.97 -46.94
N TYR A 109 -14.98 -23.45 -47.43
CA TYR A 109 -16.14 -23.19 -46.66
C TYR A 109 -16.74 -24.50 -46.20
N ASP A 110 -16.89 -25.45 -47.10
CA ASP A 110 -17.47 -26.73 -46.78
C ASP A 110 -16.66 -27.48 -45.73
N ILE A 111 -15.32 -27.40 -45.80
CA ILE A 111 -14.55 -28.09 -44.78
C ILE A 111 -14.64 -27.33 -43.47
N GLY A 112 -14.65 -25.99 -43.52
CA GLY A 112 -14.76 -25.22 -42.32
C GLY A 112 -16.11 -25.41 -41.69
N THR A 113 -17.14 -25.54 -42.52
CA THR A 113 -18.49 -25.68 -42.05
C THR A 113 -18.61 -26.98 -41.30
N ARG A 114 -18.09 -28.06 -41.86
CA ARG A 114 -18.18 -29.34 -41.16
C ARG A 114 -17.42 -29.32 -39.86
N ASN A 115 -16.32 -28.61 -39.86
CA ASN A 115 -15.47 -28.49 -38.72
C ASN A 115 -15.71 -27.21 -37.95
N GLN A 116 -16.82 -26.53 -38.20
CA GLN A 116 -17.03 -25.26 -37.54
C GLN A 116 -17.01 -25.37 -36.03
N ASP A 117 -17.54 -26.44 -35.47
CA ASP A 117 -17.58 -26.51 -34.03
C ASP A 117 -16.20 -26.77 -33.47
N ASP A 118 -15.43 -27.61 -34.15
CA ASP A 118 -14.09 -27.93 -33.70
C ASP A 118 -13.18 -26.72 -33.81
N ILE A 119 -13.38 -25.94 -34.86
CA ILE A 119 -12.58 -24.77 -35.08
C ILE A 119 -12.90 -23.79 -33.99
N LEU A 120 -14.19 -23.60 -33.70
CA LEU A 120 -14.57 -22.69 -32.65
C LEU A 120 -14.10 -23.19 -31.31
N ASN A 121 -14.10 -24.51 -31.08
CA ASN A 121 -13.65 -24.97 -29.79
C ASN A 121 -12.20 -24.59 -29.57
N LYS A 122 -11.37 -24.66 -30.61
CA LYS A 122 -9.98 -24.26 -30.49
C LYS A 122 -9.88 -22.75 -30.25
N ILE A 123 -10.75 -22.00 -30.90
CA ILE A 123 -10.79 -20.57 -30.71
C ILE A 123 -11.14 -20.25 -29.28
N ASP A 124 -12.10 -20.95 -28.70
CA ASP A 124 -12.44 -20.71 -27.33
C ASP A 124 -11.41 -21.26 -26.39
N LYS A 125 -10.72 -22.35 -26.73
CA LYS A 125 -9.67 -22.77 -25.81
C LYS A 125 -8.69 -21.64 -25.65
N GLU A 126 -8.39 -20.94 -26.75
CA GLU A 126 -7.51 -19.78 -26.63
C GLU A 126 -8.22 -18.59 -25.96
N ILE A 127 -9.51 -18.35 -26.22
CA ILE A 127 -10.18 -17.23 -25.53
C ILE A 127 -10.16 -17.48 -24.03
N ASP A 128 -10.26 -18.72 -23.60
CA ASP A 128 -10.20 -19.05 -22.18
C ASP A 128 -8.86 -18.63 -21.54
N SER A 129 -7.82 -18.39 -22.35
CA SER A 129 -6.49 -17.98 -21.91
C SER A 129 -6.34 -16.46 -21.93
N THR A 130 -7.41 -15.76 -22.32
CA THR A 130 -7.47 -14.32 -22.39
C THR A 130 -8.57 -13.80 -21.47
N ASP A 131 -8.27 -12.84 -20.61
CA ASP A 131 -9.32 -12.32 -19.79
C ASP A 131 -10.02 -11.20 -20.53
N ASN A 132 -9.26 -10.19 -20.92
CA ASN A 132 -9.85 -9.08 -21.64
C ASN A 132 -9.80 -9.35 -23.11
N PHE A 133 -10.55 -10.32 -23.55
CA PHE A 133 -10.47 -10.62 -24.95
C PHE A 133 -11.06 -9.46 -25.73
N GLU A 134 -10.32 -8.97 -26.74
CA GLU A 134 -10.84 -7.89 -27.54
C GLU A 134 -11.11 -8.29 -28.97
N GLY A 135 -10.22 -9.09 -29.56
CA GLY A 135 -10.44 -9.39 -30.96
C GLY A 135 -9.47 -10.35 -31.61
N PHE A 136 -9.61 -10.44 -32.91
CA PHE A 136 -8.87 -11.35 -33.75
C PHE A 136 -8.24 -10.68 -34.94
N GLN A 137 -7.17 -11.28 -35.43
CA GLN A 137 -6.53 -10.86 -36.67
C GLN A 137 -6.49 -11.98 -37.68
N LEU A 138 -7.26 -11.88 -38.75
CA LEU A 138 -7.30 -12.96 -39.72
C LEU A 138 -6.38 -12.77 -40.89
N LEU A 139 -5.45 -13.69 -41.05
CA LEU A 139 -4.48 -13.66 -42.12
C LEU A 139 -4.89 -14.64 -43.19
N HIS A 140 -5.15 -14.19 -44.41
CA HIS A 140 -5.57 -15.16 -45.42
C HIS A 140 -5.41 -14.64 -46.83
N SER A 141 -5.35 -15.55 -47.81
CA SER A 141 -5.46 -15.12 -49.18
C SER A 141 -6.90 -14.87 -49.46
N VAL A 142 -7.19 -14.05 -50.46
CA VAL A 142 -8.58 -13.78 -50.78
C VAL A 142 -9.18 -14.73 -51.78
N ALA A 143 -8.34 -15.38 -52.59
CA ALA A 143 -8.86 -16.21 -53.65
C ALA A 143 -8.49 -17.66 -53.52
N GLY A 144 -8.09 -18.06 -52.34
CA GLY A 144 -7.73 -19.44 -52.13
C GLY A 144 -8.98 -20.21 -51.80
N GLY A 145 -8.99 -21.49 -52.08
CA GLY A 145 -10.10 -22.31 -51.69
C GLY A 145 -10.11 -22.41 -50.20
N THR A 146 -9.16 -23.15 -49.66
CA THR A 146 -9.04 -23.26 -48.22
C THR A 146 -8.91 -21.88 -47.62
N GLY A 147 -8.05 -21.05 -48.20
CA GLY A 147 -7.84 -19.71 -47.65
C GLY A 147 -9.10 -18.86 -47.50
N SER A 148 -9.78 -18.56 -48.61
CA SER A 148 -10.92 -17.66 -48.55
C SER A 148 -12.16 -18.35 -48.04
N GLY A 149 -12.24 -19.66 -48.23
CA GLY A 149 -13.35 -20.45 -47.80
C GLY A 149 -13.35 -20.59 -46.30
N LEU A 150 -12.17 -20.83 -45.74
CA LEU A 150 -12.01 -20.93 -44.33
C LEU A 150 -12.25 -19.58 -43.76
N GLY A 151 -11.70 -18.53 -44.40
CA GLY A 151 -11.98 -17.21 -43.92
C GLY A 151 -13.49 -16.93 -43.92
N SER A 152 -14.21 -17.39 -44.95
CA SER A 152 -15.63 -17.19 -45.02
C SER A 152 -16.33 -17.93 -43.89
N ASN A 153 -15.92 -19.16 -43.60
CA ASN A 153 -16.53 -19.90 -42.51
C ASN A 153 -16.22 -19.31 -41.16
N LEU A 154 -14.97 -18.88 -40.97
CA LEU A 154 -14.57 -18.34 -39.71
C LEU A 154 -15.31 -17.08 -39.45
N LEU A 155 -15.47 -16.29 -40.49
CA LEU A 155 -16.14 -15.04 -40.33
C LEU A 155 -17.59 -15.24 -40.01
N GLU A 156 -18.27 -16.15 -40.69
CA GLU A 156 -19.66 -16.32 -40.36
C GLU A 156 -19.82 -16.85 -38.95
N ALA A 157 -18.95 -17.77 -38.54
CA ALA A 157 -19.08 -18.33 -37.22
C ALA A 157 -18.82 -17.30 -36.13
N LEU A 158 -17.81 -16.47 -36.34
CA LEU A 158 -17.39 -15.53 -35.32
C LEU A 158 -18.20 -14.26 -35.30
N CYS A 159 -18.72 -13.81 -36.44
CA CYS A 159 -19.44 -12.56 -36.37
C CYS A 159 -20.70 -12.68 -35.52
N ASP A 160 -21.27 -13.88 -35.44
CA ASP A 160 -22.43 -14.05 -34.60
C ASP A 160 -22.08 -14.55 -33.21
N ARG A 161 -21.02 -15.35 -33.08
CA ARG A 161 -20.67 -15.90 -31.79
C ARG A 161 -20.07 -14.86 -30.87
N TYR A 162 -19.32 -13.92 -31.43
CA TYR A 162 -18.69 -12.89 -30.66
C TYR A 162 -19.05 -11.53 -31.25
N PRO A 163 -20.31 -11.09 -31.13
CA PRO A 163 -20.89 -9.93 -31.79
C PRO A 163 -20.30 -8.61 -31.33
N LYS A 164 -19.61 -8.64 -30.19
CA LYS A 164 -19.02 -7.44 -29.62
C LYS A 164 -17.50 -7.46 -29.66
N LYS A 165 -16.90 -8.42 -30.35
CA LYS A 165 -15.44 -8.49 -30.42
C LYS A 165 -14.99 -8.00 -31.79
N ILE A 166 -13.72 -7.63 -31.89
CA ILE A 166 -13.22 -7.11 -33.16
C ILE A 166 -12.45 -8.11 -33.99
N LEU A 167 -13.00 -8.47 -35.13
CA LEU A 167 -12.34 -9.37 -36.07
C LEU A 167 -11.93 -8.67 -37.33
N THR A 168 -10.66 -8.30 -37.41
CA THR A 168 -10.16 -7.57 -38.58
C THR A 168 -9.59 -8.54 -39.56
N THR A 169 -9.40 -8.04 -40.77
CA THR A 169 -8.89 -8.90 -41.82
C THR A 169 -7.69 -8.36 -42.56
N TYR A 170 -6.76 -9.27 -42.82
CA TYR A 170 -5.53 -9.03 -43.55
C TYR A 170 -5.60 -9.84 -44.83
N SER A 171 -6.09 -9.18 -45.86
CA SER A 171 -6.44 -9.81 -47.12
C SER A 171 -5.32 -9.79 -48.15
N VAL A 172 -4.88 -10.97 -48.59
CA VAL A 172 -3.81 -11.06 -49.57
C VAL A 172 -4.36 -11.36 -50.97
N PHE A 173 -4.15 -10.41 -51.86
CA PHE A 173 -4.67 -10.43 -53.22
C PHE A 173 -3.68 -10.85 -54.26
N PRO A 174 -3.91 -11.91 -55.03
CA PRO A 174 -3.00 -12.37 -56.03
C PRO A 174 -3.03 -11.37 -57.14
N ALA A 175 -1.94 -11.24 -57.89
CA ALA A 175 -1.99 -10.39 -59.05
C ALA A 175 -2.94 -11.10 -59.99
N ARG A 176 -3.76 -10.37 -60.73
CA ARG A 176 -4.67 -11.08 -61.60
C ARG A 176 -3.97 -11.74 -62.77
N SER A 177 -4.32 -13.01 -62.97
CA SER A 177 -3.83 -13.88 -64.03
C SER A 177 -4.95 -14.77 -64.53
N SER A 178 -4.63 -15.79 -65.31
CA SER A 178 -5.65 -16.66 -65.92
C SER A 178 -6.48 -17.48 -64.93
N GLU A 179 -5.95 -17.69 -63.74
CA GLU A 179 -6.57 -18.43 -62.65
C GLU A 179 -7.85 -17.77 -62.17
N VAL A 180 -8.02 -16.50 -62.55
CA VAL A 180 -9.11 -15.60 -62.24
C VAL A 180 -10.45 -16.16 -62.61
N VAL A 181 -10.50 -17.11 -63.54
CA VAL A 181 -11.78 -17.70 -63.91
C VAL A 181 -12.38 -18.46 -62.71
N VAL A 182 -11.55 -18.84 -61.75
CA VAL A 182 -12.00 -19.43 -60.50
C VAL A 182 -11.71 -18.43 -59.39
N GLN A 183 -10.51 -17.88 -59.40
CA GLN A 183 -10.09 -17.00 -58.32
C GLN A 183 -10.94 -15.76 -58.17
N SER A 184 -11.53 -15.23 -59.24
CA SER A 184 -12.36 -14.08 -59.05
C SER A 184 -13.62 -14.40 -58.31
N TYR A 185 -14.12 -15.66 -58.34
CA TYR A 185 -15.32 -15.87 -57.58
C TYR A 185 -14.89 -16.22 -56.20
N ASN A 186 -13.70 -16.79 -56.07
CA ASN A 186 -13.33 -17.08 -54.71
C ASN A 186 -13.18 -15.76 -54.02
N THR A 187 -12.63 -14.80 -54.75
CA THR A 187 -12.43 -13.49 -54.22
C THR A 187 -13.76 -12.84 -53.97
N ILE A 188 -14.59 -12.80 -55.01
CA ILE A 188 -15.90 -12.16 -54.94
C ILE A 188 -16.89 -12.73 -53.92
N LEU A 189 -17.01 -14.05 -53.84
CA LEU A 189 -17.97 -14.62 -52.92
C LEU A 189 -17.42 -14.54 -51.50
N ALA A 190 -16.12 -14.77 -51.30
CA ALA A 190 -15.56 -14.62 -49.97
C ALA A 190 -15.58 -13.13 -49.59
N LEU A 191 -15.42 -12.25 -50.59
CA LEU A 191 -15.47 -10.81 -50.38
C LEU A 191 -16.85 -10.43 -49.98
N ARG A 192 -17.89 -11.00 -50.62
CA ARG A 192 -19.22 -10.69 -50.15
C ARG A 192 -19.29 -10.92 -48.66
N ARG A 193 -18.75 -12.06 -48.20
CA ARG A 193 -18.76 -12.34 -46.78
C ARG A 193 -17.98 -11.27 -46.00
N LEU A 194 -16.83 -10.84 -46.52
CA LEU A 194 -16.09 -9.81 -45.79
C LEU A 194 -16.85 -8.50 -45.74
N ILE A 195 -17.46 -8.11 -46.83
CA ILE A 195 -18.14 -6.84 -46.90
C ILE A 195 -19.28 -6.82 -45.93
N GLU A 196 -20.02 -7.91 -45.88
CA GLU A 196 -21.15 -8.00 -44.98
C GLU A 196 -20.78 -8.18 -43.48
N ASP A 197 -19.83 -9.06 -43.17
CA ASP A 197 -19.47 -9.38 -41.78
C ASP A 197 -18.16 -8.89 -41.15
N SER A 198 -17.11 -8.59 -41.92
CA SER A 198 -15.78 -8.32 -41.36
C SER A 198 -15.58 -6.94 -40.78
N ASP A 199 -14.62 -6.85 -39.86
CA ASP A 199 -14.23 -5.59 -39.30
C ASP A 199 -13.19 -5.01 -40.24
N ALA A 200 -12.66 -3.84 -39.89
CA ALA A 200 -11.76 -3.13 -40.76
C ALA A 200 -10.78 -4.09 -41.36
N THR A 201 -10.60 -3.92 -42.64
CA THR A 201 -9.78 -4.78 -43.42
C THR A 201 -8.68 -4.03 -44.10
N VAL A 202 -7.54 -4.64 -44.17
CA VAL A 202 -6.40 -4.08 -44.84
C VAL A 202 -6.05 -4.91 -46.05
N VAL A 203 -5.80 -4.20 -47.15
CA VAL A 203 -5.49 -4.81 -48.42
C VAL A 203 -4.01 -4.93 -48.72
N PHE A 204 -3.60 -6.12 -49.10
CA PHE A 204 -2.23 -6.35 -49.51
C PHE A 204 -2.26 -6.86 -50.94
N ASP A 205 -1.76 -6.06 -51.88
CA ASP A 205 -1.83 -6.45 -53.29
C ASP A 205 -0.53 -7.13 -53.66
N ASN A 206 -0.59 -8.39 -54.05
CA ASN A 206 0.62 -9.11 -54.36
C ASN A 206 1.36 -8.41 -55.49
N ALA A 207 0.66 -7.69 -56.37
CA ALA A 207 1.36 -6.99 -57.43
C ALA A 207 2.30 -5.95 -56.86
N SER A 208 1.89 -5.31 -55.77
CA SER A 208 2.70 -4.26 -55.20
C SER A 208 3.77 -4.85 -54.36
N LEU A 209 3.50 -6.03 -53.77
CA LEU A 209 4.53 -6.62 -52.96
C LEU A 209 5.69 -6.90 -53.86
N LEU A 210 5.38 -7.29 -55.10
CA LEU A 210 6.39 -7.56 -56.11
C LEU A 210 6.95 -6.28 -56.73
N ASN A 211 6.13 -5.24 -56.90
CA ASN A 211 6.68 -4.01 -57.46
C ASN A 211 7.75 -3.47 -56.53
N ILE A 212 7.54 -3.69 -55.24
CA ILE A 212 8.44 -3.29 -54.21
C ILE A 212 9.53 -4.31 -54.00
N SER A 213 9.20 -5.59 -53.91
CA SER A 213 10.23 -6.54 -53.62
C SER A 213 11.24 -6.66 -54.71
N GLY A 214 10.86 -6.29 -55.92
CA GLY A 214 11.80 -6.30 -57.03
C GLY A 214 12.90 -5.26 -56.82
N LYS A 215 12.70 -4.33 -55.86
CA LYS A 215 13.66 -3.30 -55.54
C LYS A 215 14.28 -3.51 -54.16
N VAL A 216 13.53 -4.09 -53.20
CA VAL A 216 14.08 -4.20 -51.86
C VAL A 216 14.41 -5.62 -51.39
N PHE A 217 14.01 -6.66 -52.10
CA PHE A 217 14.33 -8.03 -51.68
C PHE A 217 15.45 -8.57 -52.52
N ARG A 218 16.14 -9.57 -51.99
CA ARG A 218 17.27 -10.10 -52.72
C ARG A 218 16.91 -10.89 -53.96
N ASN A 219 16.66 -10.11 -55.02
CA ASN A 219 16.28 -10.52 -56.34
C ASN A 219 17.30 -11.52 -56.83
N PRO A 220 16.85 -12.67 -57.36
CA PRO A 220 15.52 -13.16 -57.70
C PRO A 220 14.53 -13.50 -56.59
N ASN A 221 14.95 -13.64 -55.33
CA ASN A 221 13.93 -14.07 -54.42
C ASN A 221 13.20 -12.87 -53.89
N ILE A 222 12.17 -12.55 -54.60
CA ILE A 222 11.33 -11.43 -54.29
C ILE A 222 9.95 -11.98 -54.16
N ASP A 223 9.88 -13.30 -53.93
CA ASP A 223 8.68 -14.12 -53.92
C ASP A 223 7.62 -13.70 -52.94
N LEU A 224 6.38 -13.93 -53.30
CA LEU A 224 5.28 -13.52 -52.46
C LEU A 224 5.24 -14.11 -51.06
N GLN A 225 5.86 -15.29 -50.88
CA GLN A 225 5.91 -15.92 -49.57
C GLN A 225 7.15 -15.47 -48.81
N HIS A 226 7.95 -14.65 -49.47
CA HIS A 226 9.20 -14.08 -48.99
C HIS A 226 8.85 -12.63 -48.56
N THR A 227 7.95 -12.03 -49.34
CA THR A 227 7.47 -10.66 -49.16
C THR A 227 6.48 -10.56 -48.06
N ASN A 228 6.28 -11.66 -47.37
CA ASN A 228 5.47 -11.73 -46.19
C ASN A 228 6.11 -10.87 -45.14
N GLN A 229 7.40 -10.57 -45.30
CA GLN A 229 8.04 -9.65 -44.41
C GLN A 229 7.45 -8.26 -44.57
N LEU A 230 6.99 -7.87 -45.77
CA LEU A 230 6.40 -6.55 -45.98
C LEU A 230 5.05 -6.54 -45.29
N ILE A 231 4.37 -7.68 -45.37
CA ILE A 231 3.05 -7.79 -44.76
C ILE A 231 3.23 -7.72 -43.25
N SER A 232 4.22 -8.45 -42.76
CA SER A 232 4.56 -8.49 -41.35
C SER A 232 4.97 -7.12 -40.88
N THR A 233 5.73 -6.38 -41.68
CA THR A 233 6.14 -5.04 -41.30
C THR A 233 4.91 -4.19 -41.03
N ILE A 234 3.91 -4.25 -41.90
CA ILE A 234 2.71 -3.46 -41.64
C ILE A 234 1.98 -3.94 -40.42
N ILE A 235 1.83 -5.24 -40.24
CA ILE A 235 1.05 -5.71 -39.11
C ILE A 235 1.73 -5.33 -37.80
N SER A 236 3.04 -5.55 -37.72
CA SER A 236 3.79 -5.23 -36.53
C SER A 236 3.82 -3.72 -36.34
N SER A 237 3.81 -2.94 -37.42
CA SER A 237 3.81 -1.51 -37.24
C SER A 237 2.48 -1.07 -36.64
N VAL A 238 1.39 -1.66 -37.08
CA VAL A 238 0.08 -1.29 -36.57
C VAL A 238 -0.06 -1.58 -35.10
N THR A 239 0.45 -2.72 -34.65
CA THR A 239 0.32 -3.09 -33.26
C THR A 239 1.46 -2.57 -32.41
N ASN A 240 2.36 -1.80 -32.99
CA ASN A 240 3.50 -1.34 -32.23
C ASN A 240 3.04 -0.49 -31.05
N SER A 241 1.94 0.22 -31.23
CA SER A 241 1.38 1.09 -30.21
C SER A 241 0.73 0.29 -29.09
N ILE A 242 0.56 -0.99 -29.31
CA ILE A 242 -0.02 -1.85 -28.34
C ILE A 242 1.08 -2.56 -27.59
N ARG A 243 2.05 -3.06 -28.36
CA ARG A 243 3.17 -3.86 -27.88
C ARG A 243 4.20 -3.08 -27.06
N PHE A 244 4.51 -1.86 -27.50
CA PHE A 244 5.40 -0.96 -26.80
C PHE A 244 4.62 0.31 -26.70
N PRO A 245 3.57 0.33 -25.90
CA PRO A 245 2.59 1.36 -25.93
C PRO A 245 3.16 2.64 -25.49
N SER A 246 2.60 3.72 -26.01
CA SER A 246 2.98 5.03 -25.58
C SER A 246 1.86 5.50 -24.72
N TYR A 247 1.33 6.64 -25.05
CA TYR A 247 0.27 7.16 -24.22
C TYR A 247 -0.86 7.78 -25.00
N MET A 248 -0.82 7.61 -26.32
CA MET A 248 -1.90 8.14 -27.13
C MET A 248 -2.85 7.02 -27.60
N TYR A 249 -2.43 6.17 -28.52
CA TYR A 249 -3.32 5.12 -29.01
C TYR A 249 -2.94 3.79 -28.43
N SER A 250 -3.78 3.25 -27.57
CA SER A 250 -3.48 2.00 -26.90
C SER A 250 -4.54 0.93 -27.16
N SER A 251 -5.38 1.17 -28.16
CA SER A 251 -6.46 0.25 -28.51
C SER A 251 -6.94 0.27 -29.93
N MET A 252 -7.39 -0.88 -30.40
CA MET A 252 -7.92 -1.01 -31.74
C MET A 252 -9.14 -0.14 -31.91
N SER A 253 -9.94 0.01 -30.87
CA SER A 253 -11.14 0.79 -31.06
C SER A 253 -10.77 2.25 -31.17
N SER A 254 -9.64 2.63 -30.57
CA SER A 254 -9.22 4.00 -30.62
C SER A 254 -8.66 4.26 -31.99
N ILE A 255 -8.01 3.26 -32.54
CA ILE A 255 -7.43 3.40 -33.86
C ILE A 255 -8.50 3.62 -34.90
N TYR A 256 -9.55 2.84 -34.82
CA TYR A 256 -10.55 2.97 -35.85
C TYR A 256 -11.51 4.14 -35.65
N SER A 257 -11.49 4.77 -34.48
CA SER A 257 -12.34 5.93 -34.25
C SER A 257 -12.11 7.05 -35.25
N THR A 258 -10.92 7.15 -35.83
CA THR A 258 -10.69 8.21 -36.79
C THR A 258 -10.50 7.64 -38.18
N LEU A 259 -10.68 6.33 -38.32
CA LEU A 259 -10.49 5.70 -39.61
C LEU A 259 -11.74 5.23 -40.29
N ILE A 260 -12.77 4.91 -39.53
CA ILE A 260 -13.98 4.40 -40.11
C ILE A 260 -15.13 5.42 -40.00
N PRO A 261 -15.51 6.10 -41.11
CA PRO A 261 -16.48 7.19 -41.18
C PRO A 261 -17.96 6.78 -41.18
N SER A 262 -18.24 5.49 -41.30
CA SER A 262 -19.61 5.03 -41.43
C SER A 262 -19.58 3.54 -41.10
N PRO A 263 -20.72 2.85 -40.98
CA PRO A 263 -20.81 1.42 -40.76
C PRO A 263 -20.20 0.58 -41.88
N GLU A 264 -19.96 1.20 -43.03
CA GLU A 264 -19.41 0.51 -44.16
C GLU A 264 -18.05 -0.06 -43.86
N LEU A 265 -17.82 -1.30 -44.30
CA LEU A 265 -16.50 -1.84 -44.11
C LEU A 265 -15.54 -1.15 -45.02
N HIS A 266 -14.46 -0.70 -44.45
CA HIS A 266 -13.49 -0.09 -45.29
C HIS A 266 -12.28 -0.96 -45.36
N PHE A 267 -11.75 -0.96 -46.54
CA PHE A 267 -10.58 -1.67 -46.95
C PHE A 267 -9.53 -0.62 -47.04
N LEU A 268 -8.53 -0.70 -46.20
CA LEU A 268 -7.56 0.37 -46.17
C LEU A 268 -6.29 0.01 -46.87
N SER A 269 -5.65 1.06 -47.40
CA SER A 269 -4.41 0.96 -48.15
C SER A 269 -3.17 1.44 -47.39
N PRO A 270 -2.28 0.53 -46.96
CA PRO A 270 -1.04 0.83 -46.25
C PRO A 270 0.08 1.27 -47.18
N SER A 271 1.04 2.02 -46.62
CA SER A 271 2.31 2.36 -47.25
C SER A 271 3.39 2.39 -46.18
N PHE A 272 4.64 2.19 -46.57
CA PHE A 272 5.71 2.18 -45.57
C PHE A 272 7.07 2.53 -46.13
N THR A 273 7.83 3.34 -45.40
CA THR A 273 9.20 3.61 -45.79
C THR A 273 10.01 4.33 -44.73
N PRO A 274 11.33 4.12 -44.68
CA PRO A 274 12.20 3.05 -45.17
C PRO A 274 12.22 1.91 -44.15
N PHE A 275 12.83 0.76 -44.44
CA PHE A 275 12.92 -0.21 -43.36
C PHE A 275 14.08 -1.18 -43.43
N THR A 276 14.36 -1.79 -42.28
CA THR A 276 15.36 -2.83 -42.13
C THR A 276 14.82 -4.14 -41.66
N SER A 277 15.26 -5.14 -42.38
CA SER A 277 14.92 -6.53 -42.11
C SER A 277 15.95 -7.41 -42.79
N ASP A 278 15.93 -8.70 -42.52
CA ASP A 278 16.92 -9.61 -43.06
C ASP A 278 16.59 -10.35 -44.36
N HIS A 286 17.05 1.17 -42.99
CA HIS A 286 16.07 1.90 -42.18
C HIS A 286 16.49 3.33 -41.94
N LYS A 287 17.66 3.66 -42.44
CA LYS A 287 18.28 4.94 -42.19
C LYS A 287 17.66 6.10 -42.95
N GLY A 288 16.49 6.52 -42.51
CA GLY A 288 15.79 7.64 -43.13
C GLY A 288 16.49 8.91 -42.68
N HIS A 289 16.15 10.05 -43.26
CA HIS A 289 16.86 11.27 -42.86
C HIS A 289 16.09 12.06 -41.83
N SER A 290 14.79 12.06 -41.99
CA SER A 290 13.99 12.91 -41.15
C SER A 290 12.59 12.40 -41.15
N SER A 291 11.80 12.82 -40.16
CA SER A 291 10.40 12.45 -40.15
C SER A 291 9.70 13.32 -41.13
N TYR A 292 10.26 14.51 -41.35
CA TYR A 292 9.73 15.43 -42.31
C TYR A 292 9.61 14.72 -43.63
N ASP A 293 10.70 14.07 -44.01
CA ASP A 293 10.71 13.39 -45.27
C ASP A 293 9.88 12.13 -45.22
N VAL A 294 9.92 11.38 -44.13
CA VAL A 294 9.14 10.16 -44.15
C VAL A 294 7.66 10.47 -44.33
N MET A 295 7.13 11.46 -43.62
CA MET A 295 5.73 11.74 -43.79
C MET A 295 5.39 12.17 -45.20
N LEU A 296 6.24 12.99 -45.79
CA LEU A 296 5.95 13.43 -47.14
C LEU A 296 6.07 12.27 -48.12
N ASP A 297 7.04 11.38 -47.90
CA ASP A 297 7.31 10.24 -48.75
C ASP A 297 6.18 9.23 -48.69
N LEU A 298 5.56 9.11 -47.54
CA LEU A 298 4.44 8.23 -47.40
C LEU A 298 3.23 8.67 -48.25
N LEU A 299 3.07 9.96 -48.56
CA LEU A 299 1.93 10.34 -49.40
C LEU A 299 2.35 10.25 -50.85
N ASP A 300 2.62 9.03 -51.27
CA ASP A 300 3.11 8.74 -52.60
C ASP A 300 2.88 7.25 -52.87
N PRO A 301 2.24 6.88 -53.97
CA PRO A 301 1.89 5.52 -54.32
C PRO A 301 3.11 4.64 -54.44
N SER A 302 4.29 5.22 -54.61
CA SER A 302 5.49 4.41 -54.74
C SER A 302 5.84 3.67 -53.46
N ASN A 303 5.24 4.07 -52.33
CA ASN A 303 5.48 3.39 -51.08
C ASN A 303 4.29 2.52 -50.68
N SER A 304 3.31 2.38 -51.58
CA SER A 304 2.06 1.65 -51.28
C SER A 304 2.07 0.17 -51.55
N LEU A 305 1.34 -0.57 -50.74
CA LEU A 305 1.24 -2.01 -50.96
C LEU A 305 -0.02 -2.36 -51.75
N VAL A 306 -0.73 -1.36 -52.26
CA VAL A 306 -1.89 -1.62 -53.09
C VAL A 306 -1.67 -0.84 -54.37
N SER A 307 -1.73 -1.50 -55.51
CA SER A 307 -1.49 -0.81 -56.77
C SER A 307 -2.70 -0.04 -57.25
N THR A 308 -3.06 1.00 -56.50
CA THR A 308 -4.23 1.82 -56.83
C THR A 308 -3.89 2.65 -58.04
N ALA A 309 -2.63 3.09 -58.11
CA ALA A 309 -2.03 3.85 -59.20
C ALA A 309 -2.84 5.08 -59.62
N MET A 310 -3.39 5.80 -58.66
CA MET A 310 -4.16 6.98 -59.01
C MET A 310 -3.37 8.25 -58.74
N ASN A 311 -3.41 9.18 -59.69
CA ASN A 311 -2.73 10.46 -59.53
C ASN A 311 -3.45 11.45 -58.62
N ASN A 312 -4.73 11.27 -58.44
CA ASN A 312 -5.54 12.17 -57.64
C ASN A 312 -6.76 11.48 -57.00
N PRO A 313 -6.55 10.46 -56.14
CA PRO A 313 -7.56 9.71 -55.44
C PRO A 313 -8.12 10.56 -54.35
N THR A 314 -9.32 10.26 -53.88
CA THR A 314 -9.85 11.02 -52.77
C THR A 314 -9.48 10.28 -51.51
N TYR A 315 -8.93 11.01 -50.56
CA TYR A 315 -8.55 10.44 -49.31
C TYR A 315 -9.47 10.82 -48.22
N PHE A 316 -9.69 9.87 -47.36
CA PHE A 316 -10.47 10.07 -46.20
C PHE A 316 -9.67 9.41 -45.10
N ASN A 317 -9.88 9.79 -43.85
CA ASN A 317 -9.31 8.97 -42.79
C ASN A 317 -7.81 8.68 -42.91
N VAL A 318 -7.01 9.72 -43.06
CA VAL A 318 -5.58 9.52 -43.21
C VAL A 318 -4.86 9.50 -41.87
N TYR A 319 -4.07 8.44 -41.67
CA TYR A 319 -3.31 8.21 -40.46
C TYR A 319 -1.91 7.69 -40.67
N ASN A 320 -0.97 8.17 -39.89
CA ASN A 320 0.35 7.59 -39.99
C ASN A 320 1.05 7.50 -38.65
N THR A 321 2.00 6.58 -38.57
CA THR A 321 2.80 6.42 -37.38
C THR A 321 4.27 6.48 -37.69
N ILE A 322 4.96 7.31 -36.95
CA ILE A 322 6.37 7.45 -37.14
C ILE A 322 7.04 6.90 -35.90
N ILE A 323 8.02 6.05 -36.09
CA ILE A 323 8.70 5.48 -34.96
C ILE A 323 10.18 5.88 -34.94
N GLY A 324 10.64 6.42 -33.82
CA GLY A 324 12.04 6.86 -33.70
C GLY A 324 12.20 8.23 -33.04
N ASN A 325 13.35 8.84 -33.23
CA ASN A 325 13.67 10.12 -32.60
C ASN A 325 13.09 11.26 -33.41
N VAL A 326 11.78 11.35 -33.35
CA VAL A 326 11.04 12.30 -34.12
C VAL A 326 11.02 13.71 -33.57
N GLU A 327 11.36 14.66 -34.42
CA GLU A 327 11.31 16.05 -34.03
C GLU A 327 9.93 16.59 -34.40
N PRO A 328 9.16 17.17 -33.49
CA PRO A 328 7.80 17.66 -33.71
C PRO A 328 7.74 18.80 -34.72
N ARG A 329 8.87 19.46 -34.94
CA ARG A 329 8.92 20.56 -35.86
C ARG A 329 8.87 20.02 -37.27
N GLN A 330 9.47 18.85 -37.46
CA GLN A 330 9.51 18.24 -38.76
C GLN A 330 8.15 17.73 -39.08
N ILE A 331 7.50 17.23 -38.05
CA ILE A 331 6.17 16.70 -38.21
C ILE A 331 5.25 17.83 -38.58
N SER A 332 5.38 18.95 -37.89
CA SER A 332 4.54 20.08 -38.15
C SER A 332 4.74 20.63 -39.55
N ARG A 333 6.00 20.70 -40.00
CA ARG A 333 6.20 21.21 -41.33
C ARG A 333 5.62 20.27 -42.35
N ALA A 334 5.78 18.97 -42.15
CA ALA A 334 5.23 18.06 -43.12
C ALA A 334 3.73 18.19 -43.15
N MET A 335 3.08 18.35 -41.99
CA MET A 335 1.63 18.48 -41.99
C MET A 335 1.23 19.72 -42.71
N THR A 336 2.02 20.75 -42.56
CA THR A 336 1.69 21.99 -43.18
C THR A 336 1.60 21.85 -44.66
N LYS A 337 2.53 21.13 -45.27
CA LYS A 337 2.46 20.99 -46.70
C LYS A 337 1.49 19.89 -47.12
N LEU A 338 1.36 18.84 -46.32
CA LEU A 338 0.46 17.75 -46.66
C LEU A 338 -0.96 18.26 -46.65
N GLN A 339 -1.24 19.18 -45.76
CA GLN A 339 -2.55 19.76 -45.58
C GLN A 339 -3.03 20.44 -46.83
N GLN A 340 -2.09 20.92 -47.63
CA GLN A 340 -2.37 21.68 -48.80
C GLN A 340 -2.46 20.81 -50.06
N ARG A 341 -2.11 19.53 -49.96
CA ARG A 341 -2.03 18.70 -51.16
C ARG A 341 -2.71 17.33 -51.09
N ILE A 342 -3.81 17.26 -50.37
CA ILE A 342 -4.59 16.04 -50.26
C ILE A 342 -5.98 16.31 -50.80
N LYS A 343 -6.49 15.41 -51.61
CA LYS A 343 -7.85 15.52 -52.10
C LYS A 343 -8.78 14.89 -51.09
N PHE A 344 -9.81 15.61 -50.71
CA PHE A 344 -10.79 15.15 -49.74
C PHE A 344 -12.06 15.93 -50.08
N PRO A 345 -13.25 15.50 -49.64
CA PRO A 345 -14.54 16.11 -49.94
C PRO A 345 -14.76 17.45 -49.25
N SER A 346 -15.64 18.30 -49.84
CA SER A 346 -15.92 19.63 -49.29
C SER A 346 -16.64 19.58 -47.97
N TRP A 347 -17.20 18.44 -47.65
CA TRP A 347 -17.91 18.29 -46.42
C TRP A 347 -17.10 17.79 -45.23
N SER A 348 -15.81 17.51 -45.37
CA SER A 348 -15.05 17.06 -44.20
C SER A 348 -13.69 17.70 -44.09
N SER A 349 -13.42 18.36 -42.97
CA SER A 349 -12.14 19.04 -42.77
C SER A 349 -11.10 17.96 -42.83
N SER A 350 -9.94 18.23 -43.41
CA SER A 350 -8.93 17.18 -43.47
C SER A 350 -8.09 17.07 -42.24
N ALA A 351 -8.32 15.99 -41.51
CA ALA A 351 -7.61 15.75 -40.27
C ALA A 351 -6.67 14.58 -40.43
N MET A 352 -5.39 14.85 -40.38
CA MET A 352 -4.42 13.78 -40.50
C MET A 352 -4.04 13.42 -39.10
N HIS A 353 -4.02 12.15 -38.83
CA HIS A 353 -3.66 11.72 -37.50
C HIS A 353 -2.28 11.15 -37.47
N VAL A 354 -1.46 11.71 -36.62
CA VAL A 354 -0.09 11.28 -36.56
C VAL A 354 0.25 10.77 -35.19
N ASN A 355 0.71 9.55 -35.14
CA ASN A 355 1.10 8.95 -33.89
C ASN A 355 2.57 8.69 -33.86
N ILE A 356 3.13 8.77 -32.68
CA ILE A 356 4.54 8.48 -32.53
C ILE A 356 4.68 7.21 -31.71
N GLY A 357 5.42 6.25 -32.25
CA GLY A 357 5.59 4.97 -31.59
C GLY A 357 6.95 4.81 -30.95
N ARG A 358 7.25 3.57 -30.56
CA ARG A 358 8.51 3.24 -29.90
C ARG A 358 9.26 2.11 -30.55
N ARG A 359 10.57 2.12 -30.38
CA ARG A 359 11.38 1.02 -30.86
C ARG A 359 11.49 0.05 -29.72
N SER A 360 11.53 -1.23 -30.02
CA SER A 360 11.68 -2.17 -28.95
C SER A 360 12.95 -1.92 -28.20
N PRO A 361 12.96 -1.99 -26.87
CA PRO A 361 14.11 -1.88 -26.00
C PRO A 361 15.11 -2.97 -26.31
N TYR A 362 14.65 -3.99 -27.01
CA TYR A 362 15.50 -5.10 -27.32
C TYR A 362 15.80 -5.16 -28.78
N LEU A 363 15.43 -4.13 -29.52
CA LEU A 363 15.67 -4.17 -30.94
C LEU A 363 17.17 -4.04 -31.12
N PRO A 364 17.87 -4.97 -31.78
CA PRO A 364 19.30 -4.92 -31.99
C PRO A 364 19.77 -3.66 -32.72
N LEU A 365 18.86 -3.05 -33.46
CA LEU A 365 19.16 -1.86 -34.22
C LEU A 365 19.10 -0.63 -33.35
N GLN A 366 18.26 -0.67 -32.31
CA GLN A 366 17.97 0.49 -31.49
C GLN A 366 19.16 1.30 -31.03
N PRO A 367 20.27 0.72 -30.54
CA PRO A 367 21.40 1.46 -30.02
C PRO A 367 22.00 2.45 -31.04
N ASN A 368 21.77 2.23 -32.33
CA ASN A 368 22.33 3.11 -33.34
C ASN A 368 21.29 3.79 -34.20
N GLU A 369 20.06 3.92 -33.69
CA GLU A 369 18.99 4.56 -34.45
C GLU A 369 18.79 6.03 -34.08
N ASN A 370 19.26 6.91 -34.97
CA ASN A 370 19.14 8.35 -34.79
C ASN A 370 18.33 8.87 -35.97
N GLU A 371 17.70 7.90 -36.62
CA GLU A 371 16.91 7.99 -37.82
C GLU A 371 15.49 7.53 -37.57
N VAL A 372 14.57 7.96 -38.41
CA VAL A 372 13.17 7.56 -38.23
C VAL A 372 12.62 6.87 -39.45
N SER A 373 11.51 6.17 -39.23
CA SER A 373 10.78 5.51 -40.30
C SER A 373 9.32 5.39 -39.95
N GLY A 374 8.47 5.07 -40.92
CA GLY A 374 7.07 4.91 -40.55
C GLY A 374 6.10 4.39 -41.61
N MET A 375 4.85 4.31 -41.15
CA MET A 375 3.71 3.76 -41.87
C MET A 375 2.55 4.71 -42.05
N MET A 376 1.91 4.62 -43.20
CA MET A 376 0.70 5.37 -43.42
C MET A 376 -0.42 4.45 -43.85
N LEU A 377 -1.61 4.71 -43.33
CA LEU A 377 -2.79 3.98 -43.67
C LEU A 377 -3.85 4.95 -44.17
N SER A 378 -4.56 4.61 -45.23
CA SER A 378 -5.63 5.52 -45.62
C SER A 378 -6.84 4.89 -46.28
N ASN A 379 -7.93 5.64 -46.23
CA ASN A 379 -9.17 5.30 -46.87
C ASN A 379 -9.19 5.94 -48.23
N MET A 380 -8.98 5.14 -49.24
CA MET A 380 -8.89 5.68 -50.58
C MET A 380 -10.07 5.30 -51.42
N SER A 381 -10.57 6.25 -52.21
CA SER A 381 -11.69 5.97 -53.10
C SER A 381 -11.31 4.97 -54.20
N THR A 382 -10.01 4.79 -54.38
CA THR A 382 -9.42 3.91 -55.36
C THR A 382 -8.88 2.62 -54.77
N VAL A 383 -9.14 2.35 -53.49
CA VAL A 383 -8.60 1.11 -52.92
C VAL A 383 -9.21 -0.07 -53.63
N VAL A 384 -10.45 0.10 -54.08
CA VAL A 384 -11.22 -0.89 -54.78
C VAL A 384 -10.66 -1.27 -56.13
N ASN A 385 -9.64 -0.57 -56.60
CA ASN A 385 -9.05 -0.93 -57.87
C ASN A 385 -8.46 -2.34 -57.77
N VAL A 386 -8.12 -2.78 -56.55
CA VAL A 386 -7.57 -4.12 -56.31
C VAL A 386 -8.57 -5.22 -56.72
N PHE A 387 -9.84 -4.87 -56.82
CA PHE A 387 -10.88 -5.82 -57.18
C PHE A 387 -11.35 -5.66 -58.62
N GLU A 388 -10.77 -4.73 -59.37
CA GLU A 388 -11.30 -4.42 -60.70
C GLU A 388 -11.17 -5.54 -61.71
N ASN A 389 -10.02 -6.20 -61.74
CA ASN A 389 -9.86 -7.20 -62.76
C ASN A 389 -10.68 -8.43 -62.41
N ALA A 390 -10.80 -8.70 -61.10
CA ALA A 390 -11.57 -9.84 -60.65
C ALA A 390 -13.01 -9.62 -61.01
N CYS A 391 -13.49 -8.38 -60.84
CA CYS A 391 -14.86 -8.05 -61.15
C CYS A 391 -15.18 -8.13 -62.60
N ASN A 392 -14.28 -7.65 -63.46
CA ASN A 392 -14.59 -7.68 -64.86
C ASN A 392 -14.59 -9.12 -65.33
N THR A 393 -13.68 -9.91 -64.76
CA THR A 393 -13.64 -11.30 -65.11
C THR A 393 -14.92 -11.93 -64.67
N PHE A 394 -15.32 -11.63 -63.46
CA PHE A 394 -16.47 -12.24 -62.90
C PHE A 394 -17.69 -11.99 -63.75
N ASP A 395 -17.87 -10.75 -64.19
CA ASP A 395 -19.01 -10.37 -65.00
C ASP A 395 -19.09 -11.17 -66.29
N LYS A 396 -17.94 -11.49 -66.87
CA LYS A 396 -17.91 -12.22 -68.13
C LYS A 396 -17.92 -13.76 -67.96
N VAL A 397 -17.35 -14.24 -66.86
CA VAL A 397 -17.17 -15.66 -66.58
C VAL A 397 -18.29 -16.34 -65.82
N PHE A 398 -18.82 -15.71 -64.79
CA PHE A 398 -19.78 -16.41 -63.96
C PHE A 398 -21.16 -16.03 -64.34
N ALA A 399 -21.26 -15.34 -65.46
CA ALA A 399 -22.55 -15.04 -65.99
C ALA A 399 -23.17 -16.34 -66.45
N LYS A 400 -22.31 -17.21 -67.00
CA LYS A 400 -22.76 -18.48 -67.56
C LYS A 400 -21.71 -19.58 -67.75
N GLY A 401 -20.47 -19.44 -67.25
CA GLY A 401 -19.47 -20.45 -67.56
C GLY A 401 -19.46 -21.65 -66.62
N ALA A 402 -18.52 -22.58 -66.87
CA ALA A 402 -18.34 -23.80 -66.06
C ALA A 402 -17.99 -23.42 -64.66
N PHE A 403 -17.38 -22.29 -64.61
CA PHE A 403 -16.80 -21.64 -63.48
C PHE A 403 -17.85 -21.23 -62.49
N LEU A 404 -19.09 -21.14 -62.94
CA LEU A 404 -20.19 -20.79 -62.09
C LEU A 404 -20.62 -21.96 -61.23
N ASN A 405 -20.82 -23.12 -61.86
CA ASN A 405 -21.38 -24.28 -61.16
C ASN A 405 -20.49 -25.47 -60.80
N ASN A 406 -19.43 -25.73 -61.55
CA ASN A 406 -18.75 -27.01 -61.34
C ASN A 406 -17.67 -27.01 -60.30
N TYR A 407 -17.50 -25.88 -59.68
CA TYR A 407 -16.53 -25.66 -58.66
C TYR A 407 -17.21 -25.47 -57.32
N ASN A 408 -18.51 -25.72 -57.28
CA ASN A 408 -19.26 -25.51 -56.06
C ASN A 408 -19.57 -26.80 -55.32
N VAL A 409 -19.33 -26.79 -54.03
CA VAL A 409 -19.64 -27.90 -53.17
C VAL A 409 -20.37 -27.40 -51.95
N GLY A 410 -21.02 -28.30 -51.22
CA GLY A 410 -21.65 -27.91 -49.98
C GLY A 410 -22.88 -27.11 -50.29
N ASP A 411 -23.24 -26.18 -49.41
CA ASP A 411 -24.46 -25.41 -49.56
C ASP A 411 -24.52 -24.60 -50.85
N LEU A 412 -23.38 -24.16 -51.34
CA LEU A 412 -23.33 -23.38 -52.57
C LEU A 412 -23.89 -24.17 -53.73
N PHE A 413 -23.85 -25.50 -53.65
CA PHE A 413 -24.34 -26.26 -54.77
C PHE A 413 -25.50 -27.15 -54.37
N GLN A 414 -26.35 -26.68 -53.45
CA GLN A 414 -27.55 -27.48 -53.17
C GLN A 414 -28.36 -27.58 -54.46
N SER A 415 -28.33 -26.50 -55.22
CA SER A 415 -28.99 -26.38 -56.49
C SER A 415 -28.25 -25.35 -57.30
N MET A 416 -28.45 -25.33 -58.61
CA MET A 416 -27.83 -24.30 -59.44
C MET A 416 -28.37 -22.94 -59.05
N GLN A 417 -29.59 -22.88 -58.58
CA GLN A 417 -30.14 -21.60 -58.16
C GLN A 417 -29.31 -20.94 -57.08
N ASN A 418 -28.67 -21.73 -56.21
CA ASN A 418 -27.92 -21.16 -55.10
C ASN A 418 -26.52 -20.79 -55.53
N VAL A 419 -26.24 -21.01 -56.79
CA VAL A 419 -25.01 -20.66 -57.41
C VAL A 419 -25.28 -19.43 -58.23
N GLN A 420 -26.32 -19.50 -59.03
CA GLN A 420 -26.61 -18.45 -59.95
C GLN A 420 -26.89 -17.16 -59.20
N ASP A 421 -27.63 -17.26 -58.10
CA ASP A 421 -27.91 -16.08 -57.34
C ASP A 421 -26.81 -15.77 -56.35
N GLU A 422 -26.08 -16.76 -55.83
CA GLU A 422 -25.08 -16.38 -54.85
C GLU A 422 -24.00 -15.59 -55.56
N PHE A 423 -23.66 -16.01 -56.78
CA PHE A 423 -22.65 -15.32 -57.51
C PHE A 423 -23.12 -13.96 -57.96
N ALA A 424 -24.34 -13.87 -58.48
CA ALA A 424 -24.81 -12.57 -58.91
C ALA A 424 -24.91 -11.61 -57.74
N GLU A 425 -25.38 -12.10 -56.60
CA GLU A 425 -25.53 -11.27 -55.43
C GLU A 425 -24.17 -10.85 -54.90
N SER A 426 -23.18 -11.74 -54.95
CA SER A 426 -21.87 -11.39 -54.47
C SER A 426 -21.29 -10.31 -55.32
N ARG A 427 -21.51 -10.39 -56.62
CA ARG A 427 -21.03 -9.34 -57.47
C ARG A 427 -21.67 -8.02 -57.09
N GLU A 428 -23.00 -8.04 -56.83
CA GLU A 428 -23.74 -6.84 -56.46
C GLU A 428 -23.28 -6.23 -55.15
N VAL A 429 -22.92 -7.07 -54.19
CA VAL A 429 -22.42 -6.58 -52.92
C VAL A 429 -21.12 -5.84 -53.18
N VAL A 430 -20.29 -6.40 -54.03
CA VAL A 430 -19.06 -5.77 -54.41
C VAL A 430 -19.36 -4.50 -55.23
N GLN A 431 -20.35 -4.53 -56.11
CA GLN A 431 -20.67 -3.33 -56.87
C GLN A 431 -21.08 -2.22 -55.94
N SER A 432 -21.87 -2.54 -54.90
CA SER A 432 -22.31 -1.53 -53.97
C SER A 432 -21.13 -0.96 -53.22
N LEU A 433 -20.16 -1.81 -52.86
CA LEU A 433 -19.00 -1.32 -52.16
C LEU A 433 -18.33 -0.26 -53.03
N MET A 434 -18.13 -0.59 -54.30
CA MET A 434 -17.48 0.35 -55.21
C MET A 434 -18.27 1.63 -55.36
N GLU A 435 -19.58 1.52 -55.47
CA GLU A 435 -20.42 2.69 -55.64
C GLU A 435 -20.33 3.62 -54.45
N ASP A 436 -20.26 3.08 -53.24
CA ASP A 436 -20.15 3.93 -52.06
C ASP A 436 -18.79 4.59 -51.94
N TYR A 437 -17.71 3.91 -52.34
CA TYR A 437 -16.42 4.59 -52.29
C TYR A 437 -16.46 5.79 -53.20
N VAL A 438 -17.15 5.63 -54.34
CA VAL A 438 -17.33 6.72 -55.28
C VAL A 438 -18.30 7.76 -54.74
N ALA A 439 -19.41 7.35 -54.12
CA ALA A 439 -20.35 8.34 -53.61
C ALA A 439 -19.67 9.27 -52.64
N ALA A 440 -18.75 8.73 -51.86
CA ALA A 440 -18.01 9.48 -50.87
C ALA A 440 -17.08 10.52 -51.50
N GLU A 441 -16.79 10.40 -52.79
CA GLU A 441 -15.92 11.34 -53.47
C GLU A 441 -16.68 12.61 -53.78
N GLN A 442 -18.00 12.53 -53.71
CA GLN A 442 -18.83 13.64 -54.10
C GLN A 442 -19.21 14.52 -52.95
N ASP A 443 -19.39 15.80 -53.25
CA ASP A 443 -19.82 16.74 -52.25
C ASP A 443 -21.24 16.44 -51.81
N SER A 444 -22.02 15.90 -52.75
CA SER A 444 -23.40 15.55 -52.53
C SER A 444 -23.55 14.48 -51.47
N TYR A 445 -22.47 13.76 -51.17
CA TYR A 445 -22.57 12.72 -50.18
C TYR A 445 -23.19 13.32 -48.94
N LEU A 446 -22.68 14.49 -48.49
CA LEU A 446 -23.31 15.11 -47.34
C LEU A 446 -24.12 16.35 -47.68
N ASP A 447 -23.97 16.92 -48.88
CA ASP A 447 -24.79 18.11 -49.14
C ASP A 447 -26.28 17.72 -49.14
N ASP A 448 -26.58 16.46 -49.43
CA ASP A 448 -27.95 15.98 -49.41
C ASP A 448 -28.34 15.39 -48.03
N VAL A 449 -27.47 15.61 -47.04
CA VAL A 449 -27.62 15.18 -45.65
C VAL A 449 -27.71 16.31 -44.66
N LEU A 450 -26.65 17.10 -44.60
CA LEU A 450 -26.49 18.06 -43.52
C LEU A 450 -27.29 19.32 -43.65
N VAL A 451 -27.80 19.60 -44.83
CA VAL A 451 -28.63 20.75 -45.00
C VAL A 451 -30.02 20.28 -45.36
N ASP A 452 -30.30 19.00 -45.09
CA ASP A 452 -31.62 18.45 -45.33
C ASP A 452 -32.36 18.61 -44.00
N ASP A 453 -33.20 19.64 -43.91
CA ASP A 453 -33.86 20.05 -42.69
C ASP A 453 -35.15 20.81 -43.04
N MET B 1 -24.16 -30.12 15.26
CA MET B 1 -23.11 -30.56 16.17
C MET B 1 -22.00 -31.19 15.37
N GLY B 2 -22.36 -32.14 14.51
CA GLY B 2 -21.40 -32.82 13.66
C GLY B 2 -21.06 -34.16 14.29
N GLY B 3 -20.68 -35.10 13.43
CA GLY B 3 -20.35 -36.47 13.81
C GLY B 3 -19.90 -37.19 12.58
N GLU B 4 -19.74 -38.50 12.67
CA GLU B 4 -19.24 -39.28 11.57
C GLU B 4 -20.29 -39.46 10.50
N ILE B 5 -19.84 -39.55 9.25
CA ILE B 5 -20.78 -39.67 8.16
C ILE B 5 -20.55 -40.91 7.31
N ILE B 6 -21.62 -41.68 7.07
CA ILE B 6 -21.44 -42.87 6.24
C ILE B 6 -22.06 -42.73 4.87
N THR B 7 -21.25 -42.99 3.86
CA THR B 7 -21.70 -42.91 2.49
C THR B 7 -22.20 -44.25 2.00
N LEU B 8 -23.39 -44.26 1.41
CA LEU B 8 -23.99 -45.46 0.88
C LEU B 8 -24.23 -45.37 -0.61
N GLN B 9 -23.61 -46.26 -1.36
CA GLN B 9 -23.76 -46.27 -2.81
C GLN B 9 -24.71 -47.37 -3.26
N ALA B 10 -25.91 -47.02 -3.77
CA ALA B 10 -26.90 -48.08 -4.08
C ALA B 10 -26.77 -48.75 -5.46
N GLY B 11 -25.82 -48.34 -6.28
CA GLY B 11 -25.70 -48.92 -7.62
C GLY B 11 -24.49 -48.38 -8.35
N GLN B 12 -24.37 -48.69 -9.64
CA GLN B 12 -23.19 -48.30 -10.41
C GLN B 12 -23.01 -46.83 -10.48
N CYS B 13 -24.09 -46.08 -10.54
CA CYS B 13 -23.91 -44.67 -10.64
C CYS B 13 -23.15 -44.20 -9.44
N GLY B 14 -23.67 -44.52 -8.25
CA GLY B 14 -23.06 -44.14 -7.00
C GLY B 14 -21.68 -44.74 -6.83
N ASN B 15 -21.50 -45.96 -7.31
CA ASN B 15 -20.23 -46.63 -7.15
C ASN B 15 -19.16 -45.97 -8.04
N HIS B 16 -19.57 -45.42 -9.20
CA HIS B 16 -18.66 -44.69 -10.07
C HIS B 16 -18.35 -43.33 -9.45
N VAL B 17 -19.38 -42.68 -8.90
CA VAL B 17 -19.24 -41.38 -8.28
C VAL B 17 -18.26 -41.52 -7.15
N GLY B 18 -18.31 -42.64 -6.47
CA GLY B 18 -17.38 -42.94 -5.41
C GLY B 18 -15.91 -42.83 -5.86
N LYS B 19 -15.57 -43.10 -7.14
CA LYS B 19 -14.17 -42.98 -7.50
C LYS B 19 -13.77 -41.54 -7.41
N PHE B 20 -14.68 -40.71 -7.84
CA PHE B 20 -14.45 -39.29 -7.89
C PHE B 20 -14.44 -38.75 -6.47
N LEU B 21 -15.36 -39.22 -5.64
CA LEU B 21 -15.40 -38.76 -4.26
C LEU B 21 -14.27 -39.18 -3.41
N TRP B 22 -13.88 -40.42 -3.51
CA TRP B 22 -12.84 -40.84 -2.64
C TRP B 22 -11.51 -40.35 -3.14
N SER B 23 -11.36 -40.15 -4.46
CA SER B 23 -10.11 -39.61 -4.92
C SER B 23 -9.98 -38.18 -4.47
N GLN B 24 -11.03 -37.37 -4.69
CA GLN B 24 -10.97 -35.97 -4.36
C GLN B 24 -10.84 -35.78 -2.86
N LEU B 25 -11.51 -36.61 -2.10
CA LEU B 25 -11.44 -36.47 -0.68
C LEU B 25 -10.05 -36.84 -0.19
N ALA B 26 -9.51 -37.94 -0.68
CA ALA B 26 -8.21 -38.35 -0.26
C ALA B 26 -7.19 -37.32 -0.69
N LYS B 27 -7.43 -36.70 -1.84
CA LYS B 27 -6.53 -35.70 -2.36
C LYS B 27 -6.45 -34.55 -1.38
N GLU B 28 -7.61 -34.08 -0.92
CA GLU B 28 -7.66 -32.95 -0.02
C GLU B 28 -7.09 -33.27 1.35
N HIS B 29 -7.15 -34.51 1.78
CA HIS B 29 -6.64 -34.86 3.08
C HIS B 29 -5.27 -35.49 3.05
N ALA B 30 -4.59 -35.43 1.91
CA ALA B 30 -3.27 -36.03 1.83
C ALA B 30 -3.31 -37.50 2.21
N ILE B 31 -4.25 -38.23 1.66
CA ILE B 31 -4.42 -39.66 1.81
C ILE B 31 -4.19 -40.22 0.41
N GLY B 32 -3.42 -41.26 0.28
CA GLY B 32 -3.12 -41.79 -1.03
C GLY B 32 -4.19 -42.74 -1.51
N THR B 33 -3.98 -43.34 -2.66
CA THR B 33 -4.94 -44.25 -3.26
C THR B 33 -4.87 -45.60 -2.60
N ASP B 34 -3.87 -45.77 -1.77
CA ASP B 34 -3.62 -46.95 -0.99
C ASP B 34 -4.16 -46.79 0.42
N GLY B 35 -4.83 -45.67 0.68
CA GLY B 35 -5.42 -45.41 1.97
C GLY B 35 -4.42 -44.88 2.96
N LEU B 36 -3.20 -44.61 2.56
CA LEU B 36 -2.22 -44.19 3.54
C LEU B 36 -1.99 -42.70 3.56
N SER B 37 -1.57 -42.18 4.70
CA SER B 37 -1.22 -40.77 4.69
C SER B 37 -0.13 -40.52 3.66
N GLN B 38 -0.27 -39.42 2.94
CA GLN B 38 0.71 -38.99 1.96
C GLN B 38 1.75 -38.08 2.59
N LEU B 39 1.55 -37.73 3.85
CA LEU B 39 2.47 -36.80 4.44
C LEU B 39 3.59 -37.58 5.05
N PRO B 40 4.81 -37.08 5.05
CA PRO B 40 5.92 -37.70 5.71
C PRO B 40 5.70 -37.54 7.18
N ASP B 41 6.13 -38.51 7.97
CA ASP B 41 6.00 -38.39 9.40
C ASP B 41 7.20 -37.67 9.98
N SER B 42 7.35 -36.44 9.53
CA SER B 42 8.38 -35.50 9.93
C SER B 42 7.61 -34.32 10.39
N SER B 43 6.35 -34.34 9.99
CA SER B 43 5.39 -33.31 10.29
C SER B 43 4.13 -34.01 10.70
N THR B 44 3.74 -33.81 11.93
CA THR B 44 2.60 -34.51 12.45
C THR B 44 1.42 -33.61 12.70
N GLU B 45 1.64 -32.31 12.73
CA GLU B 45 0.53 -31.44 12.97
C GLU B 45 -0.39 -31.42 11.77
N ARG B 46 -1.66 -31.51 12.05
CA ARG B 46 -2.70 -31.44 11.04
C ARG B 46 -3.78 -30.59 11.64
N ASP B 47 -4.54 -29.89 10.85
CA ASP B 47 -5.63 -29.10 11.36
C ASP B 47 -6.98 -29.46 10.77
N ASP B 48 -7.03 -30.58 10.09
CA ASP B 48 -8.23 -31.11 9.48
C ASP B 48 -8.79 -32.17 10.37
N ASP B 49 -9.86 -32.80 9.92
CA ASP B 49 -10.35 -33.93 10.69
C ASP B 49 -10.89 -34.97 9.74
N THR B 50 -10.17 -36.07 9.61
CA THR B 50 -10.54 -37.12 8.68
C THR B 50 -11.50 -38.10 9.32
N LYS B 51 -11.65 -38.06 10.64
CA LYS B 51 -12.47 -38.99 11.38
C LYS B 51 -13.86 -39.24 10.82
N PRO B 52 -14.65 -38.22 10.44
CA PRO B 52 -15.96 -38.42 9.90
C PRO B 52 -15.98 -39.14 8.58
N PHE B 53 -14.86 -39.21 7.88
CA PHE B 53 -14.87 -39.89 6.61
C PHE B 53 -13.98 -41.12 6.59
N PHE B 54 -12.99 -41.19 7.47
CA PHE B 54 -12.12 -42.35 7.49
C PHE B 54 -11.76 -42.85 8.87
N ARG B 55 -11.68 -44.15 9.03
CA ARG B 55 -11.12 -44.69 10.27
C ARG B 55 -9.61 -44.59 10.14
N GLU B 56 -8.91 -43.98 11.09
CA GLU B 56 -7.46 -43.93 10.95
C GLU B 56 -6.80 -44.94 11.88
N ASN B 57 -6.17 -45.94 11.31
CA ASN B 57 -5.59 -47.01 12.10
C ASN B 57 -4.13 -46.72 12.51
N SER B 58 -3.42 -47.73 13.05
CA SER B 58 -2.10 -47.48 13.62
C SER B 58 -1.01 -47.44 12.57
N ARG B 59 -1.41 -47.68 11.33
CA ARG B 59 -0.50 -47.66 10.22
C ARG B 59 -0.82 -46.44 9.40
N ASN B 60 -1.61 -45.56 9.99
CA ASN B 60 -2.05 -44.35 9.37
C ASN B 60 -2.72 -44.66 8.07
N LYS B 61 -3.53 -45.71 8.09
CA LYS B 61 -4.32 -46.07 6.97
C LYS B 61 -5.68 -45.55 7.29
N PHE B 62 -6.31 -44.98 6.29
CA PHE B 62 -7.59 -44.37 6.39
C PHE B 62 -8.62 -45.19 5.70
N THR B 63 -9.55 -45.75 6.47
CA THR B 63 -10.55 -46.63 5.89
C THR B 63 -11.87 -45.86 5.72
N PRO B 64 -12.36 -45.64 4.51
CA PRO B 64 -13.55 -44.90 4.19
C PRO B 64 -14.79 -45.33 4.91
N ARG B 65 -15.54 -44.37 5.41
CA ARG B 65 -16.80 -44.65 6.08
C ARG B 65 -17.86 -44.80 5.01
N ALA B 66 -17.81 -45.92 4.30
CA ALA B 66 -18.73 -46.13 3.20
C ALA B 66 -19.03 -47.59 2.97
N ILE B 67 -20.25 -47.86 2.51
CA ILE B 67 -20.66 -49.22 2.15
C ILE B 67 -21.20 -49.16 0.74
N MET B 68 -20.67 -50.02 -0.10
CA MET B 68 -21.06 -50.01 -1.49
C MET B 68 -21.92 -51.20 -1.83
N MET B 69 -23.05 -50.94 -2.47
CA MET B 69 -23.96 -51.98 -2.86
C MET B 69 -24.17 -52.01 -4.36
N ASP B 70 -24.29 -53.19 -4.92
CA ASP B 70 -24.59 -53.30 -6.33
C ASP B 70 -25.17 -54.67 -6.65
N SER B 71 -25.47 -54.91 -7.91
CA SER B 71 -25.93 -56.19 -8.40
C SER B 71 -24.81 -56.64 -9.30
N GLU B 72 -23.98 -55.67 -9.64
CA GLU B 72 -22.83 -55.87 -10.51
C GLU B 72 -21.52 -55.68 -9.75
N PRO B 73 -20.81 -56.75 -9.34
CA PRO B 73 -19.60 -56.70 -8.54
C PRO B 73 -18.48 -55.91 -9.17
N SER B 74 -18.48 -55.79 -10.50
CA SER B 74 -17.43 -55.12 -11.22
C SER B 74 -17.28 -53.64 -10.93
N VAL B 75 -18.35 -52.94 -10.63
CA VAL B 75 -18.16 -51.51 -10.41
C VAL B 75 -17.50 -51.28 -9.08
N ILE B 76 -17.84 -52.10 -8.11
CA ILE B 76 -17.28 -51.93 -6.81
C ILE B 76 -15.85 -52.42 -6.89
N ALA B 77 -15.64 -53.55 -7.56
CA ALA B 77 -14.30 -54.08 -7.71
C ALA B 77 -13.40 -53.10 -8.42
N ASP B 78 -13.94 -52.37 -9.42
CA ASP B 78 -13.15 -51.38 -10.12
C ASP B 78 -12.67 -50.36 -9.13
N VAL B 79 -13.55 -49.95 -8.22
CA VAL B 79 -13.15 -49.00 -7.21
C VAL B 79 -12.14 -49.64 -6.27
N GLU B 80 -12.35 -50.88 -5.86
CA GLU B 80 -11.44 -51.54 -4.95
C GLU B 80 -10.06 -51.67 -5.56
N ASN B 81 -9.99 -51.90 -6.86
CA ASN B 81 -8.73 -52.08 -7.54
C ASN B 81 -8.04 -50.75 -7.79
N THR B 82 -8.84 -49.76 -8.17
CA THR B 82 -8.34 -48.42 -8.48
C THR B 82 -7.66 -47.88 -7.27
N PHE B 83 -8.27 -48.15 -6.15
CA PHE B 83 -7.83 -47.72 -4.87
C PHE B 83 -7.41 -48.91 -4.02
N ARG B 84 -6.72 -49.89 -4.60
CA ARG B 84 -6.38 -51.02 -3.76
C ARG B 84 -5.55 -50.60 -2.58
N GLY B 85 -6.01 -51.06 -1.41
CA GLY B 85 -5.43 -50.78 -0.12
C GLY B 85 -6.21 -49.69 0.63
N PHE B 86 -7.06 -48.97 -0.09
CA PHE B 86 -7.87 -47.88 0.44
C PHE B 86 -9.16 -48.37 1.08
N PHE B 87 -9.85 -49.27 0.39
CA PHE B 87 -11.15 -49.72 0.84
C PHE B 87 -11.12 -51.04 1.57
N ASP B 88 -12.01 -51.18 2.54
CA ASP B 88 -12.25 -52.40 3.29
C ASP B 88 -13.24 -53.26 2.52
N PRO B 89 -12.86 -54.43 1.94
CA PRO B 89 -13.67 -55.30 1.11
C PRO B 89 -14.93 -55.81 1.79
N ARG B 90 -14.99 -55.73 3.12
CA ARG B 90 -16.18 -56.24 3.79
C ARG B 90 -17.34 -55.29 3.63
N ASN B 91 -17.06 -54.11 3.13
CA ASN B 91 -18.08 -53.12 2.93
C ASN B 91 -18.62 -53.19 1.51
N THR B 92 -18.28 -54.27 0.80
CA THR B 92 -18.81 -54.52 -0.52
C THR B 92 -19.95 -55.52 -0.45
N TRP B 93 -21.10 -55.14 -1.00
CA TRP B 93 -22.25 -56.01 -1.03
C TRP B 93 -22.78 -56.15 -2.43
N VAL B 94 -23.13 -57.36 -2.81
CA VAL B 94 -23.70 -57.54 -4.12
C VAL B 94 -24.94 -58.42 -4.03
N ALA B 95 -25.97 -58.03 -4.78
CA ALA B 95 -27.23 -58.75 -4.88
C ALA B 95 -27.04 -60.07 -5.58
N SER B 96 -27.95 -61.01 -5.35
CA SER B 96 -27.84 -62.27 -6.03
C SER B 96 -27.80 -62.00 -7.51
N ASP B 97 -26.94 -62.72 -8.21
CA ASP B 97 -26.76 -62.52 -9.63
C ASP B 97 -28.08 -62.59 -10.36
N GLY B 98 -28.28 -61.61 -11.24
CA GLY B 98 -29.48 -61.50 -12.04
C GLY B 98 -29.43 -60.18 -12.78
N ALA B 99 -30.47 -59.87 -13.53
CA ALA B 99 -30.48 -58.62 -14.27
C ALA B 99 -31.88 -58.13 -14.45
N SER B 100 -32.00 -56.82 -14.59
CA SER B 100 -33.26 -56.14 -14.82
C SER B 100 -32.98 -54.81 -15.50
N ALA B 101 -34.00 -54.20 -16.12
CA ALA B 101 -33.83 -52.89 -16.75
C ALA B 101 -35.17 -52.19 -16.87
N GLY B 102 -35.27 -50.94 -16.43
CA GLY B 102 -36.53 -50.18 -16.49
C GLY B 102 -37.38 -50.59 -15.28
N ASN B 103 -37.64 -51.88 -15.23
CA ASN B 103 -38.33 -52.57 -14.17
C ASN B 103 -37.36 -52.92 -13.09
N SER B 104 -36.16 -52.45 -13.30
CA SER B 104 -35.07 -52.55 -12.42
C SER B 104 -35.37 -51.80 -11.13
N TRP B 105 -36.27 -50.80 -11.15
CA TRP B 105 -36.58 -50.22 -9.85
C TRP B 105 -37.20 -51.30 -8.97
N ALA B 106 -38.13 -52.08 -9.55
CA ALA B 106 -38.83 -53.09 -8.78
C ALA B 106 -37.87 -54.14 -8.33
N ASN B 107 -36.93 -54.44 -9.20
CA ASN B 107 -35.94 -55.42 -8.89
C ASN B 107 -35.04 -54.95 -7.78
N GLY B 108 -34.69 -53.67 -7.82
CA GLY B 108 -33.85 -53.04 -6.81
C GLY B 108 -34.53 -53.09 -5.47
N TYR B 109 -35.80 -52.75 -5.50
CA TYR B 109 -36.62 -52.70 -4.32
C TYR B 109 -36.66 -54.09 -3.72
N ASP B 110 -36.79 -55.12 -4.58
CA ASP B 110 -36.78 -56.49 -4.10
C ASP B 110 -35.43 -56.88 -3.55
N ILE B 111 -34.33 -56.57 -4.22
CA ILE B 111 -33.06 -57.04 -3.64
C ILE B 111 -32.84 -56.35 -2.32
N GLY B 112 -33.30 -55.11 -2.19
CA GLY B 112 -33.19 -54.42 -0.92
C GLY B 112 -34.01 -55.14 0.12
N THR B 113 -35.26 -55.45 -0.20
CA THR B 113 -36.16 -56.09 0.72
C THR B 113 -35.64 -57.44 1.17
N ARG B 114 -35.23 -58.25 0.19
CA ARG B 114 -34.79 -59.60 0.44
C ARG B 114 -33.54 -59.64 1.27
N ASN B 115 -32.67 -58.68 1.04
CA ASN B 115 -31.41 -58.61 1.74
C ASN B 115 -31.32 -57.48 2.73
N GLN B 116 -32.43 -56.93 3.25
CA GLN B 116 -32.24 -55.82 4.19
C GLN B 116 -31.40 -56.27 5.34
N ASP B 117 -31.54 -57.50 5.75
CA ASP B 117 -30.79 -57.99 6.87
C ASP B 117 -29.30 -57.97 6.62
N ASP B 118 -28.87 -58.22 5.39
CA ASP B 118 -27.45 -58.31 5.14
C ASP B 118 -26.85 -56.94 4.96
N ILE B 119 -27.62 -56.05 4.36
CA ILE B 119 -27.12 -54.72 4.14
C ILE B 119 -27.12 -53.98 5.45
N LEU B 120 -28.20 -54.11 6.21
CA LEU B 120 -28.28 -53.45 7.48
C LEU B 120 -27.24 -54.03 8.42
N ASN B 121 -26.95 -55.33 8.36
CA ASN B 121 -25.92 -55.79 9.25
C ASN B 121 -24.59 -55.10 8.92
N LYS B 122 -24.28 -54.89 7.63
CA LYS B 122 -23.03 -54.19 7.32
C LYS B 122 -23.06 -52.75 7.83
N ILE B 123 -24.21 -52.10 7.69
CA ILE B 123 -24.33 -50.72 8.13
C ILE B 123 -24.19 -50.63 9.62
N ASP B 124 -24.82 -51.52 10.36
CA ASP B 124 -24.72 -51.45 11.79
C ASP B 124 -23.29 -51.75 12.19
N LYS B 125 -22.63 -52.69 11.53
CA LYS B 125 -21.25 -52.98 11.93
C LYS B 125 -20.36 -51.76 11.85
N GLU B 126 -20.53 -50.94 10.81
CA GLU B 126 -19.70 -49.73 10.74
C GLU B 126 -20.13 -48.72 11.79
N ILE B 127 -21.42 -48.53 11.99
CA ILE B 127 -21.87 -47.53 12.95
C ILE B 127 -21.46 -47.89 14.35
N ASP B 128 -21.59 -49.17 14.69
CA ASP B 128 -21.30 -49.73 16.01
C ASP B 128 -19.84 -49.51 16.40
N SER B 129 -18.97 -49.21 15.45
CA SER B 129 -17.58 -48.99 15.69
C SER B 129 -17.36 -47.71 16.52
N THR B 130 -18.17 -46.67 16.28
CA THR B 130 -17.96 -45.38 16.90
C THR B 130 -19.20 -44.84 17.63
N ASP B 131 -19.00 -43.81 18.46
CA ASP B 131 -20.10 -43.22 19.18
C ASP B 131 -20.81 -42.07 18.46
N ASN B 132 -20.05 -41.06 18.07
CA ASN B 132 -20.64 -39.87 17.53
C ASN B 132 -20.90 -39.91 16.05
N PHE B 133 -21.89 -40.68 15.68
CA PHE B 133 -22.32 -40.81 14.30
C PHE B 133 -23.43 -39.80 14.02
N GLU B 134 -23.34 -39.09 12.90
CA GLU B 134 -24.36 -38.11 12.53
C GLU B 134 -24.73 -38.15 11.06
N GLY B 135 -25.52 -39.11 10.66
CA GLY B 135 -26.00 -39.11 9.30
C GLY B 135 -25.25 -39.88 8.24
N PHE B 136 -25.93 -39.96 7.12
CA PHE B 136 -25.50 -40.68 5.95
C PHE B 136 -25.55 -39.84 4.67
N GLN B 137 -24.69 -40.20 3.72
CA GLN B 137 -24.66 -39.62 2.38
C GLN B 137 -25.12 -40.69 1.43
N LEU B 138 -26.27 -40.53 0.83
CA LEU B 138 -26.79 -41.59 0.00
C LEU B 138 -26.64 -41.26 -1.46
N LEU B 139 -26.04 -42.15 -2.23
CA LEU B 139 -25.98 -41.88 -3.64
C LEU B 139 -27.05 -42.76 -4.24
N HIS B 140 -28.13 -42.08 -4.59
CA HIS B 140 -29.36 -42.72 -5.03
C HIS B 140 -29.45 -42.68 -6.52
N SER B 141 -29.15 -41.51 -7.08
CA SER B 141 -29.17 -41.35 -8.51
C SER B 141 -30.46 -41.86 -9.13
N VAL B 142 -31.59 -41.14 -8.88
CA VAL B 142 -32.94 -41.60 -9.21
C VAL B 142 -33.11 -42.18 -10.59
N ALA B 143 -32.37 -41.70 -11.57
CA ALA B 143 -32.50 -42.22 -12.90
C ALA B 143 -32.26 -43.75 -12.96
N GLY B 144 -31.38 -44.29 -12.12
CA GLY B 144 -31.11 -45.71 -12.18
C GLY B 144 -32.24 -46.54 -11.58
N GLY B 145 -32.47 -47.71 -12.14
CA GLY B 145 -33.49 -48.57 -11.58
C GLY B 145 -33.05 -49.32 -10.34
N THR B 146 -32.13 -50.30 -10.44
CA THR B 146 -31.83 -51.01 -9.20
C THR B 146 -31.20 -50.07 -8.21
N GLY B 147 -30.45 -49.08 -8.68
CA GLY B 147 -29.90 -48.10 -7.78
C GLY B 147 -31.01 -47.44 -6.96
N SER B 148 -32.05 -46.91 -7.64
CA SER B 148 -33.14 -46.24 -6.97
C SER B 148 -34.02 -47.18 -6.16
N GLY B 149 -34.24 -48.38 -6.65
CA GLY B 149 -35.07 -49.38 -5.99
C GLY B 149 -34.43 -49.81 -4.69
N LEU B 150 -33.14 -50.13 -4.76
CA LEU B 150 -32.42 -50.54 -3.59
C LEU B 150 -32.36 -49.39 -2.65
N GLY B 151 -32.05 -48.21 -3.18
CA GLY B 151 -31.99 -47.04 -2.36
C GLY B 151 -33.34 -46.77 -1.71
N SER B 152 -34.44 -47.00 -2.41
CA SER B 152 -35.74 -46.73 -1.86
C SER B 152 -36.04 -47.68 -0.71
N ASN B 153 -35.69 -48.94 -0.87
CA ASN B 153 -35.99 -49.87 0.20
C ASN B 153 -35.05 -49.64 1.40
N LEU B 154 -33.79 -49.33 1.12
CA LEU B 154 -32.86 -49.09 2.20
C LEU B 154 -33.20 -47.82 2.91
N LEU B 155 -33.67 -46.82 2.18
CA LEU B 155 -34.03 -45.58 2.78
C LEU B 155 -35.14 -45.80 3.78
N GLU B 156 -36.13 -46.58 3.40
CA GLU B 156 -37.21 -46.80 4.34
C GLU B 156 -36.67 -47.49 5.59
N ALA B 157 -35.81 -48.49 5.41
CA ALA B 157 -35.30 -49.21 6.55
C ALA B 157 -34.47 -48.34 7.47
N LEU B 158 -33.64 -47.50 6.88
CA LEU B 158 -32.76 -46.67 7.65
C LEU B 158 -33.42 -45.51 8.31
N CYS B 159 -34.40 -44.88 7.66
CA CYS B 159 -34.94 -43.72 8.32
C CYS B 159 -35.70 -44.09 9.59
N ASP B 160 -36.27 -45.29 9.64
CA ASP B 160 -36.93 -45.67 10.87
C ASP B 160 -36.00 -46.40 11.84
N ARG B 161 -35.01 -47.14 11.31
CA ARG B 161 -34.07 -47.86 12.17
C ARG B 161 -33.08 -46.90 12.84
N TYR B 162 -32.77 -45.78 12.18
CA TYR B 162 -31.87 -44.75 12.66
C TYR B 162 -32.55 -43.37 12.58
N PRO B 163 -33.59 -43.10 13.38
CA PRO B 163 -34.42 -41.90 13.30
C PRO B 163 -33.67 -40.63 13.67
N LYS B 164 -32.54 -40.78 14.34
CA LYS B 164 -31.75 -39.65 14.80
C LYS B 164 -30.63 -39.28 13.85
N LYS B 165 -30.47 -40.04 12.78
CA LYS B 165 -29.35 -39.80 11.90
C LYS B 165 -29.85 -39.18 10.62
N ILE B 166 -29.26 -38.07 10.23
CA ILE B 166 -29.71 -37.35 9.06
C ILE B 166 -29.39 -38.07 7.76
N LEU B 167 -30.39 -38.25 6.94
CA LEU B 167 -30.18 -38.87 5.66
C LEU B 167 -30.21 -37.86 4.53
N THR B 168 -29.04 -37.64 3.90
CA THR B 168 -28.93 -36.72 2.79
C THR B 168 -28.73 -37.50 1.52
N THR B 169 -29.58 -37.26 0.54
CA THR B 169 -29.50 -38.00 -0.70
C THR B 169 -29.09 -37.19 -1.90
N TYR B 170 -28.20 -37.75 -2.67
CA TYR B 170 -27.76 -37.14 -3.91
C TYR B 170 -28.42 -37.89 -5.05
N SER B 171 -29.20 -37.16 -5.84
CA SER B 171 -29.92 -37.83 -6.89
C SER B 171 -29.99 -37.05 -8.20
N VAL B 172 -29.59 -37.71 -9.27
CA VAL B 172 -29.59 -37.12 -10.58
C VAL B 172 -30.67 -37.73 -11.46
N PHE B 173 -31.39 -36.84 -12.12
CA PHE B 173 -32.47 -37.18 -13.01
C PHE B 173 -31.96 -37.52 -14.40
N PRO B 174 -32.68 -38.36 -15.16
CA PRO B 174 -32.34 -38.81 -16.50
C PRO B 174 -32.08 -37.69 -17.49
N ALA B 175 -31.12 -37.91 -18.38
CA ALA B 175 -30.78 -36.97 -19.45
C ALA B 175 -31.59 -37.23 -20.71
N ARG B 176 -32.47 -38.23 -20.66
CA ARG B 176 -33.21 -38.63 -21.84
C ARG B 176 -34.71 -38.62 -21.63
N SER B 177 -35.39 -37.95 -22.55
CA SER B 177 -36.84 -37.80 -22.58
C SER B 177 -37.56 -39.01 -23.13
N SER B 178 -36.83 -39.97 -23.68
CA SER B 178 -37.44 -41.18 -24.24
C SER B 178 -37.29 -42.39 -23.33
N GLU B 179 -36.31 -42.39 -22.43
CA GLU B 179 -36.05 -43.56 -21.58
C GLU B 179 -36.93 -43.51 -20.36
N VAL B 180 -37.60 -42.37 -20.26
CA VAL B 180 -38.53 -41.94 -19.25
C VAL B 180 -39.75 -42.84 -19.28
N VAL B 181 -39.93 -43.57 -20.38
CA VAL B 181 -41.05 -44.48 -20.44
C VAL B 181 -40.91 -45.51 -19.32
N VAL B 182 -39.67 -45.83 -18.93
CA VAL B 182 -39.47 -46.70 -17.79
C VAL B 182 -38.81 -45.91 -16.64
N GLN B 183 -38.03 -44.88 -16.95
CA GLN B 183 -37.42 -44.16 -15.85
C GLN B 183 -38.45 -43.35 -15.05
N SER B 184 -39.62 -43.06 -15.63
CA SER B 184 -40.69 -42.41 -14.89
C SER B 184 -41.26 -43.37 -13.85
N TYR B 185 -41.14 -44.70 -14.08
CA TYR B 185 -41.56 -45.70 -13.12
C TYR B 185 -40.64 -45.60 -11.94
N ASN B 186 -39.35 -45.61 -12.27
CA ASN B 186 -38.35 -45.60 -11.25
C ASN B 186 -38.50 -44.32 -10.46
N THR B 187 -38.73 -43.22 -11.17
CA THR B 187 -38.85 -41.93 -10.55
C THR B 187 -40.06 -41.81 -9.70
N ILE B 188 -41.24 -42.23 -10.14
CA ILE B 188 -42.36 -41.97 -9.26
C ILE B 188 -42.26 -42.76 -7.98
N LEU B 189 -41.76 -43.99 -8.07
CA LEU B 189 -41.75 -44.77 -6.88
C LEU B 189 -40.59 -44.38 -5.98
N ALA B 190 -39.44 -44.09 -6.59
CA ALA B 190 -38.29 -43.67 -5.84
C ALA B 190 -38.50 -42.32 -5.20
N LEU B 191 -39.18 -41.41 -5.93
CA LEU B 191 -39.39 -40.08 -5.42
C LEU B 191 -40.33 -40.20 -4.25
N ARG B 192 -41.37 -41.04 -4.34
CA ARG B 192 -42.21 -41.22 -3.16
C ARG B 192 -41.39 -41.49 -1.93
N ARG B 193 -40.48 -42.46 -2.02
CA ARG B 193 -39.71 -42.81 -0.85
C ARG B 193 -38.81 -41.66 -0.42
N LEU B 194 -38.22 -40.93 -1.36
CA LEU B 194 -37.36 -39.83 -0.96
C LEU B 194 -38.15 -38.76 -0.23
N ILE B 195 -39.35 -38.46 -0.71
CA ILE B 195 -40.17 -37.44 -0.10
C ILE B 195 -40.59 -37.82 1.29
N GLU B 196 -41.02 -39.06 1.47
CA GLU B 196 -41.46 -39.49 2.78
C GLU B 196 -40.35 -39.67 3.80
N ASP B 197 -39.21 -40.23 3.39
CA ASP B 197 -38.16 -40.55 4.32
C ASP B 197 -36.88 -39.69 4.45
N SER B 198 -36.40 -39.06 3.37
CA SER B 198 -35.12 -38.34 3.40
C SER B 198 -35.21 -37.06 4.22
N ASP B 199 -34.09 -36.65 4.80
CA ASP B 199 -34.07 -35.42 5.56
C ASP B 199 -33.61 -34.28 4.68
N ALA B 200 -32.77 -34.62 3.73
CA ALA B 200 -32.23 -33.64 2.82
C ALA B 200 -31.87 -34.29 1.51
N THR B 201 -31.92 -33.52 0.45
CA THR B 201 -31.46 -34.06 -0.80
C THR B 201 -31.01 -32.97 -1.74
N VAL B 202 -30.14 -33.35 -2.63
CA VAL B 202 -29.67 -32.47 -3.66
C VAL B 202 -30.08 -33.05 -4.97
N VAL B 203 -30.73 -32.24 -5.78
CA VAL B 203 -31.21 -32.75 -7.03
C VAL B 203 -30.33 -32.25 -8.15
N PHE B 204 -30.00 -33.16 -9.05
CA PHE B 204 -29.16 -32.89 -10.20
C PHE B 204 -29.84 -33.31 -11.49
N ASP B 205 -29.41 -32.74 -12.59
CA ASP B 205 -29.91 -33.08 -13.91
C ASP B 205 -28.80 -33.61 -14.79
N ASN B 206 -28.84 -34.87 -15.21
CA ASN B 206 -27.71 -35.29 -16.02
C ASN B 206 -27.56 -34.44 -17.26
N ALA B 207 -28.63 -33.87 -17.83
CA ALA B 207 -28.38 -33.09 -19.03
C ALA B 207 -27.52 -31.86 -18.72
N SER B 208 -27.79 -31.22 -17.60
CA SER B 208 -27.04 -30.03 -17.25
C SER B 208 -25.67 -30.37 -16.78
N LEU B 209 -25.55 -31.49 -16.06
CA LEU B 209 -24.25 -31.83 -15.53
C LEU B 209 -23.31 -32.15 -16.68
N LEU B 210 -23.82 -32.85 -17.68
CA LEU B 210 -23.03 -33.22 -18.83
C LEU B 210 -22.66 -31.99 -19.64
N ASN B 211 -23.61 -31.06 -19.80
CA ASN B 211 -23.33 -29.88 -20.58
C ASN B 211 -22.29 -29.02 -19.90
N ILE B 212 -22.42 -28.86 -18.60
CA ILE B 212 -21.47 -28.03 -17.89
C ILE B 212 -20.12 -28.66 -17.86
N SER B 213 -20.03 -29.97 -17.63
CA SER B 213 -18.74 -30.58 -17.59
C SER B 213 -18.01 -30.27 -18.88
N GLY B 214 -18.69 -30.43 -20.02
CA GLY B 214 -18.11 -30.15 -21.32
C GLY B 214 -17.77 -28.67 -21.54
N LYS B 215 -18.55 -27.76 -20.97
CA LYS B 215 -18.29 -26.33 -21.14
C LYS B 215 -17.12 -25.81 -20.31
N VAL B 216 -17.02 -26.27 -19.08
CA VAL B 216 -15.97 -25.83 -18.16
C VAL B 216 -14.68 -26.52 -18.48
N PHE B 217 -14.74 -27.83 -18.59
CA PHE B 217 -13.58 -28.57 -19.01
C PHE B 217 -13.77 -28.54 -20.49
N ARG B 218 -13.40 -27.43 -21.11
CA ARG B 218 -13.82 -27.28 -22.46
C ARG B 218 -13.37 -28.45 -23.30
N ASN B 219 -14.32 -29.29 -23.66
CA ASN B 219 -14.02 -30.48 -24.41
C ASN B 219 -15.30 -31.17 -24.88
N PRO B 220 -15.45 -31.54 -26.17
CA PRO B 220 -16.60 -32.24 -26.71
C PRO B 220 -16.74 -33.67 -26.17
N ASN B 221 -15.70 -34.20 -25.54
CA ASN B 221 -15.73 -35.54 -25.02
C ASN B 221 -16.41 -35.56 -23.66
N ILE B 222 -17.73 -35.47 -23.74
CA ILE B 222 -18.64 -35.41 -22.61
C ILE B 222 -19.08 -36.78 -22.21
N ASP B 223 -18.97 -37.06 -20.92
CA ASP B 223 -19.32 -38.36 -20.35
C ASP B 223 -19.80 -38.24 -18.92
N LEU B 224 -20.54 -39.25 -18.49
CA LEU B 224 -21.07 -39.37 -17.14
C LEU B 224 -19.89 -39.59 -16.23
N GLN B 225 -18.85 -40.19 -16.79
CA GLN B 225 -17.66 -40.50 -16.02
C GLN B 225 -16.70 -39.34 -16.00
N HIS B 226 -17.06 -38.21 -16.59
CA HIS B 226 -16.24 -37.04 -16.53
C HIS B 226 -16.96 -36.14 -15.55
N THR B 227 -18.27 -36.14 -15.76
CA THR B 227 -19.28 -35.38 -15.07
C THR B 227 -19.34 -35.69 -13.59
N ASN B 228 -19.10 -36.94 -13.23
CA ASN B 228 -19.14 -37.33 -11.84
C ASN B 228 -18.15 -36.55 -11.01
N GLN B 229 -17.13 -35.95 -11.63
CA GLN B 229 -16.23 -35.18 -10.83
C GLN B 229 -16.98 -33.96 -10.28
N LEU B 230 -17.97 -33.43 -11.03
CA LEU B 230 -18.71 -32.25 -10.59
C LEU B 230 -19.51 -32.63 -9.38
N ILE B 231 -20.00 -33.87 -9.41
CA ILE B 231 -20.76 -34.36 -8.28
C ILE B 231 -19.84 -34.51 -7.09
N SER B 232 -18.66 -35.02 -7.32
CA SER B 232 -17.73 -35.16 -6.24
C SER B 232 -17.42 -33.83 -5.59
N THR B 233 -17.22 -32.81 -6.41
CA THR B 233 -16.90 -31.52 -5.86
C THR B 233 -18.10 -30.77 -5.29
N ILE B 234 -19.32 -31.01 -5.74
CA ILE B 234 -20.40 -30.33 -5.02
C ILE B 234 -20.43 -30.91 -3.63
N ILE B 235 -20.18 -32.21 -3.52
CA ILE B 235 -20.15 -32.82 -2.24
C ILE B 235 -18.97 -32.30 -1.42
N SER B 236 -17.78 -32.18 -2.01
CA SER B 236 -16.67 -31.67 -1.23
C SER B 236 -16.87 -30.22 -0.81
N SER B 237 -17.62 -29.43 -1.60
CA SER B 237 -17.90 -28.06 -1.20
C SER B 237 -18.75 -28.09 0.04
N VAL B 238 -19.77 -28.93 0.02
CA VAL B 238 -20.68 -29.04 1.13
C VAL B 238 -20.02 -29.49 2.41
N THR B 239 -19.11 -30.45 2.33
CA THR B 239 -18.45 -30.96 3.51
C THR B 239 -17.18 -30.21 3.84
N ASN B 240 -16.89 -29.12 3.11
CA ASN B 240 -15.68 -28.37 3.33
C ASN B 240 -15.49 -28.01 4.78
N SER B 241 -16.56 -27.53 5.40
CA SER B 241 -16.52 -27.08 6.77
C SER B 241 -16.47 -28.21 7.77
N ILE B 242 -16.67 -29.42 7.33
CA ILE B 242 -16.64 -30.50 8.28
C ILE B 242 -15.24 -31.01 8.32
N ARG B 243 -14.71 -31.21 7.13
CA ARG B 243 -13.42 -31.78 6.89
C ARG B 243 -12.30 -30.82 7.25
N PHE B 244 -12.56 -29.55 6.95
CA PHE B 244 -11.69 -28.44 7.19
C PHE B 244 -12.54 -27.39 7.89
N PRO B 245 -12.80 -27.56 9.17
CA PRO B 245 -13.70 -26.75 9.93
C PRO B 245 -13.16 -25.40 10.25
N SER B 246 -14.09 -24.54 10.58
CA SER B 246 -13.77 -23.22 11.07
C SER B 246 -14.72 -22.99 12.20
N TYR B 247 -15.47 -21.92 12.10
CA TYR B 247 -16.41 -21.53 13.12
C TYR B 247 -17.84 -21.40 12.62
N MET B 248 -18.07 -21.56 11.33
CA MET B 248 -19.42 -21.28 10.84
C MET B 248 -20.44 -22.41 10.86
N TYR B 249 -20.06 -23.60 10.43
CA TYR B 249 -21.03 -24.69 10.35
C TYR B 249 -20.45 -25.99 10.88
N SER B 250 -19.76 -26.74 10.03
CA SER B 250 -19.11 -28.00 10.37
C SER B 250 -20.08 -29.07 10.82
N SER B 251 -21.30 -28.93 10.37
CA SER B 251 -22.34 -29.87 10.70
C SER B 251 -23.46 -29.94 9.72
N MET B 252 -23.89 -31.16 9.43
CA MET B 252 -25.04 -31.35 8.59
C MET B 252 -26.25 -30.77 9.29
N SER B 253 -26.34 -31.03 10.59
CA SER B 253 -27.46 -30.52 11.34
C SER B 253 -27.49 -29.01 11.30
N SER B 254 -26.31 -28.40 11.46
CA SER B 254 -26.25 -26.96 11.49
C SER B 254 -26.69 -26.34 10.18
N ILE B 255 -26.20 -26.88 9.07
CA ILE B 255 -26.61 -26.25 7.86
C ILE B 255 -28.06 -26.47 7.52
N TYR B 256 -28.61 -27.63 7.82
CA TYR B 256 -29.99 -27.85 7.48
C TYR B 256 -30.88 -27.04 8.38
N SER B 257 -30.44 -26.83 9.62
CA SER B 257 -31.21 -26.03 10.55
C SER B 257 -31.32 -24.60 10.02
N THR B 258 -30.34 -24.14 9.25
CA THR B 258 -30.41 -22.81 8.68
C THR B 258 -30.97 -22.77 7.24
N LEU B 259 -30.70 -23.82 6.44
CA LEU B 259 -31.03 -23.92 5.01
C LEU B 259 -32.37 -24.56 4.59
N ILE B 260 -32.99 -25.35 5.45
CA ILE B 260 -34.26 -25.98 5.10
C ILE B 260 -35.40 -25.54 6.02
N PRO B 261 -36.21 -24.53 5.63
CA PRO B 261 -37.31 -23.94 6.41
C PRO B 261 -38.40 -24.94 6.79
N SER B 262 -38.49 -26.00 6.04
CA SER B 262 -39.48 -27.02 6.31
C SER B 262 -38.95 -28.31 5.79
N PRO B 263 -39.09 -29.43 6.52
CA PRO B 263 -38.64 -30.75 6.13
C PRO B 263 -39.38 -31.19 4.87
N GLU B 264 -40.49 -30.54 4.59
CA GLU B 264 -41.27 -30.81 3.43
C GLU B 264 -40.53 -30.41 2.17
N LEU B 265 -39.78 -29.32 2.24
CA LEU B 265 -39.12 -28.80 1.06
C LEU B 265 -37.62 -28.85 1.25
N HIS B 266 -37.04 -30.01 1.02
CA HIS B 266 -35.64 -30.22 1.31
C HIS B 266 -34.83 -30.64 0.09
N PHE B 267 -35.29 -30.23 -1.08
CA PHE B 267 -34.65 -30.61 -2.34
C PHE B 267 -33.90 -29.41 -2.86
N LEU B 268 -32.58 -29.47 -2.83
CA LEU B 268 -31.79 -28.30 -3.17
C LEU B 268 -31.20 -28.33 -4.56
N SER B 269 -31.05 -27.14 -5.16
CA SER B 269 -30.50 -27.00 -6.50
C SER B 269 -29.12 -26.34 -6.56
N PRO B 270 -28.04 -27.11 -6.80
CA PRO B 270 -26.66 -26.71 -6.84
C PRO B 270 -26.21 -25.96 -8.11
N SER B 271 -25.14 -25.15 -7.96
CA SER B 271 -24.45 -24.42 -9.04
C SER B 271 -22.98 -24.14 -8.70
N PHE B 272 -22.17 -23.74 -9.70
CA PHE B 272 -20.79 -23.39 -9.36
C PHE B 272 -20.04 -22.37 -10.19
N THR B 273 -18.95 -21.88 -9.62
CA THR B 273 -18.01 -21.05 -10.31
C THR B 273 -16.77 -21.90 -10.52
N PRO B 274 -15.97 -21.65 -11.57
CA PRO B 274 -14.90 -22.50 -12.04
C PRO B 274 -13.94 -22.88 -10.95
N PHE B 275 -13.54 -24.15 -10.96
CA PHE B 275 -12.65 -24.69 -9.97
C PHE B 275 -11.77 -25.75 -10.54
N THR B 276 -10.62 -25.97 -9.90
CA THR B 276 -9.79 -27.07 -10.31
C THR B 276 -10.20 -28.26 -9.48
N SER B 277 -9.84 -29.43 -9.94
CA SER B 277 -10.23 -30.66 -9.27
C SER B 277 -9.34 -31.78 -9.72
N ASP B 278 -9.66 -33.00 -9.31
CA ASP B 278 -8.91 -34.16 -9.77
C ASP B 278 -9.13 -34.38 -11.30
N HIS B 286 -7.09 -18.45 -14.64
CA HIS B 286 -7.18 -17.29 -15.52
C HIS B 286 -8.53 -16.57 -15.32
N LYS B 287 -9.50 -17.30 -14.77
CA LYS B 287 -10.85 -16.86 -14.51
C LYS B 287 -11.01 -16.68 -13.01
N GLY B 288 -9.88 -16.50 -12.32
CA GLY B 288 -9.83 -16.31 -10.89
C GLY B 288 -10.34 -14.94 -10.50
N HIS B 289 -11.65 -14.77 -10.66
CA HIS B 289 -12.36 -13.54 -10.37
C HIS B 289 -12.57 -13.37 -8.88
N SER B 290 -12.78 -12.13 -8.48
CA SER B 290 -13.04 -11.74 -7.10
C SER B 290 -14.24 -12.41 -6.53
N SER B 291 -14.25 -12.60 -5.21
CA SER B 291 -15.36 -13.25 -4.53
C SER B 291 -16.64 -12.48 -4.78
N TYR B 292 -16.48 -11.21 -5.08
CA TYR B 292 -17.59 -10.35 -5.41
C TYR B 292 -18.33 -10.93 -6.58
N ASP B 293 -17.57 -11.34 -7.59
CA ASP B 293 -18.09 -11.81 -8.84
C ASP B 293 -18.52 -13.23 -8.66
N VAL B 294 -17.84 -13.95 -7.79
CA VAL B 294 -18.18 -15.33 -7.60
C VAL B 294 -19.59 -15.41 -7.10
N MET B 295 -19.89 -14.60 -6.12
CA MET B 295 -21.22 -14.65 -5.59
C MET B 295 -22.26 -14.35 -6.64
N LEU B 296 -22.00 -13.37 -7.47
CA LEU B 296 -22.98 -13.06 -8.48
C LEU B 296 -23.10 -14.18 -9.51
N ASP B 297 -21.97 -14.78 -9.87
CA ASP B 297 -21.92 -15.86 -10.85
C ASP B 297 -22.60 -17.11 -10.33
N LEU B 298 -22.56 -17.35 -9.03
CA LEU B 298 -23.17 -18.53 -8.48
C LEU B 298 -24.69 -18.60 -8.68
N LEU B 299 -25.41 -17.47 -8.84
CA LEU B 299 -26.85 -17.66 -9.05
C LEU B 299 -27.21 -17.53 -10.53
N ASP B 300 -26.20 -17.44 -11.39
CA ASP B 300 -26.37 -17.34 -12.82
C ASP B 300 -26.87 -18.70 -13.35
N PRO B 301 -27.98 -18.77 -14.09
CA PRO B 301 -28.57 -19.99 -14.61
C PRO B 301 -27.58 -20.87 -15.36
N SER B 302 -26.56 -20.27 -15.99
CA SER B 302 -25.61 -21.04 -16.77
C SER B 302 -24.71 -21.92 -15.92
N ASN B 303 -24.68 -21.64 -14.62
CA ASN B 303 -23.85 -22.39 -13.72
C ASN B 303 -24.63 -23.46 -12.98
N SER B 304 -25.92 -23.62 -13.30
CA SER B 304 -26.76 -24.60 -12.60
C SER B 304 -26.53 -26.03 -13.00
N LEU B 305 -26.52 -26.93 -12.03
CA LEU B 305 -26.33 -28.33 -12.32
C LEU B 305 -27.66 -29.02 -12.56
N VAL B 306 -28.72 -28.22 -12.54
CA VAL B 306 -30.08 -28.65 -12.79
C VAL B 306 -30.65 -27.76 -13.89
N SER B 307 -31.24 -28.29 -14.97
CA SER B 307 -31.80 -27.31 -15.86
C SER B 307 -33.11 -26.88 -15.24
N THR B 308 -33.14 -25.64 -14.83
CA THR B 308 -34.27 -25.05 -14.13
C THR B 308 -34.96 -23.92 -14.87
N ALA B 309 -34.44 -23.54 -16.04
CA ALA B 309 -34.93 -22.43 -16.89
C ALA B 309 -34.63 -21.05 -16.28
N MET B 310 -34.97 -20.88 -14.99
CA MET B 310 -34.76 -19.66 -14.22
C MET B 310 -35.52 -18.47 -14.77
N ASN B 311 -36.73 -18.73 -15.22
CA ASN B 311 -37.62 -17.70 -15.70
C ASN B 311 -38.34 -17.16 -14.49
N ASN B 312 -38.00 -15.94 -14.07
CA ASN B 312 -38.55 -15.40 -12.83
C ASN B 312 -38.32 -16.41 -11.71
N PRO B 313 -37.06 -16.70 -11.36
CA PRO B 313 -36.68 -17.77 -10.47
C PRO B 313 -37.47 -17.72 -9.21
N THR B 314 -37.98 -18.85 -8.82
CA THR B 314 -38.85 -18.96 -7.67
C THR B 314 -38.14 -19.07 -6.35
N TYR B 315 -37.57 -17.95 -5.89
CA TYR B 315 -36.86 -17.79 -4.57
C TYR B 315 -36.31 -18.93 -3.63
N PHE B 316 -36.60 -18.81 -2.32
CA PHE B 316 -36.20 -19.71 -1.17
C PHE B 316 -34.71 -19.66 -0.71
N ASN B 317 -34.42 -19.86 0.63
CA ASN B 317 -33.19 -19.89 1.40
C ASN B 317 -31.99 -20.19 0.50
N VAL B 318 -31.01 -19.28 0.52
CA VAL B 318 -29.80 -19.45 -0.31
C VAL B 318 -28.49 -19.58 0.45
N TYR B 319 -27.71 -20.63 0.15
CA TYR B 319 -26.44 -20.82 0.82
C TYR B 319 -25.27 -21.18 -0.05
N ASN B 320 -24.15 -20.49 0.17
CA ASN B 320 -22.98 -20.82 -0.58
C ASN B 320 -21.71 -20.80 0.21
N THR B 321 -20.65 -21.22 -0.44
CA THR B 321 -19.31 -21.22 0.10
C THR B 321 -18.43 -20.62 -0.96
N ILE B 322 -17.54 -19.74 -0.56
CA ILE B 322 -16.60 -19.21 -1.51
C ILE B 322 -15.34 -19.88 -1.10
N ILE B 323 -14.72 -20.65 -1.97
CA ILE B 323 -13.53 -21.34 -1.54
C ILE B 323 -12.38 -20.40 -1.68
N GLY B 324 -11.60 -20.28 -0.61
CA GLY B 324 -10.46 -19.41 -0.64
C GLY B 324 -10.50 -18.31 0.39
N ASN B 325 -9.38 -17.62 0.53
CA ASN B 325 -9.26 -16.55 1.49
C ASN B 325 -9.68 -15.23 0.87
N VAL B 326 -10.89 -14.80 1.16
CA VAL B 326 -11.42 -13.61 0.50
C VAL B 326 -11.89 -12.57 1.51
N GLU B 327 -12.00 -11.33 1.06
CA GLU B 327 -12.38 -10.20 1.90
C GLU B 327 -13.91 -9.95 2.04
N PRO B 328 -14.44 -9.90 3.27
CA PRO B 328 -15.83 -9.68 3.61
C PRO B 328 -16.47 -8.45 3.00
N ARG B 329 -15.72 -7.41 2.69
CA ARG B 329 -16.35 -6.25 2.12
C ARG B 329 -16.94 -6.59 0.76
N GLN B 330 -16.25 -7.47 0.02
CA GLN B 330 -16.69 -7.87 -1.29
C GLN B 330 -17.86 -8.77 -1.13
N ILE B 331 -17.82 -9.56 -0.07
CA ILE B 331 -18.89 -10.49 0.18
C ILE B 331 -20.16 -9.72 0.49
N SER B 332 -20.05 -8.70 1.32
CA SER B 332 -21.21 -7.92 1.69
C SER B 332 -21.70 -7.09 0.53
N ARG B 333 -20.79 -6.59 -0.30
CA ARG B 333 -21.26 -5.80 -1.42
C ARG B 333 -22.00 -6.70 -2.39
N ALA B 334 -21.44 -7.88 -2.68
CA ALA B 334 -22.08 -8.79 -3.58
C ALA B 334 -23.36 -9.27 -3.00
N MET B 335 -23.41 -9.49 -1.69
CA MET B 335 -24.62 -9.97 -1.10
C MET B 335 -25.70 -8.95 -1.24
N THR B 336 -25.38 -7.67 -1.09
CA THR B 336 -26.40 -6.66 -1.24
C THR B 336 -26.96 -6.72 -2.65
N LYS B 337 -26.07 -6.84 -3.63
CA LYS B 337 -26.53 -6.90 -4.99
C LYS B 337 -27.38 -8.16 -5.20
N LEU B 338 -26.97 -9.29 -4.60
CA LEU B 338 -27.74 -10.51 -4.77
C LEU B 338 -29.11 -10.35 -4.17
N GLN B 339 -29.20 -9.66 -3.04
CA GLN B 339 -30.48 -9.45 -2.36
C GLN B 339 -31.40 -8.67 -3.27
N GLN B 340 -30.85 -7.79 -4.10
CA GLN B 340 -31.68 -7.08 -5.04
C GLN B 340 -32.03 -7.94 -6.25
N ARG B 341 -31.18 -8.91 -6.59
CA ARG B 341 -31.43 -9.75 -7.74
C ARG B 341 -32.34 -10.95 -7.49
N ILE B 342 -32.24 -11.59 -6.32
CA ILE B 342 -33.06 -12.77 -6.04
C ILE B 342 -34.08 -12.46 -4.96
N LYS B 343 -35.32 -12.75 -5.27
CA LYS B 343 -36.44 -12.49 -4.39
C LYS B 343 -36.69 -13.60 -3.41
N PHE B 344 -37.35 -13.25 -2.31
CA PHE B 344 -37.81 -14.21 -1.32
C PHE B 344 -39.27 -13.89 -1.00
N PRO B 345 -40.11 -14.83 -0.55
CA PRO B 345 -41.47 -14.61 -0.11
C PRO B 345 -41.45 -13.72 1.10
N SER B 346 -42.49 -12.91 1.32
CA SER B 346 -42.52 -12.03 2.49
C SER B 346 -42.70 -12.80 3.78
N TRP B 347 -43.16 -14.06 3.69
CA TRP B 347 -43.33 -14.82 4.89
C TRP B 347 -42.01 -15.40 5.34
N SER B 348 -41.03 -15.40 4.44
CA SER B 348 -39.78 -16.04 4.71
C SER B 348 -38.87 -15.08 5.41
N SER B 349 -37.77 -15.62 5.87
CA SER B 349 -36.73 -14.84 6.51
C SER B 349 -35.82 -14.16 5.50
N SER B 350 -35.95 -14.55 4.22
CA SER B 350 -35.13 -14.08 3.13
C SER B 350 -33.66 -14.26 3.48
N ALA B 351 -33.32 -15.40 4.05
CA ALA B 351 -31.96 -15.65 4.46
C ALA B 351 -31.06 -16.01 3.30
N MET B 352 -29.85 -15.47 3.36
CA MET B 352 -28.81 -15.81 2.44
C MET B 352 -27.55 -15.98 3.29
N HIS B 353 -26.80 -17.03 3.04
CA HIS B 353 -25.61 -17.32 3.82
C HIS B 353 -24.38 -17.67 3.02
N VAL B 354 -23.22 -17.33 3.58
CA VAL B 354 -21.93 -17.63 2.97
C VAL B 354 -21.03 -18.36 3.98
N ASN B 355 -20.45 -19.49 3.57
CA ASN B 355 -19.55 -20.25 4.42
C ASN B 355 -18.12 -19.75 4.29
N ILE B 356 -17.20 -20.37 5.04
CA ILE B 356 -15.81 -19.97 5.08
C ILE B 356 -14.95 -20.37 3.89
N GLY B 357 -15.11 -21.59 3.38
CA GLY B 357 -14.33 -22.01 2.24
C GLY B 357 -12.84 -22.22 2.48
N ARG B 358 -12.44 -22.59 3.67
CA ARG B 358 -11.01 -22.72 3.84
C ARG B 358 -10.49 -23.85 2.97
N ARG B 359 -9.32 -23.63 2.39
CA ARG B 359 -8.73 -24.67 1.58
C ARG B 359 -7.87 -25.55 2.40
N SER B 360 -7.78 -26.78 1.96
CA SER B 360 -6.89 -27.72 2.57
C SER B 360 -5.45 -27.29 2.45
N PRO B 361 -4.65 -27.50 3.49
CA PRO B 361 -3.24 -27.18 3.56
C PRO B 361 -2.42 -28.10 2.70
N TYR B 362 -3.06 -29.12 2.14
CA TYR B 362 -2.32 -30.09 1.38
C TYR B 362 -2.53 -29.88 -0.12
N LEU B 363 -3.13 -28.77 -0.48
CA LEU B 363 -3.36 -28.48 -1.88
C LEU B 363 -2.28 -27.58 -2.46
N PRO B 364 -2.09 -27.61 -3.79
CA PRO B 364 -1.20 -26.75 -4.53
C PRO B 364 -1.53 -25.27 -4.31
N LEU B 365 -0.47 -24.48 -4.35
CA LEU B 365 -0.55 -23.04 -4.16
C LEU B 365 -1.09 -22.26 -5.33
N GLN B 366 -1.97 -21.34 -5.03
CA GLN B 366 -2.50 -20.39 -5.97
C GLN B 366 -2.69 -19.10 -5.18
N PRO B 367 -2.65 -17.90 -5.81
CA PRO B 367 -2.91 -16.62 -5.18
C PRO B 367 -4.33 -16.59 -4.64
N ASN B 368 -4.54 -15.99 -3.47
CA ASN B 368 -5.88 -15.99 -2.91
C ASN B 368 -6.81 -15.01 -3.61
N GLU B 369 -6.25 -14.01 -4.27
CA GLU B 369 -7.07 -13.06 -4.96
C GLU B 369 -7.72 -13.66 -6.19
N ASN B 370 -7.28 -14.86 -6.58
CA ASN B 370 -7.81 -15.53 -7.74
C ASN B 370 -8.72 -16.68 -7.36
N GLU B 371 -9.12 -16.74 -6.09
CA GLU B 371 -9.94 -17.85 -5.67
C GLU B 371 -11.43 -17.64 -5.93
N VAL B 372 -11.76 -17.80 -7.21
CA VAL B 372 -13.09 -17.65 -7.77
C VAL B 372 -13.99 -18.82 -7.45
N SER B 373 -13.36 -19.93 -7.21
CA SER B 373 -14.00 -21.20 -7.08
C SER B 373 -14.98 -21.33 -5.96
N GLY B 374 -16.03 -22.09 -6.24
CA GLY B 374 -16.99 -22.42 -5.20
C GLY B 374 -18.20 -23.10 -5.76
N MET B 375 -18.92 -23.78 -4.90
CA MET B 375 -20.11 -24.46 -5.36
C MET B 375 -21.12 -24.24 -4.27
N MET B 376 -22.37 -24.05 -4.65
CA MET B 376 -23.40 -23.71 -3.69
C MET B 376 -24.74 -24.28 -4.00
N LEU B 377 -25.67 -24.20 -3.02
CA LEU B 377 -27.03 -24.66 -3.25
C LEU B 377 -28.11 -23.68 -2.86
N SER B 378 -29.19 -23.65 -3.63
CA SER B 378 -30.32 -22.84 -3.24
C SER B 378 -31.55 -23.71 -2.95
N ASN B 379 -32.35 -23.28 -1.99
CA ASN B 379 -33.62 -23.91 -1.71
C ASN B 379 -34.63 -23.07 -2.46
N MET B 380 -35.13 -23.60 -3.57
CA MET B 380 -36.01 -22.87 -4.50
C MET B 380 -37.09 -23.79 -5.00
N SER B 381 -38.20 -23.26 -5.49
CA SER B 381 -39.21 -24.17 -6.01
C SER B 381 -38.82 -24.64 -7.40
N THR B 382 -37.75 -24.07 -7.96
CA THR B 382 -37.25 -24.40 -9.29
C THR B 382 -36.52 -25.75 -9.27
N VAL B 383 -37.22 -26.76 -8.78
CA VAL B 383 -36.81 -28.14 -8.71
C VAL B 383 -38.01 -28.89 -9.24
N VAL B 384 -39.15 -28.21 -9.11
CA VAL B 384 -40.44 -28.75 -9.47
C VAL B 384 -40.47 -29.05 -10.95
N ASN B 385 -39.85 -28.20 -11.74
CA ASN B 385 -39.87 -28.37 -13.18
C ASN B 385 -39.15 -29.64 -13.61
N VAL B 386 -38.30 -30.20 -12.75
CA VAL B 386 -37.60 -31.40 -13.08
C VAL B 386 -38.55 -32.54 -12.81
N PHE B 387 -39.19 -32.45 -11.66
CA PHE B 387 -40.10 -33.47 -11.16
C PHE B 387 -41.23 -33.63 -12.19
N GLU B 388 -41.66 -32.50 -12.75
CA GLU B 388 -42.71 -32.46 -13.76
C GLU B 388 -42.36 -33.19 -15.04
N ASN B 389 -41.09 -33.23 -15.44
CA ASN B 389 -40.77 -33.89 -16.70
C ASN B 389 -40.93 -35.38 -16.53
N ALA B 390 -40.68 -35.86 -15.32
CA ALA B 390 -40.91 -37.28 -15.08
C ALA B 390 -42.42 -37.53 -15.09
N CYS B 391 -43.05 -36.71 -14.24
CA CYS B 391 -44.46 -36.68 -13.94
C CYS B 391 -45.24 -36.73 -15.22
N ASN B 392 -44.86 -35.90 -16.18
CA ASN B 392 -45.57 -35.90 -17.44
C ASN B 392 -45.40 -37.27 -18.06
N THR B 393 -44.19 -37.80 -18.08
CA THR B 393 -43.96 -39.12 -18.65
C THR B 393 -44.70 -40.22 -17.90
N PHE B 394 -44.77 -40.14 -16.57
CA PHE B 394 -45.45 -41.19 -15.82
C PHE B 394 -46.97 -41.06 -15.67
N ASP B 395 -47.51 -39.92 -16.11
CA ASP B 395 -48.95 -39.69 -16.03
C ASP B 395 -49.54 -40.18 -17.34
N LYS B 396 -48.72 -40.90 -18.08
CA LYS B 396 -49.12 -41.42 -19.36
C LYS B 396 -48.93 -42.92 -19.40
N VAL B 397 -47.81 -43.42 -18.87
CA VAL B 397 -47.60 -44.87 -18.96
C VAL B 397 -48.45 -45.58 -17.95
N PHE B 398 -48.63 -45.02 -16.74
CA PHE B 398 -49.44 -45.71 -15.77
C PHE B 398 -50.89 -45.55 -16.17
N ALA B 399 -51.21 -44.40 -16.78
CA ALA B 399 -52.57 -44.14 -17.23
C ALA B 399 -52.98 -45.11 -18.32
N LYS B 400 -52.03 -45.43 -19.22
CA LYS B 400 -52.27 -46.38 -20.30
C LYS B 400 -52.04 -47.82 -19.86
N GLY B 401 -51.19 -48.00 -18.85
CA GLY B 401 -50.82 -49.31 -18.36
C GLY B 401 -49.58 -49.83 -19.07
N ALA B 402 -48.86 -48.95 -19.75
CA ALA B 402 -47.69 -49.40 -20.45
C ALA B 402 -46.67 -49.87 -19.45
N PHE B 403 -46.16 -51.07 -19.68
CA PHE B 403 -45.16 -51.73 -18.85
C PHE B 403 -45.67 -52.08 -17.46
N LEU B 404 -46.95 -51.85 -17.15
CA LEU B 404 -47.42 -52.12 -15.79
C LEU B 404 -47.53 -53.60 -15.55
N ASN B 405 -47.49 -54.32 -16.64
CA ASN B 405 -47.51 -55.75 -16.67
C ASN B 405 -46.10 -56.35 -16.71
N ASN B 406 -45.07 -55.50 -16.60
CA ASN B 406 -43.67 -55.90 -16.66
C ASN B 406 -42.82 -55.41 -15.49
N TYR B 407 -43.39 -55.34 -14.29
CA TYR B 407 -42.64 -54.85 -13.14
C TYR B 407 -42.50 -55.79 -11.97
N ASN B 408 -43.02 -56.99 -12.05
CA ASN B 408 -42.98 -57.89 -10.89
C ASN B 408 -41.64 -58.57 -10.78
N VAL B 409 -40.55 -57.81 -10.67
CA VAL B 409 -39.27 -58.48 -10.74
C VAL B 409 -38.80 -58.88 -9.34
N GLY B 410 -39.53 -59.81 -8.77
CA GLY B 410 -39.30 -60.40 -7.46
C GLY B 410 -39.98 -59.70 -6.27
N ASP B 411 -40.45 -58.46 -6.41
CA ASP B 411 -41.00 -57.73 -5.26
C ASP B 411 -42.48 -57.90 -5.07
N LEU B 412 -43.08 -58.74 -5.87
CA LEU B 412 -44.51 -59.00 -5.87
C LEU B 412 -45.32 -57.78 -6.30
N PHE B 413 -44.74 -56.86 -7.06
CA PHE B 413 -45.48 -55.68 -7.50
C PHE B 413 -46.75 -56.10 -8.23
N GLN B 414 -46.63 -57.05 -9.14
CA GLN B 414 -47.80 -57.49 -9.88
C GLN B 414 -48.44 -58.67 -9.20
N SER B 415 -47.66 -59.46 -8.44
CA SER B 415 -48.22 -60.68 -7.85
C SER B 415 -49.29 -60.34 -6.85
N MET B 416 -49.11 -59.26 -6.12
CA MET B 416 -50.09 -58.86 -5.13
C MET B 416 -50.95 -57.72 -5.64
N GLN B 417 -50.86 -57.43 -6.93
CA GLN B 417 -51.60 -56.32 -7.50
C GLN B 417 -51.44 -55.04 -6.73
N ASN B 418 -50.18 -54.65 -6.52
CA ASN B 418 -49.86 -53.43 -5.84
C ASN B 418 -49.58 -52.43 -6.92
N VAL B 419 -49.85 -52.82 -8.15
CA VAL B 419 -49.49 -52.04 -9.29
C VAL B 419 -50.19 -50.70 -9.30
N GLN B 420 -51.49 -50.72 -9.06
CA GLN B 420 -52.27 -49.52 -9.13
C GLN B 420 -52.13 -48.70 -7.87
N ASP B 421 -51.88 -49.38 -6.75
CA ASP B 421 -51.76 -48.73 -5.46
C ASP B 421 -50.43 -48.04 -5.30
N GLU B 422 -49.36 -48.66 -5.82
CA GLU B 422 -48.06 -48.06 -5.71
C GLU B 422 -48.05 -46.81 -6.54
N PHE B 423 -48.66 -46.86 -7.72
CA PHE B 423 -48.71 -45.64 -8.48
C PHE B 423 -49.52 -44.60 -7.78
N ALA B 424 -50.74 -44.95 -7.35
CA ALA B 424 -51.61 -43.94 -6.77
C ALA B 424 -51.07 -43.30 -5.51
N GLU B 425 -50.46 -44.10 -4.62
CA GLU B 425 -49.94 -43.49 -3.41
C GLU B 425 -48.71 -42.69 -3.72
N SER B 426 -47.88 -43.17 -4.62
CA SER B 426 -46.69 -42.45 -4.94
C SER B 426 -47.05 -41.19 -5.67
N ARG B 427 -48.11 -41.24 -6.47
CA ARG B 427 -48.47 -40.09 -7.22
C ARG B 427 -48.97 -39.01 -6.32
N GLU B 428 -49.75 -39.35 -5.29
CA GLU B 428 -50.18 -38.31 -4.37
C GLU B 428 -48.98 -37.68 -3.70
N VAL B 429 -48.02 -38.50 -3.29
CA VAL B 429 -46.86 -37.99 -2.59
C VAL B 429 -46.02 -37.06 -3.43
N VAL B 430 -45.78 -37.41 -4.69
CA VAL B 430 -44.98 -36.53 -5.49
C VAL B 430 -45.77 -35.26 -5.80
N GLN B 431 -47.09 -35.36 -5.97
CA GLN B 431 -47.82 -34.16 -6.26
C GLN B 431 -47.80 -33.22 -5.07
N SER B 432 -47.89 -33.76 -3.86
CA SER B 432 -47.91 -32.89 -2.69
C SER B 432 -46.60 -32.15 -2.61
N LEU B 433 -45.48 -32.82 -2.88
CA LEU B 433 -44.24 -32.07 -2.80
C LEU B 433 -44.29 -30.87 -3.72
N MET B 434 -44.72 -31.09 -4.96
CA MET B 434 -44.74 -30.01 -5.91
C MET B 434 -45.71 -28.92 -5.49
N GLU B 435 -46.84 -29.31 -4.92
CA GLU B 435 -47.84 -28.36 -4.47
C GLU B 435 -47.36 -27.57 -3.29
N ASP B 436 -46.56 -28.18 -2.43
CA ASP B 436 -46.06 -27.50 -1.24
C ASP B 436 -45.02 -26.49 -1.67
N TYR B 437 -44.20 -26.85 -2.66
CA TYR B 437 -43.21 -25.91 -3.17
C TYR B 437 -43.87 -24.70 -3.74
N VAL B 438 -44.97 -24.93 -4.45
CA VAL B 438 -45.72 -23.86 -5.06
C VAL B 438 -46.52 -23.07 -4.03
N ALA B 439 -47.17 -23.71 -3.08
CA ALA B 439 -47.94 -22.98 -2.10
C ALA B 439 -47.05 -21.99 -1.36
N ALA B 440 -45.83 -22.40 -1.11
CA ALA B 440 -44.81 -21.65 -0.41
C ALA B 440 -44.43 -20.39 -1.17
N GLU B 441 -44.74 -20.33 -2.45
CA GLU B 441 -44.38 -19.19 -3.26
C GLU B 441 -45.20 -17.95 -2.91
N GLN B 442 -46.33 -18.14 -2.22
CA GLN B 442 -47.18 -17.01 -1.88
C GLN B 442 -46.90 -16.47 -0.50
N ASP B 443 -47.10 -15.16 -0.33
CA ASP B 443 -46.88 -14.45 0.93
C ASP B 443 -47.78 -14.89 2.08
N SER B 444 -48.91 -15.44 1.71
CA SER B 444 -49.94 -15.89 2.62
C SER B 444 -49.69 -17.32 3.11
N TYR B 445 -48.64 -17.95 2.65
CA TYR B 445 -48.38 -19.32 3.03
C TYR B 445 -48.46 -19.56 4.54
N LEU B 446 -47.90 -18.67 5.37
CA LEU B 446 -47.90 -18.89 6.81
C LEU B 446 -49.12 -18.36 7.53
N ASP B 447 -50.09 -17.85 6.81
CA ASP B 447 -51.27 -17.31 7.47
C ASP B 447 -51.97 -18.33 8.35
N ASP B 448 -51.91 -19.61 8.01
CA ASP B 448 -52.58 -20.61 8.82
C ASP B 448 -52.06 -20.67 10.26
N VAL B 449 -50.88 -20.12 10.51
CA VAL B 449 -50.40 -20.05 11.89
C VAL B 449 -50.32 -18.59 12.38
N LEU B 450 -49.91 -17.65 11.52
CA LEU B 450 -49.68 -16.27 11.96
C LEU B 450 -50.92 -15.38 12.04
N VAL B 451 -52.00 -15.72 11.35
CA VAL B 451 -53.20 -14.88 11.46
C VAL B 451 -54.28 -15.73 12.07
N ASP B 452 -53.87 -16.83 12.69
CA ASP B 452 -54.78 -17.72 13.36
C ASP B 452 -55.00 -17.13 14.74
N ASP B 453 -55.73 -16.00 14.72
CA ASP B 453 -56.02 -15.11 15.83
C ASP B 453 -56.81 -15.80 16.92
N MET C 1 55.99 55.34 58.81
CA MET C 1 54.62 55.82 58.92
C MET C 1 53.81 55.02 59.93
N GLU C 2 53.07 55.74 60.77
CA GLU C 2 52.22 55.15 61.79
C GLU C 2 51.16 54.23 61.24
N ILE C 3 50.99 53.10 61.91
CA ILE C 3 49.99 52.10 61.55
C ILE C 3 48.65 52.34 62.20
N LYS C 4 47.61 52.23 61.39
CA LYS C 4 46.25 52.38 61.84
C LYS C 4 45.56 51.03 61.83
N GLU C 5 44.62 50.84 62.75
CA GLU C 5 43.94 49.56 62.81
C GLU C 5 42.68 49.49 61.98
N VAL C 6 42.67 48.53 61.08
CA VAL C 6 41.54 48.23 60.21
C VAL C 6 41.28 46.74 60.32
N ASP C 7 40.04 46.33 60.55
CA ASP C 7 39.82 44.90 60.71
C ASP C 7 39.69 44.21 59.36
N ASP C 8 40.83 44.02 58.76
CA ASP C 8 41.00 43.50 57.42
C ASP C 8 40.98 41.97 57.39
N ARG C 9 39.86 41.40 56.93
CA ARG C 9 39.68 39.95 56.92
C ARG C 9 39.22 39.48 55.56
N ALA C 10 40.01 38.60 54.93
CA ALA C 10 39.67 38.15 53.59
C ALA C 10 38.68 37.01 53.65
N GLU C 11 37.68 37.08 52.79
CA GLU C 11 36.64 36.08 52.72
C GLU C 11 36.09 35.90 51.32
N LEU C 12 35.47 34.75 51.06
CA LEU C 12 34.84 34.57 49.78
C LEU C 12 33.49 35.22 49.78
N LEU C 13 33.09 35.68 48.63
CA LEU C 13 31.82 36.31 48.45
C LEU C 13 30.70 35.31 48.60
N ARG C 14 29.66 35.72 49.31
CA ARG C 14 28.48 34.90 49.57
C ARG C 14 27.54 34.76 48.39
N TYR C 15 27.43 35.81 47.60
CA TYR C 15 26.50 35.79 46.51
C TYR C 15 27.21 35.67 45.21
N THR C 16 26.97 34.54 44.57
CA THR C 16 27.59 34.16 43.32
C THR C 16 26.59 34.10 42.20
N ASN C 17 25.34 34.35 42.53
CA ASN C 17 24.24 34.29 41.58
C ASN C 17 24.30 35.44 40.60
N ASN C 18 25.10 36.40 40.96
CA ASN C 18 25.32 37.61 40.24
C ASN C 18 26.77 37.77 39.83
N ILE C 19 27.53 36.67 39.81
CA ILE C 19 28.92 36.74 39.44
C ILE C 19 29.20 35.92 38.18
N PRO C 20 29.84 36.49 37.16
CA PRO C 20 30.23 35.82 35.93
C PRO C 20 31.07 34.63 36.26
N LEU C 21 31.05 33.61 35.43
CA LEU C 21 31.81 32.41 35.73
C LEU C 21 33.24 32.70 36.11
N LEU C 22 33.89 33.61 35.43
CA LEU C 22 35.27 33.92 35.77
C LEU C 22 35.44 35.18 36.57
N GLY C 23 34.39 35.63 37.21
CA GLY C 23 34.51 36.82 38.01
C GLY C 23 35.28 36.50 39.28
N LYS C 24 35.63 37.53 40.02
CA LYS C 24 36.37 37.38 41.27
C LYS C 24 35.47 36.87 42.36
N LEU C 25 35.95 35.92 43.16
CA LEU C 25 35.12 35.38 44.22
C LEU C 25 35.51 35.82 45.62
N VAL C 26 36.41 36.79 45.72
CA VAL C 26 36.90 37.25 47.02
C VAL C 26 36.55 38.69 47.23
N ASN C 27 36.31 39.06 48.47
CA ASN C 27 36.02 40.43 48.77
C ASN C 27 37.20 41.28 48.44
N HIS C 28 36.91 42.49 48.09
CA HIS C 28 37.95 43.45 47.87
C HIS C 28 38.50 43.88 49.21
N GLN C 29 39.70 44.33 49.17
CA GLN C 29 40.42 44.86 50.29
C GLN C 29 39.79 46.16 50.74
N PRO C 30 39.98 46.58 51.98
CA PRO C 30 39.51 47.85 52.48
C PRO C 30 40.23 48.91 51.70
N LEU C 31 39.58 50.04 51.50
CA LEU C 31 40.19 51.09 50.72
C LEU C 31 40.95 52.06 51.57
N TRP C 32 42.01 52.56 51.00
CA TRP C 32 42.89 53.52 51.62
C TRP C 32 42.17 54.76 52.00
N SER C 33 41.32 55.18 51.11
CA SER C 33 40.57 56.38 51.25
C SER C 33 39.55 56.35 52.37
N THR C 34 39.17 55.19 52.88
CA THR C 34 38.18 55.22 53.95
C THR C 34 38.73 54.58 55.19
N ASN C 35 39.65 53.67 54.98
CA ASN C 35 40.23 52.88 56.02
C ASN C 35 41.68 52.68 55.76
N PRO C 36 42.50 53.71 55.79
CA PRO C 36 43.88 53.59 55.51
C PRO C 36 44.45 52.81 56.64
N LYS C 37 45.44 52.01 56.36
CA LYS C 37 46.11 51.32 57.43
C LYS C 37 47.37 52.05 57.83
N LEU C 38 47.60 53.17 57.18
CA LEU C 38 48.75 53.98 57.48
C LEU C 38 48.44 55.45 57.54
N LYS C 39 49.07 56.11 58.48
CA LYS C 39 49.01 57.54 58.52
C LYS C 39 49.78 57.96 57.32
N SER C 40 49.24 58.86 56.52
CA SER C 40 50.00 59.23 55.35
C SER C 40 51.14 60.13 55.73
N PHE C 41 52.13 60.17 54.87
CA PHE C 41 53.24 61.07 55.03
C PHE C 41 53.18 62.13 53.97
N SER C 42 52.97 63.37 54.35
CA SER C 42 52.88 64.34 53.29
C SER C 42 54.20 64.42 52.59
N LEU C 43 54.16 64.37 51.28
CA LEU C 43 55.37 64.37 50.48
C LEU C 43 55.97 65.74 50.46
N GLU C 44 55.22 66.70 50.94
CA GLU C 44 55.68 68.04 51.00
C GLU C 44 56.95 68.08 51.82
N LYS C 45 57.01 67.22 52.83
CA LYS C 45 58.11 67.16 53.76
C LYS C 45 59.43 66.75 53.13
N ILE C 46 59.37 66.13 51.96
CA ILE C 46 60.54 65.67 51.26
C ILE C 46 60.61 66.24 49.85
N SER C 47 60.04 67.42 49.66
CA SER C 47 60.04 68.07 48.35
C SER C 47 61.40 68.62 47.99
N ALA C 48 62.27 68.71 48.97
CA ALA C 48 63.60 69.26 48.81
C ALA C 48 64.33 68.53 47.69
N PRO C 49 65.09 69.22 46.83
CA PRO C 49 65.88 68.65 45.76
C PRO C 49 66.77 67.50 46.19
N ASP C 50 67.27 67.50 47.43
CA ASP C 50 68.10 66.39 47.88
C ASP C 50 67.27 65.19 48.32
N GLN C 51 66.03 65.43 48.69
CA GLN C 51 65.15 64.37 49.15
C GLN C 51 64.18 64.01 48.06
N ARG C 52 64.23 64.75 46.97
CA ARG C 52 63.33 64.62 45.87
C ARG C 52 63.30 63.22 45.30
N ARG C 53 64.43 62.54 45.28
CA ARG C 53 64.49 61.18 44.77
C ARG C 53 63.70 60.24 45.65
N VAL C 54 63.57 60.57 46.93
CA VAL C 54 62.83 59.74 47.83
C VAL C 54 61.40 59.92 47.48
N GLN C 55 60.99 61.16 47.25
CA GLN C 55 59.62 61.37 46.89
C GLN C 55 59.33 60.53 45.68
N GLU C 56 60.24 60.53 44.73
CA GLU C 56 60.02 59.75 43.55
C GLU C 56 59.92 58.29 43.90
N ALA C 57 60.78 57.78 44.78
CA ALA C 57 60.69 56.37 45.11
C ALA C 57 59.34 56.00 45.66
N LEU C 58 58.78 56.88 46.47
CA LEU C 58 57.50 56.59 47.04
C LEU C 58 56.42 56.62 45.97
N VAL C 59 56.55 57.55 45.04
CA VAL C 59 55.58 57.63 43.99
C VAL C 59 55.63 56.42 43.10
N VAL C 60 56.81 55.97 42.77
CA VAL C 60 56.90 54.80 41.93
C VAL C 60 56.31 53.61 42.63
N LYS C 61 56.58 53.44 43.92
CA LYS C 61 55.98 52.31 44.59
C LYS C 61 54.47 52.33 44.34
N ASP C 62 53.83 53.50 44.45
CA ASP C 62 52.40 53.49 44.13
C ASP C 62 52.13 53.19 42.68
N LEU C 63 52.94 53.70 41.77
CA LEU C 63 52.61 53.44 40.39
C LEU C 63 52.62 51.97 40.09
N LEU C 64 53.52 51.23 40.71
CA LEU C 64 53.53 49.82 40.43
C LEU C 64 52.20 49.21 40.86
N ASN C 65 51.69 49.64 42.01
CA ASN C 65 50.40 49.10 42.38
C ASN C 65 49.28 49.58 41.50
N VAL C 66 49.37 50.80 41.02
CA VAL C 66 48.32 51.32 40.16
C VAL C 66 48.28 50.51 38.89
N LEU C 67 49.42 50.18 38.34
CA LEU C 67 49.42 49.43 37.11
C LEU C 67 48.75 48.08 37.26
N ILE C 68 48.77 47.48 38.43
CA ILE C 68 48.08 46.21 38.56
C ILE C 68 46.68 46.38 39.12
N GLY C 69 46.21 47.62 39.18
CA GLY C 69 44.87 47.90 39.60
C GLY C 69 44.67 48.18 41.07
N LEU C 70 45.72 48.34 41.84
CA LEU C 70 45.54 48.62 43.24
C LEU C 70 45.82 50.06 43.51
N GLU C 71 45.15 50.62 44.49
CA GLU C 71 45.43 51.99 44.85
C GLU C 71 46.64 52.02 45.73
N GLY C 72 47.26 53.17 45.82
CA GLY C 72 48.44 53.31 46.64
C GLY C 72 48.20 54.21 47.84
N THR C 73 49.24 54.96 48.19
CA THR C 73 49.27 55.85 49.32
C THR C 73 49.22 57.34 48.95
N TYR C 74 49.50 57.66 47.69
CA TYR C 74 49.48 59.01 47.21
C TYR C 74 48.52 59.06 46.06
N ILE C 75 48.41 57.94 45.39
CA ILE C 75 47.49 57.82 44.28
C ILE C 75 46.35 56.95 44.76
N ARG C 76 45.14 57.48 44.76
CA ARG C 76 44.02 56.74 45.31
C ARG C 76 42.87 56.56 44.37
N TYR C 77 42.03 55.58 44.63
CA TYR C 77 40.87 55.50 43.78
C TYR C 77 40.07 56.75 44.09
N PHE C 78 39.45 57.29 43.06
CA PHE C 78 38.68 58.51 43.15
C PHE C 78 37.44 58.36 44.01
N ASN C 79 36.74 59.47 44.14
CA ASN C 79 35.66 59.59 45.08
C ASN C 79 34.50 58.65 44.92
N ASP C 80 34.15 58.33 43.69
CA ASP C 80 32.98 57.49 43.52
C ASP C 80 33.36 56.07 43.25
N TYR C 81 34.60 55.71 43.49
CA TYR C 81 34.95 54.35 43.25
C TYR C 81 34.20 53.45 44.17
N GLU C 82 33.64 52.40 43.60
CA GLU C 82 32.88 51.42 44.34
C GLU C 82 33.31 50.03 43.96
N PRO C 83 34.21 49.39 44.71
CA PRO C 83 34.81 48.12 44.40
C PRO C 83 33.82 46.97 44.34
N SER C 84 32.66 47.10 44.96
CA SER C 84 31.70 46.02 44.91
C SER C 84 30.80 46.13 43.69
N ASP C 85 30.97 47.19 42.91
CA ASP C 85 30.13 47.46 41.76
C ASP C 85 30.82 47.26 40.40
N PRO C 86 30.50 46.22 39.64
CA PRO C 86 31.04 45.91 38.34
C PRO C 86 30.75 47.00 37.31
N GLU C 87 29.81 47.89 37.59
CA GLU C 87 29.49 48.94 36.66
C GLU C 87 30.17 50.29 36.95
N THR C 88 30.97 50.38 38.01
CA THR C 88 31.58 51.66 38.33
C THR C 88 32.88 51.91 37.58
N PRO C 89 33.02 53.07 36.91
CA PRO C 89 34.20 53.45 36.17
C PRO C 89 35.26 53.72 37.16
N ILE C 90 36.52 53.54 36.78
CA ILE C 90 37.53 53.78 37.77
C ILE C 90 38.46 54.88 37.36
N GLU C 91 38.62 55.83 38.25
CA GLU C 91 39.50 56.96 38.06
C GLU C 91 40.38 57.03 39.28
N PHE C 92 41.53 57.66 39.15
CA PHE C 92 42.38 57.85 40.30
C PHE C 92 42.66 59.30 40.55
N LYS C 93 42.87 59.62 41.81
CA LYS C 93 43.24 60.95 42.22
C LYS C 93 44.64 60.96 42.73
N ILE C 94 45.32 62.04 42.45
CA ILE C 94 46.70 62.20 42.84
C ILE C 94 46.85 63.21 43.94
N ALA C 95 47.55 62.83 45.00
CA ALA C 95 47.74 63.73 46.12
C ALA C 95 48.24 65.06 45.63
N LYS C 96 47.62 66.12 46.13
CA LYS C 96 48.01 67.46 45.70
C LYS C 96 49.42 67.78 46.06
N LYS C 97 49.85 67.28 47.20
CA LYS C 97 51.20 67.55 47.65
C LYS C 97 52.19 66.65 46.98
N MET C 98 52.48 66.94 45.73
CA MET C 98 53.39 66.13 44.94
C MET C 98 54.12 67.00 43.92
N ASP C 99 55.36 66.65 43.62
CA ASP C 99 56.12 67.36 42.61
C ASP C 99 55.31 67.31 41.33
N PRO C 100 55.00 68.45 40.70
CA PRO C 100 54.16 68.54 39.54
C PRO C 100 54.70 67.75 38.37
N SER C 101 56.00 67.47 38.35
CA SER C 101 56.47 66.71 37.22
C SER C 101 56.03 65.27 37.41
N PHE C 102 55.85 64.85 38.64
CA PHE C 102 55.46 63.50 38.88
C PHE C 102 54.01 63.43 38.64
N LYS C 103 53.31 64.50 38.98
CA LYS C 103 51.88 64.44 38.79
C LYS C 103 51.58 64.23 37.31
N THR C 104 52.31 64.89 36.42
CA THR C 104 52.01 64.68 35.01
C THR C 104 52.45 63.28 34.56
N PHE C 105 53.56 62.76 35.06
CA PHE C 105 53.92 61.42 34.67
C PHE C 105 52.91 60.46 35.14
N SER C 106 52.47 60.67 36.35
CA SER C 106 51.56 59.77 36.92
C SER C 106 50.34 59.70 36.06
N ARG C 107 49.78 60.81 35.62
CA ARG C 107 48.57 60.67 34.84
C ARG C 107 48.79 59.80 33.61
N ARG C 108 49.94 59.96 32.97
CA ARG C 108 50.27 59.18 31.79
C ARG C 108 50.47 57.70 32.07
N ILE C 109 50.89 57.35 33.27
CA ILE C 109 51.13 55.97 33.64
C ILE C 109 49.87 55.34 34.21
N VAL C 110 49.17 56.11 34.98
CA VAL C 110 47.97 55.69 35.66
C VAL C 110 46.94 55.22 34.69
N ARG C 111 46.82 55.88 33.56
CA ARG C 111 45.82 55.49 32.59
C ARG C 111 45.95 54.03 32.19
N TYR C 112 47.11 53.41 32.37
CA TYR C 112 47.22 52.05 31.97
C TYR C 112 46.62 51.16 33.01
N GLY C 113 46.68 51.57 34.27
CA GLY C 113 46.11 50.78 35.34
C GLY C 113 44.62 50.81 35.14
N LYS C 114 44.16 51.96 34.68
CA LYS C 114 42.77 52.11 34.41
C LYS C 114 42.37 51.14 33.32
N GLN C 115 43.14 51.09 32.24
CA GLN C 115 42.79 50.20 31.16
C GLN C 115 42.89 48.77 31.61
N TYR C 116 43.87 48.48 32.45
CA TYR C 116 44.06 47.16 32.94
C TYR C 116 42.84 46.67 33.65
N MET C 117 42.34 47.47 34.57
CA MET C 117 41.18 47.05 35.31
C MET C 117 39.97 46.92 34.45
N ILE C 118 39.83 47.79 33.48
CA ILE C 118 38.67 47.71 32.64
C ILE C 118 38.70 46.46 31.83
N LEU C 119 39.83 46.17 31.23
CA LEU C 119 39.92 44.97 30.43
C LEU C 119 39.76 43.75 31.28
N THR C 120 40.27 43.82 32.51
CA THR C 120 40.15 42.67 33.34
C THR C 120 38.70 42.42 33.62
N ARG C 121 38.02 43.45 34.02
CA ARG C 121 36.65 43.28 34.37
C ARG C 121 35.82 42.89 33.16
N ALA C 122 36.13 43.47 32.02
CA ALA C 122 35.37 43.16 30.83
C ALA C 122 35.51 41.72 30.44
N TYR C 123 36.70 41.13 30.58
CA TYR C 123 36.75 39.77 30.13
C TYR C 123 36.00 38.91 31.10
N GLU C 124 35.93 39.32 32.38
CA GLU C 124 35.22 38.48 33.31
C GLU C 124 33.76 38.49 32.94
N LYS C 125 33.24 39.66 32.57
CA LYS C 125 31.83 39.74 32.22
C LYS C 125 31.52 38.86 31.04
N TRP C 126 32.44 38.85 30.11
CA TRP C 126 32.29 38.13 28.87
C TRP C 126 32.41 36.64 29.01
N SER C 127 32.71 36.15 30.22
CA SER C 127 32.81 34.72 30.43
C SER C 127 31.43 34.09 30.43
N ASP C 128 30.39 34.89 30.53
CA ASP C 128 29.05 34.34 30.50
C ASP C 128 28.78 33.68 29.14
N THR C 129 27.88 32.71 29.14
CA THR C 129 27.54 31.95 27.95
C THR C 129 26.72 32.78 27.01
N SER C 130 26.12 33.79 27.60
CA SER C 130 25.25 34.72 26.90
C SER C 130 26.00 35.54 25.85
N PHE C 131 27.33 35.58 25.92
CA PHE C 131 28.04 36.37 24.95
C PHE C 131 28.52 35.67 23.70
N GLY C 132 28.48 34.35 23.66
CA GLY C 132 28.97 33.70 22.45
C GLY C 132 30.42 33.31 22.57
N MET C 133 30.81 32.27 21.82
CA MET C 133 32.16 31.75 21.86
C MET C 133 33.12 32.71 21.19
N VAL C 134 32.64 33.50 20.23
CA VAL C 134 33.57 34.40 19.60
C VAL C 134 34.02 35.41 20.62
N LEU C 135 33.10 35.96 21.39
CA LEU C 135 33.55 36.93 22.33
C LEU C 135 34.30 36.27 23.47
N GLN C 136 33.88 35.08 23.86
CA GLN C 136 34.52 34.39 24.95
C GLN C 136 35.94 34.06 24.62
N ARG C 137 36.21 33.66 23.38
CA ARG C 137 37.56 33.38 23.03
C ARG C 137 38.33 34.66 23.09
N PHE C 138 37.74 35.75 22.68
CA PHE C 138 38.45 37.00 22.79
C PHE C 138 38.73 37.30 24.24
N ALA C 139 37.74 37.10 25.10
CA ALA C 139 37.93 37.35 26.51
C ALA C 139 39.08 36.53 27.02
N TYR C 140 39.19 35.30 26.56
CA TYR C 140 40.29 34.45 26.89
C TYR C 140 41.58 35.06 26.46
N GLU C 141 41.64 35.50 25.22
CA GLU C 141 42.88 36.05 24.73
C GLU C 141 43.26 37.28 25.54
N ILE C 142 42.28 38.07 25.99
CA ILE C 142 42.61 39.22 26.80
C ILE C 142 43.22 38.77 28.09
N ARG C 143 42.59 37.80 28.72
CA ARG C 143 43.10 37.33 29.97
C ARG C 143 44.49 36.78 29.79
N ARG C 144 44.70 36.04 28.72
CA ARG C 144 45.98 35.46 28.45
C ARG C 144 47.02 36.52 28.25
N PHE C 145 46.66 37.56 27.53
CA PHE C 145 47.55 38.65 27.31
C PHE C 145 47.98 39.26 28.59
N LEU C 146 47.02 39.54 29.45
CA LEU C 146 47.44 40.19 30.64
C LEU C 146 48.33 39.30 31.49
N GLU C 147 48.03 38.01 31.57
CA GLU C 147 48.89 37.19 32.39
C GLU C 147 50.30 37.06 31.87
N ASP C 148 50.43 36.84 30.56
CA ASP C 148 51.72 36.60 29.98
C ASP C 148 52.47 37.78 29.47
N VAL C 149 51.80 38.84 29.10
CA VAL C 149 52.52 39.95 28.55
C VAL C 149 52.53 41.10 29.49
N TYR C 150 51.35 41.55 29.87
CA TYR C 150 51.30 42.76 30.66
C TYR C 150 51.93 42.64 32.00
N LEU C 151 51.51 41.63 32.73
CA LEU C 151 52.02 41.46 34.06
C LEU C 151 53.38 40.89 34.00
N LYS C 152 53.67 40.15 32.97
CA LYS C 152 54.98 39.58 32.94
C LYS C 152 55.97 40.68 32.77
N THR C 153 55.68 41.62 31.89
CA THR C 153 56.61 42.70 31.67
C THR C 153 56.71 43.50 32.92
N LEU C 154 55.58 43.80 33.49
CA LEU C 154 55.58 44.59 34.68
C LEU C 154 56.44 43.98 35.74
N VAL C 155 56.26 42.71 36.04
CA VAL C 155 57.03 42.19 37.13
C VAL C 155 58.48 41.98 36.78
N GLU C 156 58.73 41.32 35.66
CA GLU C 156 60.10 41.01 35.34
C GLU C 156 60.92 42.22 35.07
N ARG C 157 60.33 43.23 34.47
CA ARG C 157 61.10 44.38 34.17
C ARG C 157 60.90 45.49 35.17
N LEU C 158 59.67 45.80 35.53
CA LEU C 158 59.57 47.01 36.31
C LEU C 158 59.70 46.78 37.77
N GLU C 159 59.07 45.73 38.27
CA GLU C 159 59.21 45.54 39.70
C GLU C 159 60.66 45.27 39.95
N ARG C 160 61.21 44.42 39.11
CA ARG C 160 62.58 44.08 39.24
C ARG C 160 63.46 45.30 39.27
N ASP C 161 63.30 46.21 38.32
CA ASP C 161 64.21 47.34 38.31
C ASP C 161 63.99 48.26 39.51
N PHE C 162 62.75 48.37 39.97
CA PHE C 162 62.48 49.18 41.15
C PHE C 162 63.33 48.69 42.29
N ASN C 163 63.35 47.38 42.45
CA ASN C 163 64.13 46.79 43.49
C ASN C 163 65.63 46.71 43.24
N LYS C 164 66.02 46.51 41.99
CA LYS C 164 67.42 46.24 41.68
C LYS C 164 68.27 47.28 40.98
N VAL C 165 67.68 48.31 40.38
CA VAL C 165 68.47 49.23 39.58
C VAL C 165 68.70 50.66 40.11
N PRO C 166 69.95 51.03 40.37
CA PRO C 166 70.33 52.35 40.76
C PRO C 166 69.95 53.15 39.57
N ASN C 167 69.55 54.36 39.78
CA ASN C 167 69.12 55.26 38.72
C ASN C 167 67.83 54.83 38.06
N PHE C 168 67.12 53.88 38.63
CA PHE C 168 65.81 53.57 38.11
C PHE C 168 64.94 54.76 38.42
N SER C 169 64.09 55.16 37.47
CA SER C 169 63.25 56.35 37.68
C SER C 169 61.86 56.40 37.02
N ILE C 170 61.06 57.38 37.43
CA ILE C 170 59.71 57.52 36.87
C ILE C 170 59.72 57.79 35.37
N ARG C 171 60.74 58.49 34.89
CA ARG C 171 60.83 58.78 33.49
C ARG C 171 61.14 57.52 32.69
N GLU C 172 61.72 56.55 33.37
CA GLU C 172 62.11 55.31 32.78
C GLU C 172 60.88 54.47 32.65
N LEU C 173 60.01 54.54 33.64
CA LEU C 173 58.83 53.72 33.56
C LEU C 173 58.09 54.08 32.31
N GLU C 174 57.99 55.36 32.02
CA GLU C 174 57.28 55.72 30.83
C GLU C 174 57.98 55.18 29.61
N GLN C 175 59.30 55.31 29.56
CA GLN C 175 60.02 54.83 28.42
C GLN C 175 59.83 53.36 28.19
N ILE C 176 59.90 52.56 29.26
CA ILE C 176 59.79 51.11 29.15
C ILE C 176 58.43 50.69 28.69
N ILE C 177 57.41 51.32 29.22
CA ILE C 177 56.09 50.93 28.82
C ILE C 177 55.95 51.09 27.33
N ASN C 178 56.44 52.19 26.80
CA ASN C 178 56.36 52.36 25.38
C ASN C 178 57.38 51.49 24.65
N GLU C 179 58.53 51.25 25.24
CA GLU C 179 59.60 50.50 24.62
C GLU C 179 59.16 49.11 24.20
N THR C 180 58.37 48.46 25.02
CA THR C 180 57.96 47.10 24.72
C THR C 180 56.69 47.06 23.90
N GLU C 181 56.12 48.22 23.64
CA GLU C 181 54.85 48.41 22.97
C GLU C 181 53.69 47.75 23.67
N VAL C 182 53.86 47.45 24.94
CA VAL C 182 52.76 46.85 25.65
C VAL C 182 51.60 47.81 25.70
N ASN C 183 51.89 49.10 25.70
CA ASN C 183 50.84 50.06 25.72
C ASN C 183 50.10 50.11 24.43
N LYS C 184 50.68 49.65 23.34
CA LYS C 184 49.95 49.73 22.12
C LYS C 184 49.07 48.56 22.08
N GLN C 185 49.55 47.47 22.63
CA GLN C 185 48.73 46.29 22.61
C GLN C 185 47.54 46.56 23.49
N MET C 186 47.78 47.20 24.63
CA MET C 186 46.66 47.50 25.47
C MET C 186 45.77 48.53 24.89
N GLU C 187 46.34 49.50 24.18
CA GLU C 187 45.51 50.52 23.62
C GLU C 187 44.60 49.91 22.59
N LEU C 188 45.12 48.98 21.81
CA LEU C 188 44.28 48.36 20.82
C LEU C 188 43.20 47.57 21.50
N LEU C 189 43.54 46.84 22.56
CA LEU C 189 42.53 46.04 23.21
C LEU C 189 41.50 46.93 23.83
N TYR C 190 41.95 48.02 24.36
CA TYR C 190 41.08 48.94 24.98
C TYR C 190 40.12 49.50 23.97
N ASN C 191 40.63 49.87 22.83
CA ASN C 191 39.76 50.44 21.83
C ASN C 191 38.81 49.41 21.28
N ILE C 192 39.20 48.14 21.26
CA ILE C 192 38.27 47.12 20.83
C ILE C 192 37.18 47.07 21.86
N TYR C 193 37.58 47.09 23.13
CA TYR C 193 36.60 47.11 24.17
C TYR C 193 35.66 48.25 23.99
N GLU C 194 36.18 49.42 23.74
CA GLU C 194 35.30 50.54 23.62
C GLU C 194 34.39 50.39 22.45
N GLU C 195 34.88 49.84 21.36
CA GLU C 195 34.02 49.71 20.21
C GLU C 195 32.94 48.72 20.46
N ILE C 196 33.27 47.61 21.09
CA ILE C 196 32.22 46.65 21.30
C ILE C 196 31.29 47.16 22.34
N PHE C 197 31.83 47.84 23.32
CA PHE C 197 31.03 48.34 24.36
C PHE C 197 30.03 49.33 23.86
N ARG C 198 30.48 50.30 23.06
CA ARG C 198 29.53 51.26 22.57
C ARG C 198 28.54 50.59 21.66
N GLU C 199 28.96 49.53 20.98
CA GLU C 199 28.06 48.82 20.11
C GLU C 199 27.00 48.15 20.94
N ILE C 200 27.39 47.59 22.08
CA ILE C 200 26.41 46.96 22.94
C ILE C 200 25.45 48.00 23.44
N GLU C 201 25.95 49.15 23.83
CA GLU C 201 25.05 50.15 24.32
C GLU C 201 24.11 50.62 23.23
N GLU C 202 24.57 50.71 22.01
CA GLU C 202 23.66 51.13 20.97
C GLU C 202 22.59 50.08 20.77
N ARG C 203 22.99 48.82 20.79
CA ARG C 203 22.07 47.73 20.63
C ARG C 203 21.08 47.65 21.77
N ARG C 204 21.56 47.90 22.97
CA ARG C 204 20.74 47.87 24.15
C ARG C 204 19.75 48.99 24.09
N THR C 205 20.21 50.16 23.64
CA THR C 205 19.37 51.33 23.52
C THR C 205 18.26 51.09 22.53
N ASN C 206 18.59 50.47 21.43
CA ASN C 206 17.65 50.27 20.38
C ASN C 206 16.71 49.10 20.59
N GLN C 207 15.81 49.26 21.54
CA GLN C 207 14.82 48.21 21.80
C GLN C 207 13.65 48.34 20.85
N SER C 208 13.28 49.58 20.53
CA SER C 208 12.15 49.85 19.66
C SER C 208 12.60 50.01 18.22
N SER C 209 13.87 50.29 18.06
CA SER C 209 14.50 50.51 16.78
C SER C 209 15.10 49.21 16.32
N HIS C 227 13.05 30.21 -5.55
CA HIS C 227 14.05 29.98 -6.57
C HIS C 227 14.86 28.75 -6.28
N LEU C 228 15.15 28.54 -5.01
CA LEU C 228 15.96 27.45 -4.56
C LEU C 228 15.24 26.30 -3.89
N ARG C 229 13.91 26.31 -3.83
CA ARG C 229 13.17 25.27 -3.11
C ARG C 229 13.66 25.13 -1.66
N LEU C 230 13.85 26.25 -0.99
CA LEU C 230 14.36 26.21 0.38
C LEU C 230 13.52 26.96 1.35
N MET C 231 13.38 26.46 2.56
CA MET C 231 12.66 27.28 3.50
C MET C 231 13.58 28.29 4.14
N VAL C 232 13.77 29.42 3.50
CA VAL C 232 14.75 30.39 3.99
C VAL C 232 14.22 31.73 4.42
N ALA C 233 14.13 31.88 5.74
CA ALA C 233 13.58 33.07 6.34
C ALA C 233 14.64 33.84 7.02
N PHE C 234 14.46 35.13 7.06
CA PHE C 234 15.39 35.93 7.78
C PHE C 234 14.93 36.11 9.18
N ASP C 235 15.89 36.22 10.04
CA ASP C 235 15.71 36.57 11.40
C ASP C 235 16.41 37.91 11.51
N THR C 236 15.63 38.95 11.64
CA THR C 236 16.14 40.30 11.63
C THR C 236 16.44 40.78 13.01
N THR C 237 16.31 39.90 13.98
CA THR C 237 16.58 40.24 15.35
C THR C 237 17.99 40.71 15.51
N VAL C 238 18.12 41.83 16.20
CA VAL C 238 19.41 42.38 16.50
C VAL C 238 19.67 41.99 17.92
N TYR C 239 20.75 41.32 18.16
CA TYR C 239 20.97 40.84 19.48
C TYR C 239 21.61 41.91 20.34
N PRO C 240 21.27 42.03 21.63
CA PRO C 240 21.90 42.96 22.55
C PRO C 240 23.42 42.86 22.49
N VAL C 241 23.90 41.64 22.34
CA VAL C 241 25.30 41.39 22.23
C VAL C 241 25.59 41.01 20.81
N PRO C 242 26.49 41.68 20.11
CA PRO C 242 26.82 41.32 18.78
C PRO C 242 27.49 39.98 18.91
N LYS C 243 27.16 39.05 18.06
CA LYS C 243 27.78 37.74 18.08
C LYS C 243 28.22 37.32 16.70
N GLY C 244 29.12 36.34 16.64
CA GLY C 244 29.52 35.80 15.35
C GLY C 244 30.15 36.87 14.50
N GLY C 245 29.62 37.03 13.30
CA GLY C 245 30.12 37.99 12.34
C GLY C 245 30.08 39.40 12.89
N ALA C 246 29.13 39.70 13.75
CA ALA C 246 29.02 41.03 14.27
C ALA C 246 30.27 41.42 15.03
N ILE C 247 30.98 40.44 15.57
CA ILE C 247 32.17 40.72 16.32
C ILE C 247 33.33 40.70 15.38
N LEU C 248 33.32 39.74 14.48
CA LEU C 248 34.44 39.57 13.59
C LEU C 248 34.58 40.83 12.75
N LYS C 249 33.47 41.47 12.44
CA LYS C 249 33.45 42.71 11.71
C LYS C 249 34.16 43.82 12.46
N ILE C 250 34.14 43.79 13.79
CA ILE C 250 34.78 44.84 14.53
C ILE C 250 36.23 44.72 14.31
N PHE C 251 36.72 43.51 14.41
CA PHE C 251 38.14 43.32 14.23
C PHE C 251 38.56 43.71 12.86
N GLN C 252 37.76 43.35 11.88
CA GLN C 252 38.15 43.70 10.54
C GLN C 252 38.17 45.18 10.38
N GLN C 253 37.19 45.85 10.95
CA GLN C 253 37.17 47.26 10.81
C GLN C 253 38.33 47.88 11.54
N LYS C 254 38.71 47.34 12.68
CA LYS C 254 39.83 47.95 13.36
C LYS C 254 41.10 47.72 12.58
N ILE C 255 41.24 46.58 11.95
CA ILE C 255 42.46 46.38 11.20
C ILE C 255 42.54 47.41 10.12
N LEU C 256 41.42 47.70 9.49
CA LEU C 256 41.39 48.68 8.44
C LEU C 256 41.67 50.09 8.91
N GLU C 257 41.66 50.33 10.21
CA GLU C 257 41.92 51.64 10.75
C GLU C 257 43.35 51.74 11.26
N ASN C 258 44.08 50.63 11.21
CA ASN C 258 45.45 50.57 11.69
C ASN C 258 46.39 50.31 10.56
N LEU C 259 45.92 50.54 9.38
CA LEU C 259 46.72 50.24 8.22
C LEU C 259 47.95 51.10 8.21
N GLY C 260 49.06 50.45 7.90
CA GLY C 260 50.37 51.08 7.83
C GLY C 260 51.18 50.81 9.09
N ASP C 261 50.50 50.42 10.16
CA ASP C 261 51.18 50.10 11.39
C ASP C 261 51.38 48.63 11.38
N ARG C 262 52.51 48.20 10.88
CA ARG C 262 52.61 46.78 10.69
C ARG C 262 52.58 46.03 11.99
N SER C 263 53.16 46.60 13.03
CA SER C 263 53.17 45.91 14.29
C SER C 263 51.75 45.75 14.80
N SER C 264 50.99 46.83 14.73
CA SER C 264 49.65 46.77 15.24
C SER C 264 48.76 45.87 14.45
N VAL C 265 48.89 45.87 13.14
CA VAL C 265 47.99 45.01 12.43
C VAL C 265 48.44 43.61 12.61
N MET C 266 49.73 43.34 12.67
CA MET C 266 50.14 41.98 12.88
C MET C 266 49.48 41.45 14.12
N PHE C 267 49.51 42.25 15.17
CA PHE C 267 48.93 41.86 16.41
C PHE C 267 47.46 41.59 16.23
N LEU C 268 46.75 42.50 15.59
CA LEU C 268 45.33 42.34 15.40
C LEU C 268 44.97 41.15 14.55
N LYS C 269 45.78 40.87 13.54
CA LYS C 269 45.50 39.76 12.67
C LYS C 269 45.69 38.47 13.40
N LYS C 270 46.76 38.40 14.19
CA LYS C 270 47.03 37.21 14.95
C LYS C 270 45.89 36.98 15.87
N LEU C 271 45.47 38.05 16.51
CA LEU C 271 44.41 38.01 17.44
C LEU C 271 43.16 37.57 16.77
N LEU C 272 42.82 38.11 15.62
CA LEU C 272 41.60 37.71 14.99
C LEU C 272 41.63 36.26 14.62
N ASN C 273 42.74 35.79 14.11
CA ASN C 273 42.79 34.40 13.72
C ASN C 273 42.67 33.48 14.92
N ASN C 274 43.02 33.95 16.11
CA ASN C 274 42.89 33.13 17.28
C ASN C 274 41.52 33.30 17.93
N ILE C 275 40.67 34.10 17.34
CA ILE C 275 39.32 34.31 17.84
C ILE C 275 38.35 33.56 16.99
N SER C 276 38.53 33.70 15.70
CA SER C 276 37.70 33.13 14.67
C SER C 276 37.87 31.64 14.50
N GLN C 277 38.84 31.06 15.15
CA GLN C 277 39.16 29.66 15.00
C GLN C 277 38.00 28.70 15.22
N ASP C 278 37.16 28.97 16.20
CA ASP C 278 36.07 28.02 16.41
C ASP C 278 34.97 28.31 15.46
N TYR C 279 34.83 29.58 15.11
CA TYR C 279 33.82 29.99 14.18
C TYR C 279 34.07 29.28 12.88
N CYS C 280 35.32 29.30 12.48
CA CYS C 280 35.75 28.69 11.25
C CYS C 280 35.52 27.21 11.28
N THR C 281 35.78 26.59 12.42
CA THR C 281 35.56 25.17 12.53
C THR C 281 34.08 24.89 12.35
N MET C 282 33.24 25.70 12.99
CA MET C 282 31.81 25.54 12.88
C MET C 282 31.37 25.68 11.44
N LEU C 283 31.94 26.64 10.73
CA LEU C 283 31.59 26.81 9.35
C LEU C 283 32.03 25.63 8.54
N TYR C 284 33.22 25.14 8.81
CA TYR C 284 33.74 24.02 8.09
C TYR C 284 32.83 22.85 8.21
N GLU C 285 32.44 22.50 9.43
CA GLU C 285 31.60 21.33 9.53
C GLU C 285 30.27 21.57 8.84
N TRP C 286 29.72 22.76 8.94
CA TRP C 286 28.51 22.96 8.21
C TRP C 286 28.73 22.66 6.74
N LEU C 287 29.76 23.22 6.15
CA LEU C 287 29.99 23.05 4.74
C LEU C 287 30.52 21.72 4.27
N THR C 288 31.21 20.96 5.10
CA THR C 288 31.71 19.69 4.63
C THR C 288 30.95 18.51 5.19
N GLN C 289 30.26 18.68 6.31
CA GLN C 289 29.49 17.63 6.91
C GLN C 289 28.00 17.89 6.95
N GLY C 290 27.58 19.16 6.82
CA GLY C 290 26.19 19.48 6.95
C GLY C 290 25.80 19.51 8.40
N ILE C 291 26.77 19.80 9.25
CA ILE C 291 26.49 19.79 10.65
C ILE C 291 26.32 21.13 11.24
N LEU C 292 25.15 21.32 11.81
CA LEU C 292 24.82 22.52 12.49
C LEU C 292 24.97 22.26 13.96
N ASN C 293 25.84 22.99 14.59
CA ASN C 293 26.08 22.82 16.01
C ASN C 293 26.38 24.19 16.57
N ASP C 294 25.37 24.82 17.12
CA ASP C 294 25.50 26.21 17.52
C ASP C 294 24.86 26.52 18.87
N PRO C 295 25.44 26.05 19.97
CA PRO C 295 24.90 26.15 21.31
C PRO C 295 24.77 27.57 21.81
N TYR C 296 25.49 28.49 21.17
CA TYR C 296 25.44 29.87 21.58
C TYR C 296 24.71 30.75 20.57
N GLN C 297 24.08 30.10 19.59
CA GLN C 297 23.32 30.79 18.57
C GLN C 297 24.09 31.89 17.82
N GLU C 298 25.32 31.59 17.40
CA GLU C 298 26.18 32.55 16.69
C GLU C 298 26.26 32.33 15.19
N PHE C 299 25.64 31.30 14.69
CA PHE C 299 25.76 30.95 13.29
C PHE C 299 24.50 31.24 12.53
N MET C 300 24.62 31.74 11.33
CA MET C 300 23.41 31.96 10.57
C MET C 300 22.99 30.58 10.13
N THR C 301 21.71 30.35 9.92
CA THR C 301 21.17 29.06 9.53
C THR C 301 20.84 28.27 10.77
N TYR C 302 19.72 28.59 11.35
CA TYR C 302 19.28 27.81 12.48
C TYR C 302 17.99 27.20 12.09
N ASP C 303 17.57 26.15 12.76
CA ASP C 303 16.33 25.52 12.42
C ASP C 303 15.58 25.02 13.64
N ASP C 304 14.48 24.33 13.41
CA ASP C 304 13.62 23.86 14.48
C ASP C 304 14.01 22.48 15.00
N LEU C 305 13.26 21.99 15.99
CA LEU C 305 13.34 20.67 16.61
C LEU C 305 14.57 20.45 17.48
N GLU C 306 15.74 20.70 16.92
CA GLU C 306 17.03 20.54 17.57
C GLU C 306 17.34 19.06 17.73
N ARG C 318 11.41 11.76 11.30
CA ARG C 318 10.41 12.55 10.60
C ARG C 318 10.62 14.04 10.75
N ALA C 319 9.69 14.81 10.18
CA ALA C 319 9.70 16.26 10.28
C ALA C 319 11.00 16.88 9.82
N TRP C 320 11.49 16.45 8.67
CA TRP C 320 12.75 16.98 8.22
C TRP C 320 12.67 18.30 7.45
N ASP C 321 11.51 18.63 6.86
CA ASP C 321 11.40 19.86 6.06
C ASP C 321 11.09 21.05 6.96
N THR C 322 12.08 21.46 7.73
CA THR C 322 11.91 22.54 8.68
C THR C 322 12.38 23.83 8.08
N GLN C 323 12.04 24.94 8.71
CA GLN C 323 12.52 26.22 8.20
C GLN C 323 13.87 26.58 8.71
N TYR C 324 14.68 27.16 7.82
CA TYR C 324 15.97 27.63 8.17
C TYR C 324 15.92 29.12 8.31
N PHE C 325 16.61 29.60 9.30
CA PHE C 325 16.60 31.00 9.55
C PHE C 325 17.96 31.63 9.44
N ILE C 326 17.98 32.79 8.85
CA ILE C 326 19.19 33.53 8.69
C ILE C 326 19.31 34.65 9.67
N ARG C 327 20.27 34.53 10.54
CA ARG C 327 20.46 35.56 11.52
C ARG C 327 21.26 36.61 10.86
N LYS C 328 20.56 37.58 10.29
CA LYS C 328 21.23 38.59 9.51
C LYS C 328 22.32 39.23 10.35
N ASP C 329 22.04 39.39 11.63
CA ASP C 329 22.91 40.04 12.56
C ASP C 329 24.20 39.27 12.88
N VAL C 330 24.35 38.01 12.46
CA VAL C 330 25.61 37.35 12.79
C VAL C 330 26.39 37.08 11.53
N LEU C 331 25.93 37.62 10.40
CA LEU C 331 26.57 37.36 9.13
C LEU C 331 27.88 38.05 9.03
N LEU C 332 28.75 37.46 8.23
CA LEU C 332 30.06 38.00 7.95
C LEU C 332 30.00 39.14 6.96
N ARG C 333 29.03 39.09 6.09
CA ARG C 333 28.86 40.06 5.03
C ARG C 333 27.42 40.44 4.99
N ASP C 334 27.08 41.49 4.29
CA ASP C 334 25.70 41.85 4.18
C ASP C 334 25.04 40.84 3.28
N CYS C 335 23.73 40.81 3.31
CA CYS C 335 22.96 39.94 2.44
C CYS C 335 22.10 40.82 1.57
N ASP C 336 22.60 42.01 1.26
CA ASP C 336 21.84 42.90 0.42
C ASP C 336 22.34 42.86 -1.01
N SER C 337 23.64 42.63 -1.20
CA SER C 337 24.19 42.56 -2.54
C SER C 337 23.72 41.24 -3.15
N GLU C 338 23.64 41.17 -4.47
CA GLU C 338 23.18 39.91 -5.02
C GLU C 338 24.22 38.85 -4.88
N GLU C 339 25.45 39.26 -5.01
CA GLU C 339 26.53 38.33 -4.98
C GLU C 339 26.68 37.68 -3.62
N ASP C 340 26.48 38.42 -2.55
CA ASP C 340 26.65 37.80 -1.28
C ASP C 340 25.41 37.01 -0.96
N LYS C 341 24.24 37.44 -1.41
CA LYS C 341 23.12 36.59 -1.14
C LYS C 341 23.33 35.24 -1.78
N ASN C 342 23.85 35.25 -3.00
CA ASN C 342 24.03 34.01 -3.68
C ASN C 342 25.00 33.13 -2.96
N LEU C 343 26.04 33.74 -2.40
CA LEU C 343 27.01 32.98 -1.68
C LEU C 343 26.41 32.41 -0.42
N LEU C 344 25.60 33.18 0.27
CA LEU C 344 25.00 32.70 1.48
C LEU C 344 24.10 31.54 1.19
N PHE C 345 23.36 31.62 0.11
CA PHE C 345 22.48 30.53 -0.17
C PHE C 345 23.26 29.33 -0.57
N LYS C 346 24.35 29.51 -1.30
CA LYS C 346 25.09 28.35 -1.68
C LYS C 346 25.62 27.65 -0.43
N MET C 347 26.10 28.41 0.55
CA MET C 347 26.60 27.78 1.76
C MET C 347 25.50 27.05 2.48
N LEU C 348 24.34 27.63 2.47
CA LEU C 348 23.21 26.99 3.09
C LEU C 348 22.88 25.69 2.41
N ARG C 349 22.79 25.71 1.10
CA ARG C 349 22.40 24.54 0.37
C ARG C 349 23.43 23.47 0.55
N THR C 350 24.69 23.85 0.60
CA THR C 350 25.74 22.88 0.71
C THR C 350 25.50 22.04 1.93
N GLY C 351 25.31 22.70 3.06
CA GLY C 351 25.14 21.95 4.27
C GLY C 351 23.86 21.14 4.27
N ILE C 352 22.82 21.67 3.66
CA ILE C 352 21.58 20.93 3.63
C ILE C 352 21.72 19.66 2.85
N LEU C 353 22.36 19.71 1.69
CA LEU C 353 22.48 18.49 0.94
C LEU C 353 23.25 17.47 1.74
N LEU C 354 24.26 17.91 2.43
CA LEU C 354 25.04 17.00 3.22
C LEU C 354 24.22 16.46 4.37
N LYS C 355 23.38 17.30 4.95
CA LYS C 355 22.51 16.90 6.04
C LYS C 355 21.59 15.80 5.56
N VAL C 356 21.08 15.95 4.35
CA VAL C 356 20.22 14.93 3.81
C VAL C 356 20.96 13.65 3.66
N VAL C 357 22.17 13.72 3.14
CA VAL C 357 22.93 12.51 2.96
C VAL C 357 23.21 11.85 4.28
N ARG C 358 23.60 12.62 5.29
CA ARG C 358 23.85 11.94 6.54
C ARG C 358 22.61 11.28 7.06
N ALA C 359 21.46 11.95 6.92
CA ALA C 359 20.25 11.33 7.39
C ALA C 359 19.91 10.10 6.59
N SER C 360 20.09 10.17 5.29
CA SER C 360 19.70 9.11 4.39
C SER C 360 20.52 7.86 4.61
N LEU C 361 21.79 8.04 4.86
CA LEU C 361 22.66 6.92 5.07
C LEU C 361 22.74 6.54 6.52
N GLN C 362 22.03 7.26 7.37
CA GLN C 362 22.08 7.03 8.80
C GLN C 362 23.52 7.02 9.32
N ILE C 363 24.28 8.05 8.98
CA ILE C 363 25.66 8.14 9.41
C ILE C 363 25.94 9.41 10.16
N PRO C 364 26.85 9.40 11.13
CA PRO C 364 27.25 10.58 11.84
C PRO C 364 28.11 11.51 11.02
N THR C 365 28.75 10.97 10.00
CA THR C 365 29.67 11.77 9.24
C THR C 365 29.92 11.24 7.87
N ILE C 366 30.27 12.14 7.00
CA ILE C 366 30.63 11.78 5.66
C ILE C 366 32.15 11.85 5.51
N PRO C 367 32.83 10.74 5.25
CA PRO C 367 34.27 10.68 5.18
C PRO C 367 34.76 11.35 3.94
N SER C 368 36.03 11.74 3.95
CA SER C 368 36.64 12.38 2.80
C SER C 368 36.69 11.48 1.59
N ASN C 369 36.73 10.18 1.82
CA ASN C 369 36.83 9.26 0.73
C ASN C 369 35.48 8.95 0.13
N SER C 370 34.46 9.65 0.59
CA SER C 370 33.14 9.52 0.04
C SER C 370 33.07 10.18 -1.31
N SER C 371 34.06 11.02 -1.63
CA SER C 371 34.05 11.74 -2.87
C SER C 371 35.45 11.89 -3.38
N ASP C 372 35.58 12.42 -4.57
CA ASP C 372 36.91 12.68 -5.10
C ASP C 372 37.36 14.07 -4.75
N ILE C 373 36.55 14.75 -3.95
CA ILE C 373 36.84 16.09 -3.55
C ILE C 373 37.11 16.09 -2.08
N THR C 374 38.30 16.54 -1.72
CA THR C 374 38.65 16.58 -0.33
C THR C 374 38.91 18.03 0.01
N ILE C 375 38.38 18.45 1.14
CA ILE C 375 38.49 19.85 1.51
C ILE C 375 39.16 20.05 2.83
N GLN C 376 40.16 20.89 2.81
CA GLN C 376 40.96 21.23 3.97
C GLN C 376 40.19 22.14 4.88
N GLU C 377 40.58 22.12 6.13
CA GLU C 377 39.98 22.95 7.13
C GLU C 377 40.33 24.38 6.92
N ILE C 378 39.53 25.22 7.49
CA ILE C 378 39.80 26.62 7.42
C ILE C 378 40.70 26.88 8.58
N ASN C 379 41.91 27.32 8.32
CA ASN C 379 42.85 27.55 9.38
C ASN C 379 43.28 28.98 9.42
N ASP C 380 42.66 29.79 8.59
CA ASP C 380 43.00 31.19 8.53
C ASP C 380 41.82 32.00 8.04
N PHE C 381 41.08 32.51 8.99
CA PHE C 381 39.89 33.26 8.71
C PHE C 381 40.20 34.46 7.91
N ALA C 382 41.21 35.19 8.35
CA ALA C 382 41.49 36.41 7.65
C ALA C 382 41.77 36.11 6.21
N ASP C 383 42.49 35.03 5.94
CA ASP C 383 42.77 34.72 4.56
C ASP C 383 41.51 34.38 3.82
N LEU C 384 40.63 33.63 4.45
CA LEU C 384 39.42 33.27 3.77
C LEU C 384 38.62 34.49 3.37
N MET C 385 38.70 35.54 4.18
CA MET C 385 37.94 36.74 3.95
C MET C 385 38.61 37.74 3.00
N GLU C 386 39.77 37.39 2.44
CA GLU C 386 40.53 38.25 1.54
C GLU C 386 39.90 38.56 0.21
N GLY C 387 38.84 37.86 -0.12
CA GLY C 387 38.12 38.06 -1.36
C GLY C 387 38.40 36.93 -2.30
N SER C 388 37.36 36.46 -2.97
CA SER C 388 37.40 35.35 -3.94
C SER C 388 37.64 33.98 -3.30
N ASN C 389 38.54 33.92 -2.33
CA ASN C 389 38.85 32.69 -1.65
C ASN C 389 37.63 32.12 -0.98
N LEU C 390 36.77 32.97 -0.44
CA LEU C 390 35.59 32.46 0.22
C LEU C 390 34.67 31.82 -0.77
N GLU C 391 34.47 32.48 -1.88
CA GLU C 391 33.57 31.95 -2.85
C GLU C 391 34.07 30.65 -3.37
N LEU C 392 35.35 30.56 -3.63
CA LEU C 392 35.83 29.31 -4.14
C LEU C 392 35.81 28.23 -3.11
N TYR C 393 36.08 28.55 -1.86
CA TYR C 393 36.05 27.54 -0.85
C TYR C 393 34.67 26.96 -0.81
N VAL C 394 33.69 27.84 -0.83
CA VAL C 394 32.33 27.41 -0.79
C VAL C 394 31.99 26.63 -2.03
N ASP C 395 32.41 27.08 -3.21
CA ASP C 395 32.08 26.33 -4.39
C ASP C 395 32.61 24.94 -4.33
N LYS C 396 33.80 24.77 -3.78
CA LYS C 396 34.33 23.43 -3.72
C LYS C 396 33.47 22.60 -2.81
N CYS C 397 33.06 23.18 -1.70
CA CYS C 397 32.23 22.47 -0.74
C CYS C 397 30.90 22.11 -1.37
N TYR C 398 30.35 23.03 -2.11
CA TYR C 398 29.08 22.87 -2.76
C TYR C 398 29.15 21.81 -3.82
N SER C 399 30.19 21.84 -4.61
CA SER C 399 30.36 20.88 -5.65
C SER C 399 30.43 19.52 -5.03
N ARG C 400 31.18 19.40 -3.95
CA ARG C 400 31.30 18.15 -3.25
C ARG C 400 29.98 17.70 -2.72
N ALA C 401 29.21 18.61 -2.15
CA ALA C 401 27.93 18.22 -1.62
C ALA C 401 27.05 17.66 -2.72
N ASN C 402 27.13 18.24 -3.93
CA ASN C 402 26.33 17.73 -5.00
C ASN C 402 26.89 16.42 -5.50
N GLU C 403 28.20 16.28 -5.55
CA GLU C 403 28.73 15.02 -6.02
C GLU C 403 28.24 13.87 -5.19
N ILE C 404 28.29 14.05 -3.89
CA ILE C 404 27.91 13.02 -2.98
C ILE C 404 26.43 12.80 -3.04
N PHE C 405 25.69 13.87 -2.99
CA PHE C 405 24.25 13.80 -3.03
C PHE C 405 23.73 13.10 -4.26
N LEU C 406 24.23 13.50 -5.42
CA LEU C 406 23.72 12.95 -6.64
C LEU C 406 24.09 11.48 -6.74
N LYS C 407 25.28 11.10 -6.30
CA LYS C 407 25.64 9.69 -6.33
C LYS C 407 24.62 8.93 -5.51
N LEU C 408 24.25 9.48 -4.39
CA LEU C 408 23.26 8.78 -3.62
C LEU C 408 21.96 8.70 -4.37
N PHE C 409 21.48 9.80 -4.90
CA PHE C 409 20.18 9.76 -5.53
C PHE C 409 20.10 8.92 -6.79
N PHE C 410 21.16 8.83 -7.54
CA PHE C 410 21.10 8.05 -8.74
C PHE C 410 21.68 6.67 -8.61
N GLN C 411 22.04 6.27 -7.41
CA GLN C 411 22.58 4.94 -7.22
C GLN C 411 21.90 4.35 -6.03
N GLY C 412 21.92 5.07 -4.93
CA GLY C 412 21.26 4.60 -3.73
C GLY C 412 19.76 4.58 -3.97
N TYR C 413 19.28 5.56 -4.70
CA TYR C 413 17.85 5.61 -4.95
C TYR C 413 17.34 5.41 -6.37
N ASP C 414 18.20 5.27 -7.36
CA ASP C 414 17.68 5.14 -8.71
C ASP C 414 16.66 6.19 -9.03
N LEU C 415 16.96 7.43 -8.73
CA LEU C 415 15.98 8.47 -8.94
C LEU C 415 15.38 8.44 -10.33
N ILE C 416 16.13 8.10 -11.35
CA ILE C 416 15.52 8.09 -12.66
C ILE C 416 14.39 7.08 -12.73
N ASN C 417 14.54 5.92 -12.09
CA ASN C 417 13.47 4.95 -12.21
C ASN C 417 12.28 5.48 -11.47
N VAL C 418 12.54 6.17 -10.39
CA VAL C 418 11.47 6.70 -9.61
C VAL C 418 10.72 7.67 -10.45
N LEU C 419 11.45 8.49 -11.14
CA LEU C 419 10.84 9.46 -11.97
C LEU C 419 10.13 8.85 -13.14
N LYS C 420 10.66 7.81 -13.77
CA LYS C 420 9.84 7.33 -14.87
C LYS C 420 8.57 6.77 -14.30
N HIS C 421 8.62 6.24 -13.08
CA HIS C 421 7.41 5.70 -12.52
C HIS C 421 6.46 6.84 -12.29
N LEU C 422 6.97 7.96 -11.82
CA LEU C 422 6.10 9.09 -11.55
C LEU C 422 5.49 9.61 -12.83
N GLN C 423 6.27 9.66 -13.89
CA GLN C 423 5.79 10.15 -15.16
C GLN C 423 4.72 9.23 -15.69
N GLN C 424 4.92 7.93 -15.52
CA GLN C 424 3.95 6.94 -15.95
C GLN C 424 2.66 7.09 -15.18
N ILE C 425 2.76 7.57 -13.93
CA ILE C 425 1.57 7.76 -13.15
C ILE C 425 0.84 9.06 -13.46
N PHE C 426 1.55 10.20 -13.48
CA PHE C 426 0.84 11.45 -13.65
C PHE C 426 0.88 12.15 -14.98
N LEU C 427 1.74 11.72 -15.88
CA LEU C 427 1.77 12.32 -17.19
C LEU C 427 1.16 11.25 -18.00
N GLY C 428 1.27 10.06 -17.44
CA GLY C 428 0.81 8.88 -18.11
C GLY C 428 1.83 8.58 -19.19
N TYR C 429 3.06 8.93 -18.92
CA TYR C 429 4.05 8.77 -19.94
C TYR C 429 4.31 7.33 -20.19
N GLN C 430 4.12 6.94 -21.42
CA GLN C 430 4.26 5.57 -21.84
C GLN C 430 3.42 4.64 -20.99
N SER C 431 2.23 5.07 -20.62
CA SER C 431 1.40 4.20 -19.83
C SER C 431 -0.06 4.27 -20.25
N GLY C 432 -0.35 4.50 -21.55
CA GLY C 432 -1.74 4.61 -22.01
C GLY C 432 -2.44 3.29 -21.78
N HIS C 433 -1.62 2.27 -21.66
CA HIS C 433 -1.93 0.91 -21.40
C HIS C 433 -2.65 0.81 -20.07
N ASN C 434 -2.12 1.50 -19.08
CA ASN C 434 -2.64 1.40 -17.75
C ASN C 434 -3.75 2.40 -17.58
N VAL C 435 -3.69 3.48 -18.34
CA VAL C 435 -4.74 4.45 -18.25
C VAL C 435 -5.99 3.82 -18.77
N LEU C 436 -5.88 3.16 -19.91
CA LEU C 436 -6.99 2.54 -20.52
C LEU C 436 -7.54 1.41 -19.70
N LYS C 437 -6.68 0.56 -19.11
CA LYS C 437 -7.31 -0.54 -18.42
C LYS C 437 -8.11 -0.01 -17.24
N PHE C 438 -7.62 1.02 -16.56
CA PHE C 438 -8.38 1.45 -15.41
C PHE C 438 -9.61 2.20 -15.85
N LEU C 439 -9.43 3.07 -16.83
CA LEU C 439 -10.49 3.89 -17.33
C LEU C 439 -11.62 3.04 -17.85
N THR C 440 -11.29 1.99 -18.59
CA THR C 440 -12.32 1.16 -19.15
C THR C 440 -13.11 0.48 -18.06
N LYS C 441 -12.41 -0.09 -17.07
CA LYS C 441 -13.08 -0.81 -16.01
C LYS C 441 -14.06 0.06 -15.26
N ASN C 442 -13.72 1.31 -15.07
CA ASN C 442 -14.55 2.24 -14.34
C ASN C 442 -15.13 3.32 -15.24
N MET C 443 -15.27 3.06 -16.52
CA MET C 443 -15.71 4.11 -17.43
C MET C 443 -17.07 4.71 -17.09
N GLY C 444 -17.99 3.89 -16.62
CA GLY C 444 -19.33 4.37 -16.33
C GLY C 444 -19.46 4.84 -14.91
N GLU C 445 -18.37 4.86 -14.19
CA GLU C 445 -18.38 5.21 -12.80
C GLU C 445 -18.06 6.67 -12.61
N LEU C 446 -17.86 7.35 -13.72
CA LEU C 446 -17.47 8.74 -13.80
C LEU C 446 -18.61 9.56 -14.36
N THR C 447 -19.81 9.14 -14.01
CA THR C 447 -21.02 9.76 -14.47
C THR C 447 -21.84 10.48 -13.40
N LYS C 448 -21.60 10.21 -12.11
CA LYS C 448 -22.49 10.75 -11.08
C LYS C 448 -21.98 11.72 -10.00
N HIS C 449 -20.75 11.57 -9.50
CA HIS C 449 -20.42 12.34 -8.29
C HIS C 449 -20.43 13.86 -8.46
N TYR C 450 -20.20 14.32 -9.66
CA TYR C 450 -20.14 15.73 -9.89
C TYR C 450 -21.49 16.31 -10.18
N ARG C 451 -22.52 15.48 -10.26
CA ARG C 451 -23.83 16.01 -10.55
C ARG C 451 -24.51 16.37 -9.26
N ASN C 452 -23.87 17.27 -8.52
CA ASN C 452 -24.29 17.74 -7.22
C ASN C 452 -24.59 16.58 -6.26
N ASP C 453 -23.77 15.54 -6.29
CA ASP C 453 -24.02 14.38 -5.45
C ASP C 453 -23.06 14.26 -4.30
N ASN C 454 -23.56 14.33 -3.08
CA ASN C 454 -22.66 14.19 -1.95
C ASN C 454 -22.44 12.69 -1.82
N ASN C 455 -21.57 12.22 -2.69
CA ASN C 455 -21.28 10.84 -2.91
C ASN C 455 -20.30 10.36 -1.88
N ALA C 456 -20.77 9.54 -0.97
CA ALA C 456 -19.94 8.97 0.07
C ALA C 456 -19.98 7.47 -0.07
N ASN C 457 -20.35 7.02 -1.27
CA ASN C 457 -20.48 5.61 -1.59
C ASN C 457 -19.80 5.24 -2.89
N TYR C 458 -18.58 5.73 -3.04
CA TYR C 458 -17.73 5.47 -4.20
C TYR C 458 -16.60 4.58 -3.74
N ASP C 459 -16.78 3.98 -2.57
CA ASP C 459 -15.82 3.13 -1.91
C ASP C 459 -15.50 1.92 -2.74
N LYS C 460 -16.45 1.51 -3.54
CA LYS C 460 -16.32 0.43 -4.48
C LYS C 460 -15.32 0.77 -5.58
N LEU C 461 -15.13 2.05 -5.89
CA LEU C 461 -14.25 2.43 -6.97
C LEU C 461 -12.91 2.59 -6.37
N LEU C 462 -12.92 3.01 -5.13
CA LEU C 462 -11.72 3.19 -4.37
C LEU C 462 -11.13 1.81 -4.22
N GLN C 463 -11.98 0.84 -3.88
CA GLN C 463 -11.52 -0.50 -3.73
C GLN C 463 -11.08 -1.04 -5.09
N ASN C 464 -11.78 -0.72 -6.18
CA ASN C 464 -11.32 -1.24 -7.46
C ASN C 464 -9.92 -0.75 -7.71
N PHE C 465 -9.66 0.51 -7.38
CA PHE C 465 -8.33 1.08 -7.51
C PHE C 465 -7.32 0.32 -6.71
N GLU C 466 -7.63 0.06 -5.44
CA GLU C 466 -6.69 -0.62 -4.60
C GLU C 466 -6.42 -2.01 -5.15
N LEU C 467 -7.45 -2.67 -5.63
CA LEU C 467 -7.27 -4.01 -6.13
C LEU C 467 -6.37 -4.00 -7.33
N GLU C 468 -6.52 -3.00 -8.19
CA GLU C 468 -5.68 -2.92 -9.35
C GLU C 468 -4.24 -2.61 -8.93
N ARG C 469 -4.09 -1.74 -7.93
CA ARG C 469 -2.77 -1.34 -7.41
C ARG C 469 -2.01 -2.54 -6.88
N GLN C 470 -2.73 -3.48 -6.29
CA GLN C 470 -2.18 -4.69 -5.72
C GLN C 470 -1.57 -5.60 -6.76
N SER C 471 -1.91 -5.42 -8.03
CA SER C 471 -1.39 -6.26 -9.07
C SER C 471 -0.03 -5.76 -9.56
N GLU C 472 0.37 -4.55 -9.14
CA GLU C 472 1.58 -3.97 -9.65
C GLU C 472 2.81 -4.55 -8.98
N ASN C 473 3.92 -4.51 -9.71
CA ASN C 473 5.17 -5.00 -9.19
C ASN C 473 5.53 -4.21 -7.93
N PRO C 474 5.76 -4.86 -6.77
CA PRO C 474 6.00 -4.26 -5.47
C PRO C 474 7.22 -3.38 -5.42
N ASN C 475 8.11 -3.53 -6.40
CA ASN C 475 9.31 -2.74 -6.42
C ASN C 475 8.98 -1.31 -6.79
N ASN C 476 7.84 -1.11 -7.42
CA ASN C 476 7.50 0.20 -7.87
C ASN C 476 6.78 0.93 -6.76
N LEU C 477 7.58 1.52 -5.89
CA LEU C 477 7.06 2.18 -4.72
C LEU C 477 6.07 3.27 -5.07
N MET C 478 6.34 3.94 -6.17
CA MET C 478 5.50 5.04 -6.60
C MET C 478 4.10 4.58 -6.90
N ARG C 479 3.92 3.31 -7.26
CA ARG C 479 2.58 2.82 -7.50
C ARG C 479 2.02 2.36 -6.17
N GLN C 480 2.87 1.77 -5.34
CA GLN C 480 2.45 1.19 -4.08
C GLN C 480 1.86 2.25 -3.17
N LEU C 481 2.38 3.46 -3.26
CA LEU C 481 1.95 4.60 -2.47
C LEU C 481 0.84 5.45 -3.09
N LEU C 482 0.39 5.13 -4.28
CA LEU C 482 -0.58 5.98 -4.94
C LEU C 482 -1.95 5.90 -4.29
N MET C 483 -2.59 7.04 -4.09
CA MET C 483 -3.92 7.07 -3.48
C MET C 483 -4.91 7.90 -4.27
N ILE C 484 -6.18 7.49 -4.24
CA ILE C 484 -7.27 8.24 -4.85
C ILE C 484 -8.03 9.06 -3.82
N GLN C 485 -8.19 10.35 -4.09
CA GLN C 485 -8.87 11.27 -3.21
C GLN C 485 -9.83 12.19 -3.96
N PHE C 486 -10.82 12.75 -3.27
CA PHE C 486 -11.73 13.68 -3.94
C PHE C 486 -11.66 15.11 -3.43
N ASP C 487 -11.81 16.01 -4.38
CA ASP C 487 -11.83 17.44 -4.21
C ASP C 487 -13.23 18.00 -4.12
N THR C 488 -13.35 19.32 -3.98
CA THR C 488 -14.62 20.00 -3.91
C THR C 488 -14.77 20.84 -5.16
N GLU C 489 -13.64 21.12 -5.81
CA GLU C 489 -13.62 21.88 -7.05
C GLU C 489 -13.20 20.97 -8.17
N THR C 490 -13.79 21.16 -9.32
CA THR C 490 -13.41 20.37 -10.44
C THR C 490 -12.25 20.99 -11.15
N LEU C 491 -11.62 20.24 -12.02
CA LEU C 491 -10.45 20.75 -12.68
C LEU C 491 -10.52 22.19 -13.22
N PRO C 492 -11.54 22.62 -14.02
CA PRO C 492 -11.61 23.96 -14.57
C PRO C 492 -11.86 25.02 -13.54
N GLN C 493 -12.35 24.64 -12.38
CA GLN C 493 -12.63 25.63 -11.38
C GLN C 493 -11.30 25.94 -10.73
N VAL C 494 -10.51 24.89 -10.62
CA VAL C 494 -9.19 24.98 -10.06
C VAL C 494 -8.31 25.78 -11.00
N LEU C 495 -8.35 25.43 -12.29
CA LEU C 495 -7.52 26.14 -13.26
C LEU C 495 -7.93 27.58 -13.41
N SER C 496 -9.22 27.89 -13.43
CA SER C 496 -9.59 29.27 -13.62
C SER C 496 -9.05 30.09 -12.49
N HIS C 497 -9.07 29.53 -11.29
CA HIS C 497 -8.52 30.26 -10.21
C HIS C 497 -7.01 30.48 -10.39
N TYR C 498 -6.26 29.43 -10.65
CA TYR C 498 -4.80 29.61 -10.66
C TYR C 498 -4.21 30.31 -11.83
N LEU C 499 -4.83 30.21 -12.97
CA LEU C 499 -4.31 30.84 -14.16
C LEU C 499 -5.03 32.14 -14.48
N GLN C 500 -5.87 32.63 -13.56
CA GLN C 500 -6.59 33.87 -13.80
C GLN C 500 -7.31 33.84 -15.13
N ILE C 501 -8.03 32.76 -15.36
CA ILE C 501 -8.72 32.57 -16.62
C ILE C 501 -9.99 33.32 -16.51
N TYR C 502 -10.31 34.15 -17.49
CA TYR C 502 -11.57 34.86 -17.40
C TYR C 502 -12.58 33.74 -17.15
N PRO C 503 -13.28 33.74 -16.00
CA PRO C 503 -14.07 32.62 -15.51
C PRO C 503 -15.32 32.30 -16.28
N ALA C 556 -17.10 21.99 -14.13
CA ALA C 556 -18.02 21.55 -13.08
C ALA C 556 -18.08 20.04 -13.05
N ILE C 557 -17.25 19.43 -13.87
CA ILE C 557 -17.20 17.98 -13.96
C ILE C 557 -15.86 17.40 -13.47
N TYR C 558 -15.94 16.43 -12.55
CA TYR C 558 -14.87 15.62 -11.93
C TYR C 558 -14.01 16.19 -10.82
N HIS C 559 -14.23 15.62 -9.64
CA HIS C 559 -13.54 16.01 -8.42
C HIS C 559 -12.46 15.03 -8.05
N LEU C 560 -12.18 14.10 -8.92
CA LEU C 560 -11.21 13.09 -8.56
C LEU C 560 -9.78 13.56 -8.76
N LYS C 561 -8.89 13.07 -7.90
CA LYS C 561 -7.46 13.34 -8.01
C LYS C 561 -6.62 12.26 -7.34
N PHE C 562 -5.36 12.15 -7.72
CA PHE C 562 -4.49 11.19 -7.05
C PHE C 562 -3.27 11.81 -6.44
N ASP C 563 -2.74 11.20 -5.40
CA ASP C 563 -1.50 11.73 -4.84
C ASP C 563 -0.59 10.61 -4.38
N ILE C 564 0.58 11.00 -3.91
CA ILE C 564 1.56 10.06 -3.38
C ILE C 564 2.23 10.65 -2.15
N ASN C 565 2.39 9.89 -1.09
CA ASN C 565 3.10 10.45 0.02
C ASN C 565 4.57 10.28 -0.27
N ILE C 566 5.14 11.25 -0.94
CA ILE C 566 6.50 11.10 -1.39
C ILE C 566 7.34 11.13 -0.13
N PRO C 567 8.16 10.10 0.14
CA PRO C 567 8.98 9.98 1.31
C PRO C 567 10.21 10.83 1.23
N TYR C 568 10.68 11.18 2.39
CA TYR C 568 11.96 11.79 2.55
C TYR C 568 12.91 10.67 2.29
N PRO C 569 14.03 10.91 1.65
CA PRO C 569 14.56 12.14 1.13
C PRO C 569 14.13 12.47 -0.27
N LEU C 570 13.26 11.72 -0.88
CA LEU C 570 13.12 12.02 -2.29
C LEU C 570 12.23 13.19 -2.49
N ASN C 571 11.43 13.47 -1.48
CA ASN C 571 10.48 14.58 -1.48
C ASN C 571 11.15 15.91 -1.35
N ILE C 572 12.47 15.91 -1.26
CA ILE C 572 13.16 17.15 -1.19
C ILE C 572 13.21 17.67 -2.61
N ILE C 573 13.25 16.75 -3.59
CA ILE C 573 13.26 17.16 -4.97
C ILE C 573 11.84 17.12 -5.43
N ILE C 574 11.17 16.02 -5.11
CA ILE C 574 9.82 15.96 -5.59
C ILE C 574 8.98 16.63 -4.55
N SER C 575 8.89 17.91 -4.74
CA SER C 575 8.24 18.84 -3.87
C SER C 575 6.76 18.73 -3.95
N ARG C 576 6.07 19.37 -3.02
CA ARG C 576 4.63 19.36 -3.10
C ARG C 576 4.21 20.13 -4.32
N THR C 577 4.96 21.16 -4.66
CA THR C 577 4.64 21.95 -5.83
C THR C 577 4.62 21.02 -7.01
N CYS C 578 5.60 20.15 -7.09
CA CYS C 578 5.63 19.24 -8.20
C CYS C 578 4.40 18.38 -8.20
N MET C 579 4.05 17.84 -7.03
CA MET C 579 2.94 16.93 -6.97
C MET C 579 1.60 17.57 -7.29
N ILE C 580 1.41 18.82 -6.93
CA ILE C 580 0.14 19.42 -7.24
C ILE C 580 0.06 19.68 -8.73
N LYS C 581 1.20 20.03 -9.35
CA LYS C 581 1.19 20.23 -10.78
C LYS C 581 0.90 18.93 -11.46
N TYR C 582 1.46 17.86 -10.92
CA TYR C 582 1.22 16.56 -11.47
C TYR C 582 -0.25 16.19 -11.42
N GLN C 583 -0.94 16.54 -10.33
CA GLN C 583 -2.36 16.24 -10.27
C GLN C 583 -3.11 16.99 -11.33
N ILE C 584 -2.72 18.23 -11.57
CA ILE C 584 -3.41 19.00 -12.58
C ILE C 584 -3.23 18.38 -13.92
N ILE C 585 -2.00 17.98 -14.23
CA ILE C 585 -1.75 17.43 -15.54
C ILE C 585 -2.53 16.18 -15.70
N LEU C 586 -2.47 15.32 -14.70
CA LEU C 586 -3.14 14.08 -14.84
C LEU C 586 -4.61 14.26 -14.97
N ARG C 587 -5.22 15.13 -14.18
CA ARG C 587 -6.66 15.28 -14.31
C ARG C 587 -7.01 15.77 -15.68
N TYR C 588 -6.22 16.70 -16.22
CA TYR C 588 -6.50 17.21 -17.54
C TYR C 588 -6.46 16.09 -18.56
N GLN C 589 -5.41 15.31 -18.50
CA GLN C 589 -5.27 14.23 -19.45
C GLN C 589 -6.36 13.21 -19.29
N LEU C 590 -6.74 12.91 -18.05
CA LEU C 590 -7.77 11.93 -17.86
C LEU C 590 -9.06 12.41 -18.44
N VAL C 591 -9.35 13.70 -18.32
CA VAL C 591 -10.58 14.19 -18.90
C VAL C 591 -10.55 14.00 -20.39
N LEU C 592 -9.44 14.31 -21.01
CA LEU C 592 -9.38 14.13 -22.43
C LEU C 592 -9.54 12.66 -22.79
N GLN C 593 -8.91 11.79 -22.00
CA GLN C 593 -9.02 10.37 -22.26
C GLN C 593 -10.43 9.88 -22.05
N TYR C 594 -11.15 10.48 -21.10
CA TYR C 594 -12.49 10.08 -20.84
C TYR C 594 -13.32 10.36 -22.05
N HIS C 595 -13.20 11.56 -22.59
CA HIS C 595 -14.03 11.91 -23.72
C HIS C 595 -13.63 11.13 -24.93
N SER C 596 -12.34 10.87 -25.07
CA SER C 596 -11.90 10.13 -26.21
C SER C 596 -12.46 8.72 -26.11
N ARG C 597 -12.38 8.13 -24.93
CA ARG C 597 -12.86 6.78 -24.73
C ARG C 597 -14.37 6.71 -24.97
N LEU C 598 -15.12 7.75 -24.59
CA LEU C 598 -16.56 7.74 -24.85
C LEU C 598 -16.78 7.72 -26.35
N LEU C 599 -15.99 8.50 -27.08
CA LEU C 599 -16.10 8.56 -28.51
C LEU C 599 -15.66 7.23 -29.14
N ASP C 600 -14.72 6.54 -28.50
CA ASP C 600 -14.27 5.28 -29.03
C ASP C 600 -15.40 4.26 -28.91
N GLU C 601 -16.11 4.31 -27.79
CA GLU C 601 -17.20 3.38 -27.58
C GLU C 601 -18.35 3.72 -28.50
N THR C 602 -18.54 5.01 -28.69
CA THR C 602 -19.62 5.50 -29.49
C THR C 602 -19.51 5.05 -30.94
N TRP C 603 -18.32 5.13 -31.56
CA TRP C 603 -18.32 4.67 -32.95
C TRP C 603 -18.50 3.16 -32.95
N MET C 604 -18.03 2.47 -31.90
CA MET C 604 -18.22 1.04 -31.90
C MET C 604 -19.69 0.71 -31.91
N ASP C 605 -20.51 1.46 -31.20
CA ASP C 605 -21.93 1.16 -31.28
C ASP C 605 -22.48 1.54 -32.65
N LEU C 606 -22.16 2.74 -33.11
CA LEU C 606 -22.78 3.23 -34.33
C LEU C 606 -22.47 2.41 -35.55
N ASN C 607 -21.26 1.90 -35.64
CA ASN C 607 -20.89 1.17 -36.81
C ASN C 607 -20.98 -0.35 -36.66
N LYS C 608 -21.46 -0.84 -35.51
CA LYS C 608 -21.53 -2.29 -35.29
C LYS C 608 -22.91 -2.78 -34.93
N THR C 609 -23.62 -2.06 -34.06
CA THR C 609 -24.95 -2.44 -33.65
C THR C 609 -25.81 -2.23 -34.87
N PRO C 610 -26.69 -3.18 -35.29
CA PRO C 610 -27.46 -3.11 -36.51
C PRO C 610 -28.58 -2.11 -36.54
N SER C 611 -28.18 -0.85 -36.36
CA SER C 611 -29.00 0.32 -36.50
C SER C 611 -28.53 0.76 -37.84
N TRP C 612 -27.34 0.25 -38.17
CA TRP C 612 -26.75 0.53 -39.46
C TRP C 612 -27.48 -0.26 -40.53
N LYS C 613 -28.28 -1.19 -40.06
CA LYS C 613 -29.07 -2.14 -40.81
C LYS C 613 -30.41 -1.55 -41.21
N TYR C 614 -30.74 -0.38 -40.68
CA TYR C 614 -32.01 0.21 -40.99
C TYR C 614 -31.99 0.62 -42.46
N ARG C 615 -33.10 0.37 -43.16
CA ARG C 615 -33.25 0.74 -44.55
C ARG C 615 -34.66 1.24 -44.65
N GLY C 616 -35.48 0.64 -43.81
CA GLY C 616 -36.93 0.81 -43.80
C GLY C 616 -37.31 2.07 -43.07
N TYR C 617 -36.73 3.16 -43.48
CA TYR C 617 -36.90 4.44 -42.87
C TYR C 617 -36.67 5.45 -43.96
N SER C 618 -36.40 4.92 -45.15
CA SER C 618 -36.13 5.70 -46.35
C SER C 618 -34.86 6.51 -46.28
N HIS C 619 -34.58 7.18 -47.39
CA HIS C 619 -33.41 8.02 -47.51
C HIS C 619 -33.61 9.28 -46.73
N THR C 620 -34.86 9.52 -46.39
CA THR C 620 -35.26 10.67 -45.63
C THR C 620 -34.80 10.52 -44.19
N VAL C 621 -34.36 9.33 -43.80
CA VAL C 621 -33.76 9.11 -42.51
C VAL C 621 -32.31 8.72 -42.75
N LYS C 622 -32.06 7.84 -43.72
CA LYS C 622 -30.71 7.37 -43.97
C LYS C 622 -29.74 8.54 -44.15
N ARG C 623 -30.14 9.59 -44.86
CA ARG C 623 -29.20 10.66 -45.00
C ARG C 623 -29.23 11.64 -43.84
N ARG C 624 -30.33 12.35 -43.66
CA ARG C 624 -30.37 13.41 -42.66
C ARG C 624 -30.19 12.94 -41.21
N ILE C 625 -30.48 11.68 -40.89
CA ILE C 625 -30.23 11.18 -39.55
C ILE C 625 -29.01 10.29 -39.49
N VAL C 626 -28.93 9.27 -40.34
CA VAL C 626 -27.81 8.36 -40.17
C VAL C 626 -26.49 8.88 -40.68
N ARG C 627 -26.41 9.34 -41.95
CA ARG C 627 -25.13 9.89 -42.36
C ARG C 627 -24.81 11.10 -41.54
N ALA C 628 -25.82 11.92 -41.24
CA ALA C 628 -25.56 13.11 -40.44
C ALA C 628 -24.99 12.77 -39.07
N THR C 629 -25.52 11.74 -38.42
CA THR C 629 -25.01 11.36 -37.12
C THR C 629 -23.59 10.88 -37.20
N ARG C 630 -23.33 10.03 -38.18
CA ARG C 630 -22.02 9.45 -38.25
C ARG C 630 -20.96 10.48 -38.61
N VAL C 631 -21.28 11.45 -39.48
CA VAL C 631 -20.25 12.41 -39.78
C VAL C 631 -20.03 13.36 -38.63
N LEU C 632 -21.08 13.76 -37.92
CA LEU C 632 -20.87 14.69 -36.84
C LEU C 632 -19.99 13.99 -35.82
N HIS C 633 -20.27 12.71 -35.60
CA HIS C 633 -19.49 11.93 -34.69
C HIS C 633 -18.04 11.87 -35.13
N ALA C 634 -17.79 11.56 -36.40
CA ALA C 634 -16.41 11.50 -36.83
C ALA C 634 -15.71 12.83 -36.66
N LYS C 635 -16.40 13.95 -36.93
CA LYS C 635 -15.73 15.23 -36.78
C LYS C 635 -15.30 15.39 -35.34
N MET C 636 -16.15 14.98 -34.42
CA MET C 636 -15.82 15.04 -33.02
C MET C 636 -14.65 14.14 -32.67
N ASN C 637 -14.58 12.95 -33.26
CA ASN C 637 -13.50 12.04 -32.95
C ASN C 637 -12.20 12.62 -33.40
N HIS C 638 -12.23 13.26 -34.56
CA HIS C 638 -11.04 13.84 -35.11
C HIS C 638 -10.61 15.00 -34.28
N PHE C 639 -11.56 15.83 -33.85
CA PHE C 639 -11.23 16.99 -33.05
C PHE C 639 -10.59 16.59 -31.74
N ILE C 640 -11.22 15.68 -31.01
CA ILE C 640 -10.66 15.33 -29.72
C ILE C 640 -9.32 14.70 -29.85
N LYS C 641 -9.15 13.79 -30.78
CA LYS C 641 -7.85 13.21 -30.82
C LYS C 641 -6.84 14.21 -31.30
N THR C 642 -7.18 15.10 -32.23
CA THR C 642 -6.17 16.02 -32.70
C THR C 642 -5.65 16.84 -31.53
N ILE C 643 -6.56 17.28 -30.65
CA ILE C 643 -6.12 18.04 -29.51
C ILE C 643 -5.25 17.19 -28.61
N MET C 644 -5.66 15.95 -28.38
CA MET C 644 -4.86 15.11 -27.53
C MET C 644 -3.49 14.83 -28.09
N GLU C 645 -3.40 14.63 -29.40
CA GLU C 645 -2.12 14.34 -30.03
C GLU C 645 -1.26 15.55 -29.85
N TYR C 646 -1.86 16.74 -30.00
CA TYR C 646 -1.11 17.94 -29.73
C TYR C 646 -0.59 18.00 -28.34
N PHE C 647 -1.46 17.77 -27.38
CA PHE C 647 -1.00 17.92 -26.05
C PHE C 647 0.08 16.90 -25.74
N ASN C 648 -0.13 15.68 -26.09
CA ASN C 648 0.85 14.72 -25.73
C ASN C 648 2.15 14.84 -26.51
N GLN C 649 2.07 15.23 -27.77
CA GLN C 649 3.27 15.28 -28.58
C GLN C 649 4.01 16.61 -28.54
N ASN C 650 3.29 17.72 -28.41
CA ASN C 650 3.95 19.01 -28.44
C ASN C 650 4.11 19.58 -27.07
N VAL C 651 3.64 18.88 -26.05
CA VAL C 651 3.75 19.41 -24.71
C VAL C 651 4.42 18.40 -23.81
N ILE C 652 3.79 17.26 -23.64
CA ILE C 652 4.29 16.33 -22.66
C ILE C 652 5.56 15.65 -23.07
N ASP C 653 5.62 15.18 -24.30
CA ASP C 653 6.79 14.44 -24.68
C ASP C 653 8.01 15.33 -24.71
N LYS C 654 7.86 16.61 -25.08
CA LYS C 654 9.08 17.39 -25.12
C LYS C 654 9.59 17.66 -23.73
N GLU C 655 8.69 17.78 -22.76
CA GLU C 655 9.18 18.02 -21.43
C GLU C 655 9.89 16.80 -20.90
N VAL C 656 9.40 15.63 -21.28
CA VAL C 656 10.06 14.44 -20.80
C VAL C 656 11.45 14.36 -21.36
N TYR C 657 11.63 14.68 -22.63
CA TYR C 657 12.97 14.61 -23.15
C TYR C 657 13.82 15.62 -22.48
N SER C 658 13.26 16.78 -22.16
CA SER C 658 14.05 17.78 -21.50
C SER C 658 14.56 17.21 -20.21
N LEU C 659 13.70 16.53 -19.47
CA LEU C 659 14.15 15.99 -18.22
C LEU C 659 15.23 14.97 -18.41
N GLU C 660 15.10 14.12 -19.40
CA GLU C 660 16.14 13.14 -19.52
C GLU C 660 17.45 13.73 -19.98
N LYS C 661 17.38 14.68 -20.92
CA LYS C 661 18.62 15.23 -21.41
C LYS C 661 19.21 16.23 -20.43
N CYS C 662 18.38 16.83 -19.58
CA CYS C 662 18.95 17.75 -18.62
C CYS C 662 19.64 16.93 -17.58
N TYR C 663 19.18 15.70 -17.42
CA TYR C 663 19.79 14.82 -16.50
C TYR C 663 21.10 14.28 -17.00
N ARG C 664 21.04 13.35 -17.94
CA ARG C 664 22.18 12.63 -18.49
C ARG C 664 23.25 12.18 -17.48
N ASN C 665 23.95 13.16 -16.96
CA ASN C 665 25.02 13.06 -15.99
C ASN C 665 25.06 14.43 -15.31
N PRO C 666 24.14 14.70 -14.39
CA PRO C 666 23.85 15.98 -13.82
C PRO C 666 24.94 16.40 -12.89
N THR C 667 25.11 17.69 -12.70
CA THR C 667 26.06 18.16 -11.72
C THR C 667 25.42 18.83 -10.52
N LEU C 668 24.18 19.30 -10.67
CA LEU C 668 23.57 20.01 -9.56
C LEU C 668 22.19 19.57 -9.21
N ALA C 669 22.01 19.30 -7.93
CA ALA C 669 20.71 18.87 -7.44
C ALA C 669 19.68 19.93 -7.73
N VAL C 670 20.09 21.18 -7.62
CA VAL C 670 19.20 22.28 -7.84
C VAL C 670 18.74 22.30 -9.28
N ALA C 671 19.64 22.03 -10.21
CA ALA C 671 19.28 22.06 -11.61
C ALA C 671 18.20 21.04 -11.88
N ILE C 672 18.28 19.92 -11.20
CA ILE C 672 17.29 18.88 -11.37
C ILE C 672 15.96 19.35 -10.86
N GLN C 673 15.97 19.95 -9.69
CA GLN C 673 14.76 20.44 -9.09
C GLN C 673 14.16 21.49 -9.97
N ASN C 674 15.02 22.30 -10.54
CA ASN C 674 14.59 23.38 -11.35
C ASN C 674 13.95 22.90 -12.61
N GLU C 675 14.55 21.94 -13.28
CA GLU C 675 13.93 21.54 -14.51
C GLU C 675 12.64 20.83 -14.21
N LEU C 676 12.61 20.06 -13.12
CA LEU C 676 11.39 19.36 -12.86
C LEU C 676 10.25 20.34 -12.70
N GLU C 677 10.41 21.33 -11.84
CA GLU C 677 9.31 22.25 -11.69
C GLU C 677 9.13 23.08 -12.94
N GLY C 678 10.23 23.41 -13.61
CA GLY C 678 10.20 24.25 -14.78
C GLY C 678 9.30 23.66 -15.85
N GLY C 679 9.54 22.41 -16.19
CA GLY C 679 8.73 21.78 -17.21
C GLY C 679 7.30 21.71 -16.77
N LEU C 680 7.07 21.38 -15.51
CA LEU C 680 5.70 21.28 -15.10
C LEU C 680 5.03 22.63 -15.24
N THR C 681 5.73 23.73 -14.92
CA THR C 681 5.14 25.03 -15.10
C THR C 681 4.89 25.31 -16.56
N ASN C 682 5.82 24.95 -17.44
CA ASN C 682 5.62 25.25 -18.85
C ASN C 682 4.33 24.63 -19.31
N ILE C 683 4.02 23.45 -18.78
CA ILE C 683 2.82 22.75 -19.10
C ILE C 683 1.63 23.49 -18.53
N MET C 684 1.72 23.91 -17.27
CA MET C 684 0.63 24.64 -16.61
C MET C 684 0.28 25.90 -17.37
N THR C 685 1.28 26.48 -17.99
CA THR C 685 1.17 27.69 -18.76
C THR C 685 0.80 27.50 -20.22
N ASN C 686 0.57 26.26 -20.62
CA ASN C 686 0.20 25.99 -21.99
C ASN C 686 -1.12 26.68 -22.27
N ARG C 687 -1.23 27.21 -23.49
CA ARG C 687 -2.41 27.94 -23.94
C ARG C 687 -3.67 27.08 -23.76
N CYS C 688 -3.52 25.75 -23.90
CA CYS C 688 -4.64 24.85 -23.77
C CYS C 688 -5.17 24.78 -22.35
N LEU C 689 -4.38 25.17 -21.35
CA LEU C 689 -4.90 25.13 -20.00
C LEU C 689 -5.34 26.51 -19.59
N SER C 690 -4.72 27.51 -20.18
CA SER C 690 -4.99 28.89 -19.86
C SER C 690 -6.15 29.54 -20.60
N ASP C 691 -6.07 29.58 -21.91
CA ASP C 691 -7.03 30.34 -22.68
C ASP C 691 -8.18 29.55 -23.23
N LEU C 692 -7.92 28.29 -23.55
CA LEU C 692 -8.92 27.50 -24.25
C LEU C 692 -9.82 26.65 -23.39
N ILE C 693 -9.60 26.59 -22.09
CA ILE C 693 -10.41 25.70 -21.30
C ILE C 693 -11.88 25.94 -21.43
N PRO C 694 -12.41 27.16 -21.36
CA PRO C 694 -13.83 27.39 -21.50
C PRO C 694 -14.46 26.71 -22.72
N LEU C 695 -13.72 26.60 -23.84
CA LEU C 695 -14.36 25.99 -24.99
C LEU C 695 -14.16 24.51 -24.97
N GLN C 696 -13.11 24.06 -24.31
CA GLN C 696 -12.90 22.63 -24.23
C GLN C 696 -14.03 22.10 -23.42
N LEU C 697 -14.44 22.85 -22.42
CA LEU C 697 -15.52 22.44 -21.58
C LEU C 697 -16.80 22.38 -22.38
N GLN C 698 -17.02 23.35 -23.27
CA GLN C 698 -18.24 23.26 -24.06
C GLN C 698 -18.20 22.00 -24.91
N ILE C 699 -17.04 21.70 -25.47
CA ILE C 699 -16.92 20.50 -26.26
C ILE C 699 -17.16 19.27 -25.42
N PHE C 700 -16.64 19.23 -24.21
CA PHE C 700 -16.82 18.10 -23.35
C PHE C 700 -18.28 17.89 -23.03
N ASP C 701 -19.01 18.98 -22.79
CA ASP C 701 -20.43 18.81 -22.52
C ASP C 701 -21.10 18.22 -23.75
N ILE C 702 -20.67 18.67 -24.92
CA ILE C 702 -21.20 18.18 -26.18
C ILE C 702 -20.90 16.72 -26.38
N VAL C 703 -19.68 16.32 -26.10
CA VAL C 703 -19.34 14.92 -26.27
C VAL C 703 -20.14 14.09 -25.35
N TYR C 704 -20.27 14.50 -24.10
CA TYR C 704 -20.98 13.67 -23.19
C TYR C 704 -22.41 13.53 -23.65
N LYS C 705 -23.03 14.67 -24.02
CA LYS C 705 -24.41 14.64 -24.44
C LYS C 705 -24.65 13.81 -25.68
N PHE C 706 -23.76 13.87 -26.65
CA PHE C 706 -24.04 13.14 -27.86
C PHE C 706 -23.81 11.67 -27.59
N CYS C 707 -22.81 11.35 -26.79
CA CYS C 707 -22.53 9.97 -26.49
C CYS C 707 -23.67 9.35 -25.70
N LYS C 708 -24.32 10.11 -24.80
CA LYS C 708 -25.44 9.51 -24.06
C LYS C 708 -26.70 9.46 -24.94
N PHE C 709 -26.79 10.35 -25.94
CA PHE C 709 -27.92 10.38 -26.87
C PHE C 709 -27.90 9.07 -27.65
N ILE C 710 -26.71 8.71 -28.11
CA ILE C 710 -26.43 7.50 -28.86
C ILE C 710 -26.67 6.27 -27.98
N LYS C 711 -27.00 5.15 -28.61
CA LYS C 711 -27.34 3.86 -27.97
C LYS C 711 -28.80 3.88 -27.53
N SER C 712 -29.15 4.86 -26.74
CA SER C 712 -30.52 5.01 -26.28
C SER C 712 -31.43 5.41 -27.45
N MET C 713 -31.05 6.45 -28.19
CA MET C 713 -31.86 6.90 -29.30
C MET C 713 -31.70 5.93 -30.46
N ARG C 714 -30.55 5.25 -30.50
CA ARG C 714 -30.26 4.27 -31.52
C ARG C 714 -31.28 3.16 -31.45
N ALA C 715 -31.51 2.69 -30.22
CA ALA C 715 -32.48 1.67 -29.99
C ALA C 715 -33.87 2.16 -30.27
N LYS C 716 -34.19 3.40 -29.90
CA LYS C 716 -35.55 3.88 -30.10
C LYS C 716 -35.96 3.87 -31.55
N LEU C 717 -35.02 4.21 -32.44
CA LEU C 717 -35.24 4.28 -33.87
C LEU C 717 -35.61 2.94 -34.48
N CYS C 718 -35.37 1.84 -33.77
CA CYS C 718 -35.71 0.57 -34.35
C CYS C 718 -37.20 0.45 -34.50
N GLN C 719 -37.99 1.20 -33.72
CA GLN C 719 -39.44 1.06 -33.81
C GLN C 719 -39.93 1.49 -35.18
N LEU C 720 -39.16 2.27 -35.92
CA LEU C 720 -39.64 2.72 -37.20
C LEU C 720 -39.35 1.74 -38.31
N ASP C 721 -38.28 0.97 -38.17
CA ASP C 721 -37.81 0.12 -39.24
C ASP C 721 -38.07 -1.36 -38.95
N PRO C 722 -38.94 -2.05 -39.72
CA PRO C 722 -39.39 -3.41 -39.51
C PRO C 722 -38.25 -4.39 -39.51
N VAL C 723 -37.09 -4.01 -40.06
CA VAL C 723 -35.98 -4.93 -40.08
C VAL C 723 -35.60 -5.30 -38.64
N LEU C 724 -35.82 -4.39 -37.68
CA LEU C 724 -35.61 -4.73 -36.28
C LEU C 724 -36.93 -4.78 -35.52
N TYR C 725 -37.89 -3.90 -35.80
CA TYR C 725 -39.02 -3.96 -34.87
C TYR C 725 -39.89 -5.18 -34.98
N GLU C 726 -39.93 -5.82 -36.18
CA GLU C 726 -40.81 -6.96 -36.43
C GLU C 726 -40.24 -8.22 -35.91
N GLY C 751 -48.04 -4.54 -33.35
CA GLY C 751 -46.68 -4.05 -33.51
C GLY C 751 -46.66 -2.58 -33.87
N TYR C 752 -45.54 -2.12 -34.39
CA TYR C 752 -45.40 -0.72 -34.74
C TYR C 752 -46.14 -0.21 -35.97
N GLN C 753 -46.74 0.96 -35.76
CA GLN C 753 -47.33 1.87 -36.72
C GLN C 753 -47.86 3.04 -35.93
N GLU C 754 -46.94 3.86 -35.46
CA GLU C 754 -47.29 4.96 -34.61
C GLU C 754 -46.69 6.29 -35.03
N ASP C 755 -47.45 7.33 -34.78
CA ASP C 755 -46.99 8.67 -35.06
C ASP C 755 -45.80 9.00 -34.18
N ALA C 756 -45.67 8.26 -33.08
CA ALA C 756 -44.60 8.42 -32.12
C ALA C 756 -43.25 8.21 -32.79
N ALA C 757 -43.17 7.31 -33.77
CA ALA C 757 -41.90 7.13 -34.43
C ALA C 757 -41.68 8.28 -35.35
N LEU C 758 -42.76 8.85 -35.84
CA LEU C 758 -42.58 9.96 -36.75
C LEU C 758 -42.16 11.17 -35.91
N GLU C 759 -42.63 11.23 -34.65
CA GLU C 759 -42.22 12.29 -33.71
C GLU C 759 -40.75 12.09 -33.38
N LEU C 760 -40.32 10.83 -33.26
CA LEU C 760 -38.94 10.49 -32.99
C LEU C 760 -38.07 10.97 -34.12
N ILE C 761 -38.51 10.79 -35.37
CA ILE C 761 -37.72 11.29 -36.46
C ILE C 761 -37.62 12.77 -36.41
N GLN C 762 -38.70 13.46 -36.13
CA GLN C 762 -38.56 14.89 -36.10
C GLN C 762 -37.67 15.33 -34.94
N LYS C 763 -37.75 14.64 -33.80
CA LYS C 763 -36.90 14.95 -32.66
C LYS C 763 -35.44 14.74 -33.02
N LEU C 764 -35.16 13.63 -33.71
CA LEU C 764 -33.81 13.32 -34.11
C LEU C 764 -33.30 14.35 -35.09
N ILE C 765 -34.13 14.80 -36.03
CA ILE C 765 -33.64 15.78 -36.98
C ILE C 765 -33.32 17.07 -36.27
N GLU C 766 -34.25 17.55 -35.44
CA GLU C 766 -34.00 18.81 -34.77
C GLU C 766 -32.82 18.72 -33.82
N TYR C 767 -32.70 17.60 -33.11
CA TYR C 767 -31.60 17.42 -32.21
C TYR C 767 -30.31 17.49 -32.96
N ILE C 768 -30.22 16.75 -34.07
CA ILE C 768 -29.01 16.69 -34.84
C ILE C 768 -28.69 18.04 -35.44
N SER C 769 -29.68 18.76 -35.95
CA SER C 769 -29.37 20.06 -36.51
C SER C 769 -28.82 20.97 -35.42
N ASN C 770 -29.38 20.89 -34.21
CA ASN C 770 -28.86 21.69 -33.12
C ASN C 770 -27.50 21.16 -32.72
N ALA C 771 -27.33 19.85 -32.75
CA ALA C 771 -26.11 19.21 -32.34
C ALA C 771 -24.96 19.69 -33.19
N SER C 772 -25.22 19.81 -34.49
CA SER C 772 -24.25 20.29 -35.42
C SER C 772 -23.94 21.74 -35.12
N SER C 773 -24.98 22.55 -34.91
CA SER C 773 -24.79 23.95 -34.66
C SER C 773 -23.97 24.24 -33.42
N ILE C 774 -24.23 23.54 -32.32
CA ILE C 774 -23.47 23.87 -31.12
C ILE C 774 -22.04 23.38 -31.23
N PHE C 775 -21.83 22.25 -31.89
CA PHE C 775 -20.48 21.77 -32.10
C PHE C 775 -19.74 22.76 -32.98
N ARG C 776 -20.38 23.19 -34.07
CA ARG C 776 -19.74 24.13 -34.95
C ARG C 776 -19.50 25.45 -34.24
N LYS C 777 -20.42 25.94 -33.42
CA LYS C 777 -20.15 27.20 -32.74
C LYS C 777 -18.91 27.09 -31.90
N CYS C 778 -18.74 25.96 -31.23
CA CYS C 778 -17.57 25.80 -30.41
C CYS C 778 -16.33 25.81 -31.28
N LEU C 779 -16.36 25.11 -32.42
CA LEU C 779 -15.20 25.05 -33.30
C LEU C 779 -14.88 26.41 -33.85
N ILE C 780 -15.91 27.17 -34.13
CA ILE C 780 -15.77 28.51 -34.64
C ILE C 780 -15.15 29.38 -33.60
N ASN C 781 -15.65 29.30 -32.38
CA ASN C 781 -15.14 30.14 -31.34
C ASN C 781 -13.71 29.77 -31.03
N PHE C 782 -13.43 28.49 -31.10
CA PHE C 782 -12.13 27.93 -30.83
C PHE C 782 -11.15 28.43 -31.85
N THR C 783 -11.54 28.34 -33.11
CA THR C 783 -10.72 28.79 -34.20
C THR C 783 -10.44 30.25 -34.04
N GLN C 784 -11.48 31.01 -33.71
CA GLN C 784 -11.32 32.42 -33.56
C GLN C 784 -10.40 32.74 -32.41
N GLU C 785 -10.50 32.03 -31.29
CA GLU C 785 -9.59 32.36 -30.20
C GLU C 785 -8.15 32.08 -30.57
N LEU C 786 -7.91 30.99 -31.28
CA LEU C 786 -6.55 30.64 -31.65
C LEU C 786 -5.96 31.69 -32.58
N SER C 787 -6.81 32.22 -33.45
CA SER C 787 -6.39 33.20 -34.43
C SER C 787 -6.03 34.55 -33.81
N THR C 788 -6.38 34.82 -32.55
CA THR C 788 -6.12 36.14 -32.00
C THR C 788 -4.84 36.21 -31.22
N GLU C 789 -4.10 35.11 -31.08
CA GLU C 789 -2.86 35.28 -30.37
C GLU C 789 -2.18 36.34 -31.23
N LYS C 790 -1.71 37.45 -30.64
CA LYS C 790 -1.22 38.56 -31.48
C LYS C 790 0.19 38.38 -32.03
N PHE C 791 0.32 37.35 -32.84
CA PHE C 791 1.55 37.04 -33.49
C PHE C 791 1.63 37.99 -34.64
N ALA C 801 3.55 28.13 -32.66
CA ALA C 801 2.14 27.88 -32.94
C ALA C 801 2.01 26.59 -33.73
N ALA C 802 3.09 25.85 -33.85
CA ALA C 802 3.06 24.62 -34.64
C ALA C 802 2.02 23.64 -34.12
N GLY C 803 1.86 23.62 -32.81
CA GLY C 803 0.93 22.73 -32.15
C GLY C 803 -0.50 23.23 -32.23
N ILE C 804 -0.65 24.45 -32.73
CA ILE C 804 -1.93 25.08 -32.93
C ILE C 804 -2.36 24.88 -34.35
N GLU C 805 -1.43 25.05 -35.26
CA GLU C 805 -1.72 24.95 -36.66
C GLU C 805 -2.20 23.56 -36.96
N ARG C 806 -1.60 22.54 -36.35
CA ARG C 806 -2.08 21.19 -36.62
C ARG C 806 -3.53 21.02 -36.16
N VAL C 807 -3.87 21.70 -35.09
CA VAL C 807 -5.21 21.61 -34.57
C VAL C 807 -6.15 22.30 -35.52
N LEU C 808 -5.78 23.48 -35.98
CA LEU C 808 -6.62 24.20 -36.89
C LEU C 808 -6.80 23.44 -38.17
N TYR C 809 -5.78 22.75 -38.61
CA TYR C 809 -5.88 22.01 -39.85
C TYR C 809 -7.03 21.02 -39.80
N SER C 810 -7.19 20.34 -38.65
CA SER C 810 -8.24 19.34 -38.47
C SER C 810 -9.65 19.93 -38.36
N ILE C 811 -9.73 21.25 -38.16
CA ILE C 811 -10.98 21.93 -37.91
C ILE C 811 -11.49 22.71 -39.09
N VAL C 812 -10.62 23.51 -39.67
CA VAL C 812 -11.03 24.42 -40.68
C VAL C 812 -11.61 23.68 -41.87
N PRO C 813 -12.84 24.02 -42.31
CA PRO C 813 -13.53 23.38 -43.39
C PRO C 813 -12.65 23.41 -44.61
N PRO C 814 -12.76 22.41 -45.49
CA PRO C 814 -11.98 22.28 -46.70
C PRO C 814 -11.78 23.61 -47.41
N SER D 163 70.82 56.64 41.57
CA SER D 163 72.04 57.06 42.25
C SER D 163 72.92 55.86 42.50
N SER D 164 73.10 55.53 43.77
CA SER D 164 73.83 54.36 44.18
C SER D 164 72.86 53.35 44.75
N VAL D 165 71.60 53.76 44.86
CA VAL D 165 70.58 52.90 45.42
C VAL D 165 69.37 52.76 44.56
N THR D 166 68.62 51.70 44.82
CA THR D 166 67.43 51.46 44.08
C THR D 166 66.31 52.21 44.76
N LEU D 167 65.21 52.40 44.07
CA LEU D 167 64.14 53.14 44.68
C LEU D 167 63.62 52.41 45.89
N ARG D 168 63.64 51.09 45.86
CA ARG D 168 63.17 50.34 47.01
C ARG D 168 63.91 50.76 48.27
N GLN D 169 65.21 50.99 48.15
CA GLN D 169 66.00 51.34 49.31
C GLN D 169 65.57 52.67 49.86
N LEU D 170 65.16 53.56 48.97
CA LEU D 170 64.75 54.87 49.41
C LEU D 170 63.35 54.90 49.96
N SER D 171 62.47 54.02 49.49
CA SER D 171 61.12 54.02 50.01
C SER D 171 61.10 53.31 51.36
N ASN D 172 62.03 52.40 51.53
CA ASN D 172 62.15 51.60 52.72
C ASN D 172 61.93 52.25 54.08
N PRO D 173 62.58 53.36 54.44
CA PRO D 173 62.48 53.98 55.74
C PRO D 173 61.09 54.41 56.11
N TYR D 174 60.16 54.46 55.18
CA TYR D 174 58.83 54.88 55.54
C TYR D 174 57.94 53.71 55.86
N TYR D 175 58.42 52.52 55.54
CA TYR D 175 57.67 51.29 55.70
C TYR D 175 58.28 50.41 56.74
N VAL D 176 59.11 51.00 57.54
CA VAL D 176 59.81 50.26 58.55
C VAL D 176 58.93 49.72 59.64
N ASN D 177 57.75 50.25 59.76
CA ASN D 177 56.87 49.79 60.79
C ASN D 177 56.06 48.60 60.34
N THR D 178 56.17 48.26 59.06
CA THR D 178 55.37 47.21 58.48
C THR D 178 56.14 45.94 58.24
N ILE D 179 55.42 44.90 57.93
CA ILE D 179 56.00 43.63 57.62
C ILE D 179 56.49 43.59 56.18
N PRO D 180 57.75 43.22 55.93
CA PRO D 180 58.35 43.14 54.62
C PRO D 180 57.80 41.95 53.87
N GLU D 181 57.99 41.98 52.55
CA GLU D 181 57.53 40.88 51.72
C GLU D 181 58.26 39.59 52.02
N GLU D 182 59.48 39.65 52.54
CA GLU D 182 60.16 38.42 52.85
C GLU D 182 59.38 37.62 53.85
N ASP D 183 58.95 38.29 54.89
CA ASP D 183 58.23 37.63 55.93
C ASP D 183 56.88 37.23 55.44
N ILE D 184 56.29 38.02 54.58
CA ILE D 184 54.98 37.62 54.12
C ILE D 184 55.08 36.36 53.33
N LEU D 185 56.06 36.28 52.45
CA LEU D 185 56.19 35.10 51.64
C LEU D 185 56.40 33.87 52.52
N LYS D 186 57.10 34.01 53.62
CA LYS D 186 57.31 32.86 54.48
C LYS D 186 56.03 32.23 55.06
N TYR D 187 54.92 32.97 55.05
CA TYR D 187 53.67 32.41 55.58
C TYR D 187 52.62 32.30 54.47
N VAL D 188 53.00 32.64 53.24
CA VAL D 188 52.02 32.70 52.19
C VAL D 188 51.69 31.32 51.73
N SER D 189 52.70 30.45 51.76
CA SER D 189 52.53 29.12 51.29
C SER D 189 51.55 28.38 52.12
N TYR D 190 51.45 28.77 53.37
CA TYR D 190 50.53 28.12 54.25
C TYR D 190 49.15 28.62 53.95
N THR D 191 49.05 29.93 53.71
CA THR D 191 47.75 30.48 53.44
C THR D 191 47.18 29.87 52.17
N LEU D 192 48.03 29.68 51.19
CA LEU D 192 47.62 29.13 49.91
C LEU D 192 47.11 27.71 49.96
N LEU D 193 47.41 26.99 51.02
CA LEU D 193 46.96 25.63 51.15
C LEU D 193 45.87 25.59 52.18
N ALA D 194 45.40 26.77 52.51
CA ALA D 194 44.37 27.02 53.48
C ALA D 194 44.73 26.48 54.83
N THR D 195 45.99 26.61 55.22
CA THR D 195 46.35 26.18 56.52
C THR D 195 46.49 27.45 57.29
N THR D 196 46.56 27.34 58.59
CA THR D 196 46.69 28.54 59.38
C THR D 196 48.12 28.90 59.52
N SER D 197 48.37 30.02 60.15
CA SER D 197 49.71 30.48 60.33
C SER D 197 49.79 31.50 61.44
N ALA D 198 51.01 31.76 61.88
CA ALA D 198 51.23 32.80 62.85
C ALA D 198 50.99 34.19 62.28
N LEU D 199 51.31 34.39 61.00
CA LEU D 199 51.15 35.70 60.40
C LEU D 199 49.75 35.93 59.90
N PHE D 200 49.15 34.91 59.36
CA PHE D 200 47.83 35.03 58.81
C PHE D 200 46.93 33.99 59.38
N PRO D 201 46.45 34.15 60.60
CA PRO D 201 45.63 33.17 61.22
C PRO D 201 44.51 32.91 60.26
N PHE D 202 44.20 31.65 60.08
CA PHE D 202 43.20 31.30 59.12
C PHE D 202 42.01 30.79 59.91
N ASP D 203 40.97 31.59 59.93
CA ASP D 203 39.78 31.34 60.70
C ASP D 203 38.93 30.42 59.91
N HIS D 204 37.78 30.07 60.41
CA HIS D 204 36.94 29.12 59.74
C HIS D 204 36.74 29.49 58.29
N GLU D 205 36.31 30.71 58.03
CA GLU D 205 36.12 31.11 56.65
C GLU D 205 36.82 32.40 56.32
N GLN D 206 37.64 32.89 57.21
CA GLN D 206 38.27 34.17 56.96
C GLN D 206 39.76 34.19 57.27
N ILE D 207 40.49 35.01 56.55
CA ILE D 207 41.91 35.14 56.82
C ILE D 207 42.18 36.46 57.49
N GLN D 208 42.79 36.41 58.67
CA GLN D 208 43.03 37.66 59.36
C GLN D 208 44.30 38.29 58.89
N ILE D 209 44.21 39.51 58.42
CA ILE D 209 45.37 40.23 57.98
C ILE D 209 45.70 41.22 59.09
N PRO D 210 46.95 41.30 59.55
CA PRO D 210 47.39 42.19 60.59
C PRO D 210 47.43 43.61 60.09
N SER D 211 47.38 44.56 61.01
CA SER D 211 47.49 45.98 60.70
C SER D 211 48.90 46.32 60.21
N LYS D 212 49.80 45.41 60.47
CA LYS D 212 51.19 45.52 60.12
C LYS D 212 51.42 45.34 58.65
N ILE D 213 50.39 44.91 57.93
CA ILE D 213 50.48 44.83 56.51
C ILE D 213 49.51 45.86 55.95
N PRO D 214 49.99 46.93 55.32
CA PRO D 214 49.23 48.03 54.77
C PRO D 214 48.24 47.60 53.77
N ASN D 215 47.25 48.44 53.54
CA ASN D 215 46.21 48.15 52.61
C ASN D 215 46.78 48.07 51.19
N PHE D 216 47.91 48.70 51.03
CA PHE D 216 48.62 48.76 49.78
C PHE D 216 48.91 47.33 49.32
N GLU D 217 49.53 46.54 50.21
CA GLU D 217 49.81 45.14 49.96
C GLU D 217 48.60 44.24 50.15
N SER D 218 47.71 44.62 51.05
CA SER D 218 46.55 43.78 51.34
C SER D 218 45.76 43.56 50.08
N GLY D 219 45.64 44.58 49.23
CA GLY D 219 44.92 44.38 47.99
C GLY D 219 45.47 43.23 47.17
N LEU D 220 46.78 43.02 47.22
CA LEU D 220 47.34 41.94 46.46
C LEU D 220 47.11 40.68 47.23
N LEU D 221 47.21 40.74 48.53
CA LEU D 221 47.03 39.54 49.28
C LEU D 221 45.63 39.05 49.10
N HIS D 222 44.65 39.92 48.93
CA HIS D 222 43.34 39.36 48.70
C HIS D 222 43.34 38.63 47.37
N LEU D 223 43.98 39.20 46.37
CA LEU D 223 44.01 38.53 45.09
C LEU D 223 44.72 37.20 45.17
N ILE D 224 45.77 37.12 45.97
CA ILE D 224 46.52 35.89 46.15
C ILE D 224 45.81 34.88 47.03
N PHE D 225 45.29 35.34 48.14
CA PHE D 225 44.66 34.51 49.15
C PHE D 225 43.43 33.87 48.66
N GLU D 226 42.78 34.47 47.67
CA GLU D 226 41.61 33.86 47.12
C GLU D 226 41.90 32.40 46.82
N ALA D 227 43.09 32.07 46.31
CA ALA D 227 43.32 30.69 45.98
C ALA D 227 43.21 29.77 47.20
N GLY D 228 43.66 30.24 48.35
CA GLY D 228 43.62 29.43 49.54
C GLY D 228 42.19 29.24 49.94
N LEU D 229 41.42 30.30 49.84
CA LEU D 229 40.04 30.20 50.22
C LEU D 229 39.27 29.30 49.28
N LEU D 230 39.57 29.36 47.98
CA LEU D 230 38.86 28.53 47.04
C LEU D 230 39.24 27.10 47.28
N TYR D 231 40.51 26.89 47.57
CA TYR D 231 41.03 25.59 47.86
C TYR D 231 40.27 25.00 49.03
N GLN D 232 40.12 25.79 50.08
CA GLN D 232 39.41 25.35 51.25
C GLN D 232 38.02 24.92 50.93
N SER D 233 37.32 25.75 50.15
CA SER D 233 35.95 25.47 49.83
C SER D 233 35.81 24.16 49.08
N LEU D 234 36.68 23.96 48.10
CA LEU D 234 36.59 22.72 47.36
C LEU D 234 36.96 21.56 48.26
N GLY D 235 37.90 21.74 49.15
CA GLY D 235 38.27 20.65 50.04
C GLY D 235 37.07 20.24 50.88
N TYR D 236 36.26 21.20 51.29
CA TYR D 236 35.08 20.87 52.05
C TYR D 236 34.08 20.20 51.18
N LYS D 237 33.94 20.60 49.93
CA LYS D 237 32.96 19.91 49.12
C LYS D 237 33.35 18.46 49.04
N VAL D 238 34.65 18.20 48.91
CA VAL D 238 35.08 16.84 48.82
C VAL D 238 34.82 16.11 50.11
N GLU D 239 35.17 16.70 51.23
CA GLU D 239 35.02 15.98 52.46
C GLU D 239 33.57 15.73 52.80
N LYS D 240 32.69 16.67 52.53
CA LYS D 240 31.30 16.42 52.83
C LYS D 240 30.82 15.23 52.07
N PHE D 241 31.07 15.24 50.77
CA PHE D 241 30.55 14.18 49.94
C PHE D 241 31.22 12.87 50.16
N ARG D 242 32.44 12.88 50.64
CA ARG D 242 33.15 11.66 50.91
C ARG D 242 32.39 10.80 51.92
N MET D 243 31.57 11.43 52.76
CA MET D 243 30.85 10.72 53.79
C MET D 243 29.46 10.28 53.37
N LEU D 244 29.08 10.57 52.14
CA LEU D 244 27.73 10.30 51.70
C LEU D 244 27.58 9.13 50.74
N ASN D 245 26.39 8.56 50.75
CA ASN D 245 26.05 7.51 49.80
C ASN D 245 25.48 8.18 48.57
N ILE D 246 26.32 8.31 47.55
CA ILE D 246 26.00 9.06 46.36
C ILE D 246 26.25 8.33 45.08
N SER D 247 25.68 8.86 44.03
CA SER D 247 25.91 8.37 42.70
C SER D 247 27.37 8.40 42.33
N PRO D 248 27.88 7.37 41.65
CA PRO D 248 29.21 7.27 41.10
C PRO D 248 29.49 8.41 40.17
N MET D 249 28.44 9.00 39.63
CA MET D 249 28.59 10.09 38.71
C MET D 249 29.12 11.28 39.49
N LYS D 250 28.71 11.40 40.76
CA LYS D 250 29.17 12.48 41.57
C LYS D 250 30.52 12.15 42.03
N LYS D 251 30.76 10.87 42.24
CA LYS D 251 32.09 10.54 42.66
C LYS D 251 33.01 10.95 41.55
N ALA D 252 32.64 10.73 40.31
CA ALA D 252 33.55 11.14 39.25
C ALA D 252 33.82 12.62 39.32
N LEU D 253 32.82 13.43 39.60
CA LEU D 253 33.10 14.84 39.69
C LEU D 253 34.03 15.15 40.83
N ILE D 254 33.79 14.50 41.94
CA ILE D 254 34.54 14.71 43.16
C ILE D 254 35.96 14.31 43.01
N ILE D 255 36.17 13.18 42.37
CA ILE D 255 37.48 12.68 42.15
C ILE D 255 38.24 13.65 41.30
N GLU D 256 37.60 14.16 40.25
CA GLU D 256 38.29 15.11 39.39
C GLU D 256 38.66 16.33 40.21
N ILE D 257 37.80 16.75 41.13
CA ILE D 257 38.13 17.89 41.95
C ILE D 257 39.32 17.57 42.81
N SER D 258 39.34 16.39 43.39
CA SER D 258 40.47 16.05 44.21
C SER D 258 41.74 16.04 43.39
N GLU D 259 41.66 15.60 42.15
CA GLU D 259 42.84 15.58 41.32
C GLU D 259 43.28 17.00 41.05
N GLU D 260 42.35 17.90 40.82
CA GLU D 260 42.74 19.25 40.57
C GLU D 260 43.40 19.83 41.80
N LEU D 261 42.86 19.52 42.96
CA LEU D 261 43.43 20.05 44.15
C LEU D 261 44.81 19.51 44.36
N GLN D 262 45.03 18.26 43.99
CA GLN D 262 46.35 17.69 44.13
C GLN D 262 47.30 18.39 43.19
N ASN D 263 46.84 18.73 41.99
CA ASN D 263 47.72 19.42 41.07
C ASN D 263 48.02 20.80 41.53
N TYR D 264 47.03 21.44 42.11
CA TYR D 264 47.18 22.76 42.66
C TYR D 264 48.22 22.74 43.71
N THR D 265 48.10 21.79 44.60
CA THR D 265 49.01 21.68 45.69
C THR D 265 50.40 21.48 45.21
N ALA D 266 50.59 20.58 44.28
CA ALA D 266 51.93 20.35 43.83
C ALA D 266 52.51 21.58 43.21
N PHE D 267 51.70 22.28 42.44
CA PHE D 267 52.16 23.47 41.80
C PHE D 267 52.62 24.48 42.79
N VAL D 268 51.80 24.72 43.78
CA VAL D 268 52.14 25.68 44.77
C VAL D 268 53.36 25.27 45.51
N ASN D 269 53.44 24.00 45.88
CA ASN D 269 54.58 23.60 46.64
C ASN D 269 55.82 23.75 45.82
N ASN D 270 55.73 23.51 44.52
CA ASN D 270 56.89 23.64 43.69
C ASN D 270 57.32 25.06 43.59
N LEU D 271 56.38 25.99 43.49
CA LEU D 271 56.82 27.36 43.40
C LEU D 271 57.52 27.78 44.64
N VAL D 272 56.99 27.37 45.76
CA VAL D 272 57.58 27.77 46.99
C VAL D 272 58.95 27.15 47.18
N SER D 273 59.06 25.85 46.92
CA SER D 273 60.30 25.16 47.13
C SER D 273 61.36 25.59 46.14
N SER D 274 60.95 26.07 44.97
CA SER D 274 61.93 26.50 43.98
C SER D 274 62.76 27.66 44.48
N GLY D 275 62.20 28.49 45.36
CA GLY D 275 62.94 29.62 45.85
C GLY D 275 63.02 30.75 44.85
N THR D 276 62.27 30.68 43.74
CA THR D 276 62.36 31.69 42.72
C THR D 276 61.29 32.73 42.87
N VAL D 277 60.43 32.57 43.86
CA VAL D 277 59.42 33.56 44.07
C VAL D 277 59.99 34.47 45.12
N VAL D 278 60.22 35.69 44.74
CA VAL D 278 60.85 36.65 45.62
C VAL D 278 59.97 37.83 45.90
N SER D 279 58.79 37.80 45.35
CA SER D 279 57.88 38.91 45.56
C SER D 279 56.49 38.42 45.42
N LEU D 280 55.57 39.21 45.92
CA LEU D 280 54.19 38.86 45.85
C LEU D 280 53.62 39.15 44.49
N LYS D 281 54.14 40.15 43.80
CA LYS D 281 53.58 40.39 42.49
C LYS D 281 53.94 39.22 41.63
N SER D 282 55.17 38.72 41.80
CA SER D 282 55.58 37.60 41.03
C SER D 282 54.74 36.41 41.40
N LEU D 283 54.55 36.20 42.69
CA LEU D 283 53.77 35.06 43.08
C LEU D 283 52.42 35.11 42.48
N TYR D 284 51.77 36.25 42.55
CA TYR D 284 50.46 36.36 42.03
C TYR D 284 50.42 36.01 40.59
N ARG D 285 51.33 36.59 39.82
CA ARG D 285 51.27 36.32 38.42
C ARG D 285 51.46 34.83 38.17
N GLU D 286 52.38 34.21 38.88
CA GLU D 286 52.65 32.80 38.64
C GLU D 286 51.47 31.91 38.98
N ILE D 287 50.68 32.27 39.97
CA ILE D 287 49.57 31.41 40.33
C ILE D 287 48.30 31.88 39.72
N TYR D 288 48.37 32.86 38.85
CA TYR D 288 47.20 33.44 38.29
C TYR D 288 46.32 32.42 37.63
N GLU D 289 46.90 31.55 36.84
CA GLU D 289 46.10 30.57 36.14
C GLU D 289 45.47 29.60 37.09
N ASN D 290 46.17 29.26 38.15
CA ASN D 290 45.61 28.30 39.06
C ASN D 290 44.42 28.89 39.75
N ILE D 291 44.44 30.21 39.95
CA ILE D 291 43.29 30.84 40.56
C ILE D 291 42.14 30.69 39.63
N ILE D 292 42.39 30.92 38.36
CA ILE D 292 41.32 30.83 37.41
C ILE D 292 40.78 29.43 37.40
N ARG D 293 41.66 28.44 37.39
CA ARG D 293 41.15 27.11 37.34
C ARG D 293 40.30 26.81 38.56
N LEU D 294 40.73 27.24 39.74
CA LEU D 294 39.94 26.92 40.89
C LEU D 294 38.62 27.62 40.79
N ARG D 295 38.61 28.85 40.31
CA ARG D 295 37.34 29.54 40.24
C ARG D 295 36.38 28.78 39.37
N ILE D 296 36.86 28.23 38.28
CA ILE D 296 35.97 27.53 37.41
C ILE D 296 35.37 26.37 38.12
N TYR D 297 36.20 25.60 38.79
CA TYR D 297 35.67 24.44 39.47
C TYR D 297 34.74 24.82 40.57
N CYS D 298 35.08 25.87 41.28
CA CYS D 298 34.29 26.29 42.40
C CYS D 298 32.91 26.64 41.95
N ARG D 299 32.78 27.21 40.77
CA ARG D 299 31.45 27.53 40.34
C ARG D 299 30.77 26.27 39.87
N PHE D 300 31.49 25.36 39.24
CA PHE D 300 30.81 24.17 38.79
C PHE D 300 30.31 23.35 39.99
N THR D 301 31.01 23.40 41.10
CA THR D 301 30.63 22.66 42.29
C THR D 301 29.62 23.40 43.14
N GLU D 302 29.26 24.60 42.74
CA GLU D 302 28.35 25.44 43.50
C GLU D 302 27.07 24.73 43.77
N HIS D 303 26.61 23.97 42.80
CA HIS D 303 25.37 23.29 42.89
C HIS D 303 25.57 21.82 43.07
N LEU D 304 26.72 21.40 43.55
CA LEU D 304 26.87 19.98 43.76
C LEU D 304 26.21 19.58 45.04
N GLU D 305 24.90 19.52 44.95
CA GLU D 305 23.97 19.17 45.98
C GLU D 305 22.62 19.28 45.34
N GLU D 306 21.70 18.38 45.66
CA GLU D 306 20.36 18.45 45.05
C GLU D 306 20.43 18.57 43.53
N LEU D 307 21.30 17.81 42.91
CA LEU D 307 21.45 17.88 41.47
C LEU D 307 21.92 16.55 40.89
N SER D 308 21.21 16.07 39.88
CA SER D 308 21.51 14.81 39.20
C SER D 308 22.69 14.85 38.23
N GLY D 309 23.24 13.66 37.98
CA GLY D 309 24.36 13.42 37.08
C GLY D 309 24.11 13.82 35.65
N ASP D 310 22.90 13.63 35.18
CA ASP D 310 22.62 13.94 33.80
C ASP D 310 22.55 15.43 33.60
N THR D 311 22.03 16.12 34.58
CA THR D 311 21.94 17.54 34.46
C THR D 311 23.35 18.07 34.35
N PHE D 312 24.27 17.52 35.16
CA PHE D 312 25.64 17.97 35.07
C PHE D 312 26.23 17.68 33.73
N LEU D 313 25.96 16.49 33.18
CA LEU D 313 26.55 16.19 31.88
C LEU D 313 26.07 17.19 30.85
N ILE D 314 24.81 17.58 30.93
CA ILE D 314 24.28 18.54 29.99
C ILE D 314 24.95 19.87 30.15
N GLU D 315 25.07 20.32 31.38
CA GLU D 315 25.68 21.61 31.57
C GLU D 315 27.12 21.59 31.10
N LEU D 316 27.83 20.50 31.36
CA LEU D 316 29.21 20.41 30.95
C LEU D 316 29.31 20.46 29.45
N ASN D 317 28.35 19.85 28.76
CA ASN D 317 28.39 19.89 27.32
C ASN D 317 28.27 21.29 26.81
N ILE D 318 27.60 22.14 27.54
CA ILE D 318 27.56 23.51 27.07
C ILE D 318 28.95 24.07 27.20
N PHE D 319 29.55 23.86 28.35
CA PHE D 319 30.85 24.44 28.61
C PHE D 319 31.96 23.88 27.77
N LYS D 320 31.80 22.66 27.29
CA LYS D 320 32.80 22.08 26.42
C LYS D 320 32.99 22.91 25.16
N SER D 321 32.01 23.72 24.81
CA SER D 321 32.04 24.54 23.62
C SER D 321 32.41 25.98 23.92
N HIS D 322 32.71 26.30 25.17
CA HIS D 322 32.98 27.66 25.60
C HIS D 322 34.22 28.17 24.91
N GLY D 323 34.21 29.44 24.54
CA GLY D 323 35.35 30.02 23.86
C GLY D 323 36.64 29.96 24.67
N ASP D 324 36.57 30.08 25.98
CA ASP D 324 37.78 30.04 26.78
C ASP D 324 38.42 28.68 26.75
N LEU D 325 39.70 28.64 26.44
CA LEU D 325 40.35 27.38 26.31
C LEU D 325 40.41 26.62 27.62
N THR D 326 40.61 27.32 28.73
CA THR D 326 40.71 26.62 29.98
C THR D 326 39.39 26.05 30.33
N ILE D 327 38.35 26.82 30.09
CA ILE D 327 37.05 26.32 30.43
C ILE D 327 36.69 25.12 29.63
N ARG D 328 36.92 25.13 28.33
CA ARG D 328 36.49 23.96 27.62
C ARG D 328 37.31 22.76 28.05
N LYS D 329 38.58 22.95 28.42
CA LYS D 329 39.36 21.81 28.84
C LYS D 329 38.83 21.25 30.12
N ILE D 330 38.48 22.12 31.05
CA ILE D 330 37.96 21.62 32.29
C ILE D 330 36.64 20.95 32.10
N ALA D 331 35.76 21.58 31.34
CA ALA D 331 34.45 20.99 31.15
C ALA D 331 34.60 19.65 30.49
N THR D 332 35.54 19.55 29.56
CA THR D 332 35.76 18.32 28.87
C THR D 332 36.23 17.26 29.80
N ASN D 333 37.17 17.58 30.66
CA ASN D 333 37.66 16.55 31.52
C ASN D 333 36.60 16.10 32.48
N LEU D 334 35.81 17.02 32.99
CA LEU D 334 34.78 16.62 33.91
C LEU D 334 33.76 15.78 33.21
N PHE D 335 33.46 16.17 31.99
CA PHE D 335 32.49 15.46 31.24
C PHE D 335 32.97 14.06 31.01
N ASN D 336 34.20 13.93 30.59
CA ASN D 336 34.68 12.62 30.29
C ASN D 336 34.76 11.74 31.49
N SER D 337 35.12 12.31 32.63
CA SER D 337 35.22 11.50 33.81
C SER D 337 33.85 10.97 34.18
N MET D 338 32.82 11.78 34.00
CA MET D 338 31.50 11.32 34.32
C MET D 338 30.88 10.41 33.29
N ILE D 339 31.06 10.73 32.01
CA ILE D 339 30.39 9.96 30.98
C ILE D 339 30.89 8.55 31.00
N SER D 340 32.14 8.39 31.42
CA SER D 340 32.71 7.08 31.52
C SER D 340 31.85 6.21 32.42
N LEU D 341 31.31 6.77 33.48
CA LEU D 341 30.53 5.94 34.35
C LEU D 341 29.13 5.84 33.83
N TYR D 342 28.73 6.82 33.04
CA TYR D 342 27.42 6.71 32.48
C TYR D 342 27.43 5.48 31.59
N TYR D 343 28.52 5.36 30.83
CA TYR D 343 28.75 4.25 29.92
C TYR D 343 28.63 2.96 30.71
N GLU D 344 29.23 2.92 31.89
CA GLU D 344 29.15 1.72 32.69
C GLU D 344 27.70 1.42 33.03
N TYR D 345 26.88 2.44 33.31
CA TYR D 345 25.48 2.13 33.59
C TYR D 345 24.87 1.50 32.38
N LEU D 346 25.21 2.01 31.22
CA LEU D 346 24.65 1.48 30.02
C LEU D 346 25.09 0.05 29.85
N MET D 347 26.35 -0.26 30.16
CA MET D 347 26.76 -1.64 30.06
C MET D 347 26.04 -2.53 31.01
N ASN D 348 25.83 -2.09 32.23
CA ASN D 348 25.16 -2.97 33.16
C ASN D 348 23.77 -3.28 32.68
N TRP D 349 23.11 -2.30 32.13
CA TRP D 349 21.82 -2.56 31.62
C TRP D 349 21.86 -3.44 30.39
N LEU D 350 22.68 -3.08 29.44
CA LEU D 350 22.76 -3.79 28.19
C LEU D 350 23.30 -5.19 28.29
N THR D 351 24.21 -5.45 29.21
CA THR D 351 24.74 -6.79 29.27
C THR D 351 24.20 -7.60 30.43
N LYS D 352 23.69 -6.96 31.46
CA LYS D 352 23.19 -7.70 32.58
C LYS D 352 21.72 -7.45 32.86
N GLY D 353 21.11 -6.42 32.24
CA GLY D 353 19.73 -6.07 32.54
C GLY D 353 19.72 -5.48 33.93
N LEU D 354 20.85 -4.89 34.31
CA LEU D 354 20.99 -4.41 35.63
C LEU D 354 20.89 -2.92 35.84
N LEU D 355 20.05 -2.56 36.78
CA LEU D 355 19.98 -1.18 37.22
C LEU D 355 20.55 -1.19 38.60
N ARG D 356 21.70 -0.57 38.76
CA ARG D 356 22.32 -0.59 40.06
C ARG D 356 22.91 0.74 40.40
N ALA D 357 22.75 1.14 41.65
CA ALA D 357 23.39 2.35 42.12
C ALA D 357 23.13 3.53 41.22
N THR D 358 21.89 3.71 40.80
CA THR D 358 21.62 4.83 39.92
C THR D 358 21.22 6.01 40.72
N TYR D 359 20.65 5.79 41.89
CA TYR D 359 20.19 6.89 42.74
C TYR D 359 19.23 7.81 41.99
N GLY D 360 18.52 7.27 40.99
CA GLY D 360 17.59 8.07 40.22
C GLY D 360 18.27 8.89 39.11
N GLU D 361 19.55 8.65 38.86
CA GLU D 361 20.30 9.41 37.86
C GLU D 361 20.42 8.73 36.52
N PHE D 362 19.69 7.65 36.34
CA PHE D 362 19.70 6.91 35.10
C PHE D 362 18.25 6.83 34.65
N PHE D 363 17.99 7.06 33.38
CA PHE D 363 16.62 7.11 32.85
C PHE D 363 15.80 5.82 32.94
N ILE D 364 16.42 4.65 33.04
CA ILE D 364 15.66 3.43 33.17
C ILE D 364 15.54 3.11 34.64
N ALA D 365 14.32 2.88 35.09
CA ALA D 365 14.05 2.67 36.49
C ALA D 365 13.30 1.39 36.82
N GLU D 366 13.53 0.94 38.03
CA GLU D 366 12.81 -0.18 38.59
C GLU D 366 11.55 0.30 39.22
N ASN D 367 10.45 -0.40 38.99
CA ASN D 367 9.22 -0.02 39.63
C ASN D 367 8.43 -1.20 40.10
N THR D 368 8.61 -1.52 41.37
CA THR D 368 7.99 -2.63 42.04
C THR D 368 6.92 -2.16 42.98
N ASP D 369 6.54 -0.89 42.85
CA ASP D 369 5.56 -0.34 43.74
C ASP D 369 4.17 -0.70 43.26
N THR D 370 3.83 -1.97 43.47
CA THR D 370 2.56 -2.51 43.03
C THR D 370 1.59 -2.56 44.19
N ASN D 371 0.33 -2.72 43.85
CA ASN D 371 -0.79 -2.80 44.78
C ASN D 371 -1.69 -4.00 44.58
N GLY D 372 -1.09 -5.15 44.28
CA GLY D 372 -1.85 -6.35 43.96
C GLY D 372 -1.85 -6.54 42.45
N THR D 373 -1.52 -5.50 41.71
CA THR D 373 -1.47 -5.60 40.27
C THR D 373 -0.16 -6.23 39.84
N ASP D 374 -0.10 -7.54 40.07
CA ASP D 374 1.04 -8.39 39.83
C ASP D 374 2.21 -8.18 40.77
N ASP D 375 2.01 -8.50 42.03
CA ASP D 375 3.06 -8.31 43.04
C ASP D 375 4.16 -9.34 42.84
N ASP D 376 3.83 -10.39 42.12
CA ASP D 376 4.75 -11.47 41.85
C ASP D 376 5.46 -11.31 40.51
N PHE D 377 5.16 -10.23 39.81
CA PHE D 377 5.76 -9.97 38.51
C PHE D 377 5.68 -11.12 37.52
N ILE D 378 4.47 -11.65 37.35
CA ILE D 378 4.20 -12.72 36.42
C ILE D 378 3.42 -12.22 35.21
N TYR D 379 2.98 -10.98 35.27
CA TYR D 379 2.27 -10.35 34.19
C TYR D 379 3.12 -9.26 33.60
N HIS D 380 3.97 -8.69 34.42
CA HIS D 380 4.86 -7.68 33.92
C HIS D 380 6.17 -7.69 34.63
N ILE D 381 7.14 -7.13 33.95
CA ILE D 381 8.46 -6.95 34.47
C ILE D 381 8.52 -5.53 34.99
N PRO D 382 8.89 -5.28 36.25
CA PRO D 382 8.88 -3.98 36.91
C PRO D 382 10.00 -3.06 36.49
N ILE D 383 10.02 -2.77 35.22
CA ILE D 383 10.95 -1.91 34.54
C ILE D 383 10.21 -0.88 33.71
N GLU D 384 10.60 0.35 33.82
CA GLU D 384 9.98 1.44 33.10
C GLU D 384 11.00 2.48 32.79
N PHE D 385 10.76 3.36 31.84
CA PHE D 385 11.77 4.38 31.74
C PHE D 385 11.14 5.72 31.52
N ASN D 386 11.90 6.71 31.89
CA ASN D 386 11.51 8.07 31.77
C ASN D 386 12.04 8.64 30.49
N GLN D 387 11.16 8.91 29.54
CA GLN D 387 11.61 9.39 28.24
C GLN D 387 12.28 10.73 28.41
N GLU D 388 11.75 11.50 29.33
CA GLU D 388 12.21 12.83 29.64
C GLU D 388 13.58 12.85 30.31
N ARG D 389 14.08 11.69 30.72
CA ARG D 389 15.35 11.62 31.35
C ARG D 389 16.42 11.08 30.42
N VAL D 390 16.06 10.85 29.17
CA VAL D 390 17.03 10.35 28.24
C VAL D 390 17.98 11.49 27.93
N PRO D 391 19.28 11.29 28.05
CA PRO D 391 20.29 12.28 27.82
C PRO D 391 20.37 12.66 26.36
N ALA D 392 20.83 13.87 26.13
CA ALA D 392 20.98 14.48 24.83
C ALA D 392 21.84 13.73 23.86
N PHE D 393 22.80 12.99 24.33
CA PHE D 393 23.69 12.32 23.43
C PHE D 393 23.19 10.96 22.96
N ILE D 394 22.03 10.54 23.43
CA ILE D 394 21.47 9.28 22.98
C ILE D 394 20.19 9.53 22.20
N PRO D 395 20.07 9.10 20.95
CA PRO D 395 18.88 9.25 20.16
C PRO D 395 17.74 8.62 20.91
N LYS D 396 16.57 9.21 20.87
CA LYS D 396 15.45 8.66 21.62
C LYS D 396 15.12 7.26 21.18
N GLU D 397 15.25 7.01 19.88
CA GLU D 397 14.95 5.71 19.33
C GLU D 397 15.92 4.68 19.85
N LEU D 398 17.16 5.11 20.04
CA LEU D 398 18.12 4.19 20.50
C LEU D 398 17.87 3.93 21.96
N ALA D 399 17.49 4.96 22.71
CA ALA D 399 17.25 4.78 24.12
C ALA D 399 16.18 3.73 24.30
N TYR D 400 15.20 3.78 23.41
CA TYR D 400 14.18 2.78 23.41
C TYR D 400 14.79 1.41 23.18
N LYS D 401 15.64 1.27 22.16
CA LYS D 401 16.25 -0.02 21.94
C LYS D 401 17.03 -0.49 23.16
N ILE D 402 17.72 0.42 23.83
CA ILE D 402 18.49 0.07 24.99
C ILE D 402 17.60 -0.48 26.06
N PHE D 403 16.51 0.20 26.27
CA PHE D 403 15.53 -0.23 27.23
C PHE D 403 15.06 -1.61 26.91
N MET D 404 14.70 -1.85 25.66
CA MET D 404 14.19 -3.14 25.30
C MET D 404 15.21 -4.24 25.34
N ILE D 405 16.46 -3.94 25.12
CA ILE D 405 17.42 -5.01 25.20
C ILE D 405 17.52 -5.50 26.58
N GLY D 406 17.63 -4.60 27.54
CA GLY D 406 17.73 -5.10 28.88
C GLY D 406 16.44 -5.76 29.28
N LYS D 407 15.31 -5.23 28.86
CA LYS D 407 14.08 -5.87 29.25
C LYS D 407 14.06 -7.27 28.69
N SER D 408 14.52 -7.42 27.45
CA SER D 408 14.54 -8.70 26.79
C SER D 408 15.48 -9.61 27.51
N TYR D 409 16.60 -9.08 27.95
CA TYR D 409 17.54 -9.86 28.69
C TYR D 409 16.87 -10.44 29.89
N ILE D 410 16.16 -9.58 30.61
CA ILE D 410 15.53 -10.01 31.82
C ILE D 410 14.53 -11.06 31.53
N PHE D 411 13.74 -10.83 30.53
CA PHE D 411 12.74 -11.79 30.18
C PHE D 411 13.35 -13.14 29.92
N LEU D 412 14.36 -13.17 29.09
CA LEU D 412 14.95 -14.42 28.74
C LEU D 412 15.65 -15.10 29.87
N GLU D 413 16.35 -14.34 30.69
CA GLU D 413 17.08 -14.97 31.75
C GLU D 413 16.21 -15.37 32.92
N LYS D 414 15.26 -14.52 33.28
CA LYS D 414 14.45 -14.76 34.43
C LYS D 414 13.26 -15.64 34.20
N TYR D 415 12.58 -15.50 33.06
CA TYR D 415 11.38 -16.26 32.89
C TYR D 415 11.55 -17.41 31.92
N CYS D 416 12.30 -17.19 30.85
CA CYS D 416 12.47 -18.28 29.90
C CYS D 416 13.62 -19.20 30.32
N LYS D 417 14.38 -18.76 31.29
CA LYS D 417 15.52 -19.46 31.83
C LYS D 417 16.55 -19.83 30.78
N GLU D 418 16.83 -18.91 29.88
CA GLU D 418 17.79 -19.16 28.83
C GLU D 418 19.16 -18.85 29.32
N VAL D 419 19.59 -19.58 30.30
CA VAL D 419 20.77 -19.21 30.99
C VAL D 419 22.06 -19.50 30.29
N GLN D 420 22.18 -20.62 29.60
CA GLN D 420 23.47 -20.82 28.99
C GLN D 420 23.68 -19.83 27.87
N TRP D 421 22.62 -19.61 27.10
CA TRP D 421 22.73 -18.70 25.99
C TRP D 421 22.99 -17.32 26.46
N THR D 422 22.22 -16.90 27.44
CA THR D 422 22.31 -15.57 27.92
C THR D 422 23.67 -15.29 28.45
N ASN D 423 24.23 -16.21 29.20
CA ASN D 423 25.54 -15.94 29.73
C ASN D 423 26.54 -15.74 28.62
N GLU D 424 26.51 -16.59 27.60
CA GLU D 424 27.47 -16.47 26.53
C GLU D 424 27.26 -15.17 25.78
N PHE D 425 26.00 -14.83 25.60
CA PHE D 425 25.59 -13.64 24.94
C PHE D 425 26.14 -12.43 25.64
N SER D 426 25.94 -12.37 26.94
CA SER D 426 26.41 -11.24 27.67
C SER D 426 27.89 -11.14 27.61
N LYS D 427 28.60 -12.25 27.69
CA LYS D 427 30.03 -12.12 27.64
C LYS D 427 30.48 -11.51 26.35
N LYS D 428 29.88 -11.92 25.25
CA LYS D 428 30.29 -11.31 24.01
C LYS D 428 30.04 -9.84 24.01
N TYR D 429 28.87 -9.43 24.45
CA TYR D 429 28.59 -8.02 24.37
C TYR D 429 29.38 -7.25 25.38
N HIS D 430 29.69 -7.85 26.50
CA HIS D 430 30.47 -7.19 27.51
C HIS D 430 31.77 -6.81 26.89
N VAL D 431 32.38 -7.76 26.21
CA VAL D 431 33.63 -7.48 25.59
C VAL D 431 33.50 -6.42 24.56
N LEU D 432 32.46 -6.48 23.76
CA LEU D 432 32.34 -5.46 22.75
C LEU D 432 32.20 -4.09 23.35
N TYR D 433 31.46 -3.97 24.43
CA TYR D 433 31.33 -2.67 25.01
C TYR D 433 32.60 -2.27 25.70
N GLN D 434 33.35 -3.23 26.23
CA GLN D 434 34.61 -2.86 26.83
C GLN D 434 35.54 -2.33 25.76
N SER D 435 35.51 -2.95 24.58
CA SER D 435 36.39 -2.57 23.51
C SER D 435 36.12 -1.16 23.09
N ASN D 436 34.88 -0.75 23.08
CA ASN D 436 34.56 0.61 22.73
C ASN D 436 34.42 1.53 23.91
N SER D 437 34.78 1.09 25.10
CA SER D 437 34.60 1.95 26.23
C SER D 437 35.43 3.19 26.17
N TYR D 438 36.56 3.11 25.50
CA TYR D 438 37.45 4.23 25.36
C TYR D 438 36.85 5.29 24.47
N ARG D 439 35.86 4.91 23.69
CA ARG D 439 35.27 5.82 22.76
C ARG D 439 34.16 6.60 23.41
N GLY D 440 33.81 6.28 24.64
CA GLY D 440 32.64 6.91 25.17
C GLY D 440 31.55 6.39 24.26
N ILE D 441 30.80 7.27 23.62
CA ILE D 441 29.77 6.75 22.76
C ILE D 441 30.29 6.69 21.33
N SER D 442 30.56 7.86 20.77
CA SER D 442 31.16 8.01 19.44
C SER D 442 30.54 7.14 18.37
N THR D 443 29.22 7.01 18.33
CA THR D 443 28.52 6.17 17.34
C THR D 443 28.76 4.67 17.45
N ASN D 444 30.01 4.21 17.53
CA ASN D 444 30.32 2.79 17.57
C ASN D 444 29.52 2.12 18.65
N PHE D 445 29.28 2.82 19.74
CA PHE D 445 28.46 2.28 20.78
C PHE D 445 27.09 1.91 20.21
N PHE D 446 26.54 2.80 19.40
CA PHE D 446 25.22 2.63 18.85
C PHE D 446 25.23 1.44 17.95
N GLU D 447 26.31 1.29 17.22
CA GLU D 447 26.45 0.21 16.29
C GLU D 447 26.41 -1.13 17.02
N ILE D 448 27.06 -1.19 18.18
CA ILE D 448 27.02 -2.45 18.93
C ILE D 448 25.60 -2.71 19.33
N ILE D 449 24.91 -1.68 19.79
CA ILE D 449 23.55 -1.85 20.21
C ILE D 449 22.69 -2.30 19.09
N ASN D 450 22.83 -1.71 17.94
CA ASN D 450 21.96 -2.13 16.88
C ASN D 450 22.13 -3.61 16.61
N ASP D 451 23.36 -4.10 16.69
CA ASP D 451 23.54 -5.51 16.49
C ASP D 451 22.97 -6.29 17.65
N GLN D 452 23.15 -5.80 18.86
CA GLN D 452 22.67 -6.52 20.01
C GLN D 452 21.18 -6.61 19.99
N TYR D 453 20.55 -5.54 19.55
CA TYR D 453 19.13 -5.45 19.50
C TYR D 453 18.62 -6.50 18.58
N SER D 454 19.19 -6.54 17.40
CA SER D 454 18.71 -7.51 16.44
C SER D 454 18.90 -8.91 16.94
N GLU D 455 20.07 -9.20 17.49
CA GLU D 455 20.32 -10.55 17.93
C GLU D 455 19.41 -10.97 19.04
N ILE D 456 19.18 -10.11 20.02
CA ILE D 456 18.39 -10.56 21.12
C ILE D 456 16.94 -10.67 20.73
N VAL D 457 16.44 -9.77 19.90
CA VAL D 457 15.06 -9.86 19.53
C VAL D 457 14.82 -11.09 18.71
N ASN D 458 15.69 -11.36 17.75
CA ASN D 458 15.47 -12.51 16.94
C ASN D 458 15.60 -13.78 17.75
N HIS D 459 16.52 -13.80 18.69
CA HIS D 459 16.72 -14.96 19.51
C HIS D 459 15.46 -15.18 20.30
N THR D 460 14.94 -14.10 20.85
CA THR D 460 13.77 -14.19 21.66
C THR D 460 12.63 -14.76 20.89
N ASN D 461 12.44 -14.30 19.67
CA ASN D 461 11.33 -14.78 18.90
C ASN D 461 11.46 -16.23 18.53
N GLN D 462 12.70 -16.68 18.32
CA GLN D 462 12.88 -18.06 17.99
C GLN D 462 12.48 -18.90 19.18
N ILE D 463 12.81 -18.43 20.35
CA ILE D 463 12.43 -19.11 21.55
C ILE D 463 10.95 -19.12 21.75
N LEU D 464 10.33 -17.99 21.55
CA LEU D 464 8.93 -17.96 21.80
C LEU D 464 8.20 -18.93 20.93
N ASN D 465 8.61 -19.10 19.71
CA ASN D 465 7.94 -20.05 18.85
C ASN D 465 8.60 -21.39 18.74
N GLN D 466 9.57 -21.66 19.58
CA GLN D 466 10.23 -22.93 19.55
C GLN D 466 10.03 -23.68 20.83
N LYS D 467 10.03 -22.96 21.92
CA LYS D 467 9.90 -23.56 23.22
C LYS D 467 8.57 -23.23 23.82
N PHE D 468 8.06 -22.06 23.50
CA PHE D 468 6.80 -21.67 24.11
C PHE D 468 5.64 -21.69 23.15
N HIS D 469 5.95 -22.03 21.92
CA HIS D 469 4.97 -22.19 20.87
C HIS D 469 4.04 -21.00 20.82
N TYR D 470 4.62 -19.85 20.87
CA TYR D 470 3.84 -18.65 20.92
C TYR D 470 2.77 -18.52 19.88
N ARG D 471 3.06 -18.71 18.60
CA ARG D 471 1.96 -18.54 17.66
C ARG D 471 0.93 -19.60 17.86
N ASP D 472 1.37 -20.80 18.16
CA ASP D 472 0.42 -21.87 18.34
C ASP D 472 -0.49 -21.56 19.49
N VAL D 473 0.04 -20.91 20.52
CA VAL D 473 -0.75 -20.53 21.65
C VAL D 473 -1.75 -19.48 21.20
N VAL D 474 -1.31 -18.52 20.42
CA VAL D 474 -2.19 -17.48 19.96
C VAL D 474 -3.33 -18.05 19.17
N PHE D 475 -3.02 -18.98 18.29
CA PHE D 475 -4.08 -19.56 17.54
C PHE D 475 -4.97 -20.35 18.44
N ALA D 476 -4.41 -21.09 19.38
CA ALA D 476 -5.24 -21.86 20.25
C ALA D 476 -6.20 -20.98 21.01
N LEU D 477 -5.74 -19.84 21.45
CA LEU D 477 -6.64 -19.00 22.20
C LEU D 477 -7.75 -18.52 21.29
N LYS D 478 -7.40 -18.16 20.07
CA LYS D 478 -8.43 -17.71 19.17
C LYS D 478 -9.40 -18.80 18.81
N ASN D 479 -8.89 -19.99 18.67
CA ASN D 479 -9.68 -21.11 18.27
C ASN D 479 -10.62 -21.54 19.36
N ILE D 480 -10.20 -21.37 20.59
CA ILE D 480 -10.99 -21.85 21.69
C ILE D 480 -11.74 -20.80 22.48
N LEU D 481 -11.09 -19.71 22.87
CA LEU D 481 -11.77 -18.74 23.71
C LEU D 481 -12.55 -17.79 22.83
N LEU D 482 -12.03 -17.54 21.64
CA LEU D 482 -12.72 -16.65 20.71
C LEU D 482 -13.57 -17.50 19.78
N MET D 483 -13.56 -18.79 20.06
CA MET D 483 -14.30 -19.83 19.41
C MET D 483 -14.10 -19.98 17.92
N GLY D 484 -12.86 -19.88 17.46
CA GLY D 484 -12.57 -20.07 16.05
C GLY D 484 -12.82 -21.52 15.56
N LYS D 485 -12.91 -22.49 16.48
CA LYS D 485 -13.20 -23.87 16.13
C LYS D 485 -14.56 -24.39 16.65
N SER D 486 -15.42 -24.68 15.67
CA SER D 486 -16.79 -25.13 15.84
C SER D 486 -16.95 -26.52 16.42
N ASP D 487 -16.01 -27.41 16.11
CA ASP D 487 -16.18 -28.78 16.55
C ASP D 487 -15.97 -28.86 18.01
N PHE D 488 -14.98 -28.15 18.47
CA PHE D 488 -14.67 -28.14 19.86
C PHE D 488 -15.82 -27.61 20.66
N MET D 489 -16.36 -26.48 20.24
CA MET D 489 -17.42 -25.93 21.05
C MET D 489 -18.62 -26.85 21.14
N ASP D 490 -18.95 -27.51 20.05
CA ASP D 490 -20.08 -28.39 20.14
C ASP D 490 -19.76 -29.60 20.97
N ALA D 491 -18.51 -30.07 20.89
CA ALA D 491 -18.13 -31.21 21.67
C ALA D 491 -18.28 -30.90 23.15
N LEU D 492 -17.92 -29.68 23.55
CA LEU D 492 -18.08 -29.35 24.97
C LEU D 492 -19.51 -29.35 25.38
N ILE D 493 -20.37 -28.81 24.55
CA ILE D 493 -21.75 -28.74 24.97
C ILE D 493 -22.37 -30.10 25.13
N GLU D 494 -22.14 -30.99 24.19
CA GLU D 494 -22.78 -32.27 24.37
C GLU D 494 -22.25 -32.98 25.59
N LYS D 495 -20.96 -32.90 25.81
CA LYS D 495 -20.41 -33.57 26.96
C LYS D 495 -20.90 -32.96 28.25
N ALA D 496 -21.15 -31.67 28.25
CA ALA D 496 -21.59 -30.97 29.41
C ALA D 496 -23.09 -30.73 29.46
N ASN D 497 -23.90 -31.41 28.66
CA ASN D 497 -25.32 -31.06 28.74
C ASN D 497 -25.95 -31.19 30.13
N ASP D 498 -25.54 -32.14 30.95
CA ASP D 498 -26.19 -32.26 32.25
C ASP D 498 -25.70 -31.15 33.15
N ILE D 499 -24.44 -30.83 33.00
CA ILE D 499 -23.80 -29.79 33.78
C ILE D 499 -24.43 -28.48 33.45
N LEU D 500 -24.65 -28.26 32.17
CA LEU D 500 -25.21 -27.03 31.69
C LEU D 500 -26.63 -26.82 32.18
N ALA D 501 -27.42 -27.89 32.20
CA ALA D 501 -28.78 -27.82 32.70
C ALA D 501 -28.86 -27.69 34.24
N THR D 502 -27.91 -28.29 34.94
CA THR D 502 -27.84 -28.31 36.40
C THR D 502 -27.54 -26.91 36.99
N PRO D 503 -28.22 -26.48 38.06
CA PRO D 503 -27.96 -25.26 38.78
C PRO D 503 -26.54 -25.15 39.23
N SER D 504 -26.03 -23.92 39.15
CA SER D 504 -24.67 -23.51 39.47
C SER D 504 -24.39 -23.76 40.93
N ASP D 505 -25.48 -23.76 41.68
CA ASP D 505 -25.53 -23.95 43.09
C ASP D 505 -24.96 -25.29 43.53
N SER D 506 -25.06 -26.32 42.70
CA SER D 506 -24.56 -27.63 43.10
C SER D 506 -23.82 -28.34 41.99
N LEU D 507 -23.06 -27.63 41.18
CA LEU D 507 -22.48 -28.35 40.07
C LEU D 507 -21.36 -29.35 40.43
N PRO D 508 -21.28 -30.48 39.72
CA PRO D 508 -20.24 -31.48 39.78
C PRO D 508 -19.11 -30.96 38.95
N ASN D 509 -18.46 -29.92 39.43
CA ASN D 509 -17.46 -29.17 38.68
C ASN D 509 -16.28 -29.99 38.21
N TYR D 510 -16.05 -31.09 38.87
CA TYR D 510 -14.97 -31.98 38.56
C TYR D 510 -15.26 -32.71 37.26
N LYS D 511 -16.54 -32.80 36.93
CA LYS D 511 -16.98 -33.44 35.73
C LYS D 511 -16.44 -32.66 34.56
N LEU D 512 -16.23 -31.36 34.73
CA LEU D 512 -15.73 -30.56 33.66
C LEU D 512 -14.33 -30.96 33.30
N THR D 513 -13.55 -31.53 34.23
CA THR D 513 -12.23 -31.94 33.85
C THR D 513 -12.44 -33.01 32.81
N ARG D 514 -13.36 -33.91 33.10
CA ARG D 514 -13.63 -34.98 32.17
C ARG D 514 -14.20 -34.43 30.86
N VAL D 515 -15.04 -33.39 30.94
CA VAL D 515 -15.61 -32.80 29.73
C VAL D 515 -14.55 -32.20 28.85
N LEU D 516 -13.63 -31.47 29.43
CA LEU D 516 -12.61 -30.88 28.62
C LEU D 516 -11.77 -31.93 27.96
N GLN D 517 -11.46 -33.00 28.68
CA GLN D 517 -10.62 -34.01 28.09
C GLN D 517 -11.30 -34.65 26.90
N GLU D 518 -12.60 -34.87 27.02
CA GLU D 518 -13.32 -35.48 25.96
C GLU D 518 -13.53 -34.51 24.82
N ALA D 519 -13.78 -33.25 25.13
CA ALA D 519 -14.03 -32.29 24.06
C ALA D 519 -12.81 -32.22 23.16
N VAL D 520 -11.63 -32.39 23.75
CA VAL D 520 -10.42 -32.44 22.96
C VAL D 520 -10.39 -33.68 22.11
N GLN D 521 -10.70 -34.83 22.68
CA GLN D 521 -10.64 -36.05 21.90
C GLN D 521 -11.66 -36.08 20.79
N LEU D 522 -12.76 -35.38 21.00
CA LEU D 522 -13.86 -35.27 20.09
C LEU D 522 -13.67 -34.22 19.01
N SER D 523 -12.54 -33.54 19.00
CA SER D 523 -12.31 -32.47 18.07
C SER D 523 -10.90 -32.51 17.50
N SER D 524 -10.60 -31.61 16.55
CA SER D 524 -9.29 -31.59 15.86
C SER D 524 -8.15 -31.27 16.81
N LEU D 525 -8.49 -30.81 17.98
CA LEU D 525 -7.58 -30.40 19.01
C LEU D 525 -6.78 -31.57 19.52
N ARG D 526 -7.30 -32.76 19.31
CA ARG D 526 -6.63 -33.95 19.75
C ARG D 526 -5.27 -34.07 19.08
N HIS D 527 -5.07 -33.35 17.97
CA HIS D 527 -3.83 -33.37 17.24
C HIS D 527 -2.73 -32.69 18.01
N LEU D 528 -3.11 -31.89 18.98
CA LEU D 528 -2.13 -31.23 19.80
C LEU D 528 -1.91 -32.11 21.00
N MET D 529 -3.00 -32.72 21.45
CA MET D 529 -2.95 -33.52 22.65
C MET D 529 -2.08 -34.73 22.48
N ASN D 530 -2.02 -35.24 21.27
CA ASN D 530 -1.25 -36.42 21.01
C ASN D 530 0.12 -36.13 20.41
N SER D 531 0.64 -34.91 20.55
CA SER D 531 1.94 -34.66 19.94
C SER D 531 2.92 -33.85 20.80
N PRO D 532 4.22 -34.18 20.73
CA PRO D 532 5.29 -33.44 21.31
C PRO D 532 5.17 -32.09 20.69
N ARG D 533 5.62 -31.07 21.42
CA ARG D 533 5.59 -29.66 21.02
C ARG D 533 4.22 -29.03 21.14
N ASN D 534 3.18 -29.83 21.18
CA ASN D 534 1.86 -29.30 21.18
C ASN D 534 1.06 -29.57 22.44
N SER D 535 1.38 -30.66 23.14
CA SER D 535 0.59 -31.01 24.29
C SER D 535 0.64 -29.95 25.37
N SER D 536 1.75 -29.24 25.45
CA SER D 536 1.88 -28.23 26.47
C SER D 536 0.99 -27.03 26.24
N VAL D 537 0.52 -26.87 25.01
CA VAL D 537 -0.31 -25.75 24.66
C VAL D 537 -1.72 -26.08 25.03
N ILE D 538 -2.13 -27.24 24.62
CA ILE D 538 -3.49 -27.63 24.86
C ILE D 538 -3.79 -27.80 26.34
N ASN D 539 -2.79 -28.16 27.11
CA ASN D 539 -2.97 -28.38 28.53
C ASN D 539 -3.27 -27.12 29.34
N GLY D 540 -3.18 -25.95 28.72
CA GLY D 540 -3.47 -24.73 29.44
C GLY D 540 -4.97 -24.41 29.52
N LEU D 541 -5.82 -25.16 28.85
CA LEU D 541 -7.23 -24.80 28.91
C LEU D 541 -7.85 -25.21 30.25
N ASP D 542 -8.61 -24.32 30.89
CA ASP D 542 -9.19 -24.65 32.20
C ASP D 542 -10.50 -23.87 32.51
N ALA D 543 -11.58 -24.58 32.69
CA ALA D 543 -12.91 -24.02 32.95
C ALA D 543 -13.03 -23.31 34.28
N ARG D 544 -13.89 -22.29 34.32
CA ARG D 544 -14.20 -21.53 35.53
C ARG D 544 -15.71 -21.31 35.63
N VAL D 545 -16.21 -21.11 36.85
CA VAL D 545 -17.64 -20.87 37.05
C VAL D 545 -17.94 -19.48 37.59
N LEU D 546 -18.75 -18.74 36.86
CA LEU D 546 -19.10 -17.39 37.23
C LEU D 546 -20.23 -17.32 38.24
N ASP D 547 -20.09 -16.51 39.28
CA ASP D 547 -21.18 -16.50 40.24
C ASP D 547 -22.28 -15.52 39.85
N LEU D 548 -23.25 -16.03 39.14
CA LEU D 548 -24.38 -15.23 38.66
C LEU D 548 -25.58 -15.28 39.57
N GLY D 549 -25.43 -15.88 40.75
CA GLY D 549 -26.54 -15.93 41.68
C GLY D 549 -27.25 -17.28 41.74
N HIS D 550 -28.04 -17.41 42.80
CA HIS D 550 -28.72 -18.66 43.02
C HIS D 550 -29.77 -18.88 41.98
N GLY D 551 -29.90 -20.12 41.58
CA GLY D 551 -30.88 -20.49 40.58
C GLY D 551 -30.30 -20.46 39.16
N SER D 552 -29.09 -19.91 39.01
CA SER D 552 -28.44 -19.86 37.70
C SER D 552 -28.00 -21.28 37.38
N VAL D 553 -27.75 -21.58 36.12
CA VAL D 553 -27.31 -22.94 35.75
C VAL D 553 -26.02 -22.93 35.00
N GLY D 554 -25.45 -24.11 34.80
CA GLY D 554 -24.18 -24.25 34.08
C GLY D 554 -24.19 -23.51 32.73
N TRP D 555 -25.33 -23.47 32.06
CA TRP D 555 -25.43 -22.75 30.79
C TRP D 555 -25.14 -21.27 30.93
N ASP D 556 -25.39 -20.72 32.10
CA ASP D 556 -25.21 -19.32 32.32
C ASP D 556 -23.85 -19.02 32.93
N VAL D 557 -23.36 -19.95 33.74
CA VAL D 557 -22.14 -19.69 34.52
C VAL D 557 -20.85 -20.29 33.99
N PHE D 558 -20.90 -21.18 33.04
CA PHE D 558 -19.67 -21.72 32.48
C PHE D 558 -18.95 -20.69 31.63
N THR D 559 -17.66 -20.44 31.92
CA THR D 559 -16.93 -19.45 31.13
C THR D 559 -15.70 -19.91 30.35
N LEU D 560 -15.21 -21.12 30.57
CA LEU D 560 -14.04 -21.64 29.86
C LEU D 560 -12.78 -20.73 29.82
N ASP D 561 -11.91 -20.78 30.82
CA ASP D 561 -10.72 -19.94 30.82
C ASP D 561 -9.51 -20.71 30.30
N TYR D 562 -8.36 -20.06 30.26
CA TYR D 562 -7.10 -20.65 29.82
C TYR D 562 -6.00 -20.07 30.73
N ILE D 563 -5.09 -20.91 31.19
CA ILE D 563 -4.09 -20.47 32.12
C ILE D 563 -2.73 -20.27 31.51
N LEU D 564 -2.17 -19.10 31.73
CA LEU D 564 -0.87 -18.82 31.23
C LEU D 564 0.09 -18.54 32.34
N TYR D 565 1.30 -18.93 32.11
CA TYR D 565 2.37 -18.70 33.02
C TYR D 565 3.41 -17.92 32.31
N PRO D 566 4.24 -17.18 33.01
CA PRO D 566 5.31 -16.49 32.42
C PRO D 566 6.14 -17.62 31.94
N PRO D 567 6.89 -17.43 30.88
CA PRO D 567 7.07 -16.26 30.08
C PRO D 567 5.92 -15.82 29.17
N LEU D 568 4.89 -16.61 28.98
CA LEU D 568 3.88 -16.17 28.02
C LEU D 568 2.91 -15.20 28.63
N SER D 569 2.69 -15.32 29.91
CA SER D 569 1.75 -14.43 30.60
C SER D 569 2.28 -12.99 30.64
N LEU D 570 3.57 -12.84 30.33
CA LEU D 570 4.24 -11.56 30.28
C LEU D 570 4.15 -10.94 28.89
N VAL D 571 3.73 -11.73 27.92
CA VAL D 571 3.70 -11.30 26.54
C VAL D 571 2.29 -11.12 26.08
N LEU D 572 1.50 -12.12 26.35
CA LEU D 572 0.13 -12.14 25.92
C LEU D 572 -0.79 -11.40 26.85
N ASN D 573 -1.85 -10.90 26.28
CA ASN D 573 -2.96 -10.34 27.01
C ASN D 573 -3.71 -11.53 27.56
N VAL D 574 -3.93 -11.55 28.84
CA VAL D 574 -4.56 -12.66 29.51
C VAL D 574 -5.66 -12.12 30.42
N ASN D 575 -6.50 -12.99 30.97
CA ASN D 575 -7.52 -12.50 31.90
C ASN D 575 -6.90 -12.24 33.27
N ARG D 576 -6.14 -11.17 33.36
CA ARG D 576 -5.42 -10.84 34.58
C ARG D 576 -6.44 -10.52 35.64
N PRO D 577 -6.22 -10.91 36.91
CA PRO D 577 -7.15 -10.74 38.02
C PRO D 577 -7.53 -9.30 38.30
N PHE D 578 -6.71 -8.37 37.87
CA PHE D 578 -6.94 -6.96 38.06
C PHE D 578 -7.17 -6.27 36.72
N GLY D 579 -7.34 -7.05 35.66
CA GLY D 579 -7.50 -6.51 34.31
C GLY D 579 -8.97 -6.39 33.91
N ARG D 580 -9.20 -6.25 32.60
CA ARG D 580 -10.56 -6.07 32.11
C ARG D 580 -11.23 -7.38 31.74
N LYS D 581 -10.51 -8.49 31.84
CA LYS D 581 -11.08 -9.80 31.53
C LYS D 581 -11.72 -9.84 30.16
N GLU D 582 -10.98 -9.35 29.17
CA GLU D 582 -11.48 -9.25 27.83
C GLU D 582 -11.95 -10.54 27.26
N TYR D 583 -11.25 -11.62 27.56
CA TYR D 583 -11.61 -12.87 26.93
C TYR D 583 -12.81 -13.46 27.56
N LEU D 584 -12.92 -13.37 28.86
CA LEU D 584 -14.08 -13.97 29.47
C LEU D 584 -15.33 -13.24 29.03
N ARG D 585 -15.25 -11.92 28.90
CA ARG D 585 -16.42 -11.18 28.48
C ARG D 585 -16.80 -11.56 27.04
N ILE D 586 -15.80 -11.69 26.18
CA ILE D 586 -16.05 -12.05 24.80
C ILE D 586 -16.62 -13.45 24.74
N PHE D 587 -16.07 -14.36 25.54
CA PHE D 587 -16.56 -15.71 25.56
C PHE D 587 -18.01 -15.70 25.86
N ASN D 588 -18.43 -14.98 26.88
CA ASN D 588 -19.82 -14.99 27.25
C ASN D 588 -20.70 -14.49 26.11
N PHE D 589 -20.24 -13.49 25.39
CA PHE D 589 -21.00 -12.96 24.27
C PHE D 589 -21.21 -14.03 23.21
N LEU D 590 -20.12 -14.68 22.84
CA LEU D 590 -20.17 -15.70 21.82
C LEU D 590 -20.93 -16.92 22.30
N TRP D 591 -20.80 -17.20 23.59
CA TRP D 591 -21.43 -18.30 24.25
C TRP D 591 -22.92 -18.18 24.13
N ARG D 592 -23.46 -16.98 24.33
CA ARG D 592 -24.90 -16.86 24.20
C ARG D 592 -25.34 -17.29 22.82
N PHE D 593 -24.57 -16.95 21.78
CA PHE D 593 -24.98 -17.43 20.48
C PHE D 593 -24.90 -18.94 20.40
N LYS D 594 -23.85 -19.53 20.97
CA LYS D 594 -23.73 -20.98 20.89
C LYS D 594 -24.83 -21.67 21.63
N LYS D 595 -25.24 -21.13 22.77
CA LYS D 595 -26.31 -21.74 23.52
C LYS D 595 -27.56 -21.77 22.70
N ASN D 596 -27.87 -20.67 22.05
CA ASN D 596 -29.08 -20.64 21.28
C ASN D 596 -28.98 -21.54 20.06
N ASN D 597 -27.80 -21.62 19.46
CA ASN D 597 -27.67 -22.46 18.30
C ASN D 597 -27.76 -23.92 18.66
N TYR D 598 -27.22 -24.26 19.82
CA TYR D 598 -27.30 -25.61 20.30
C TYR D 598 -28.71 -26.02 20.41
N PHE D 599 -29.46 -25.18 21.09
CA PHE D 599 -30.81 -25.48 21.34
C PHE D 599 -31.66 -25.57 20.11
N TYR D 600 -31.45 -24.70 19.12
CA TYR D 600 -32.26 -24.88 17.93
C TYR D 600 -31.94 -26.17 17.23
N GLN D 601 -30.68 -26.58 17.19
CA GLN D 601 -30.42 -27.83 16.51
C GLN D 601 -31.06 -29.00 17.24
N LYS D 602 -30.99 -28.97 18.58
CA LYS D 602 -31.57 -30.03 19.36
C LYS D 602 -33.06 -30.10 19.14
N GLU D 603 -33.68 -28.94 19.23
CA GLU D 603 -35.12 -28.80 19.08
C GLU D 603 -35.59 -29.15 17.68
N MET D 604 -34.83 -28.77 16.65
CA MET D 604 -35.27 -29.08 15.31
C MET D 604 -35.23 -30.58 15.09
N LEU D 605 -34.26 -31.27 15.69
CA LEU D 605 -34.28 -32.70 15.51
C LEU D 605 -35.50 -33.27 16.23
N LYS D 606 -35.84 -32.76 17.43
CA LYS D 606 -37.04 -33.27 18.10
C LYS D 606 -38.26 -33.07 17.17
N SER D 607 -38.30 -31.93 16.52
CA SER D 607 -39.39 -31.65 15.60
C SER D 607 -39.41 -32.65 14.46
N ASN D 608 -38.24 -32.93 13.88
CA ASN D 608 -38.18 -33.85 12.77
C ASN D 608 -38.59 -35.26 13.18
N ASP D 609 -38.27 -35.65 14.42
CA ASP D 609 -38.64 -36.97 14.91
C ASP D 609 -40.15 -37.16 14.93
N ILE D 610 -40.86 -36.09 15.23
CA ILE D 610 -42.30 -36.16 15.34
C ILE D 610 -42.96 -35.94 13.99
N ILE D 611 -42.47 -34.98 13.20
CA ILE D 611 -43.12 -34.69 11.92
C ILE D 611 -42.99 -35.93 11.04
N ARG D 612 -41.93 -36.73 11.28
CA ARG D 612 -41.66 -37.98 10.61
C ARG D 612 -42.79 -38.97 10.72
N SER D 613 -43.57 -38.96 11.81
CA SER D 613 -44.65 -39.93 11.99
C SER D 613 -45.87 -39.49 11.19
N PHE D 614 -45.69 -39.48 9.88
CA PHE D 614 -46.67 -39.01 8.94
C PHE D 614 -47.05 -40.12 7.95
N LYS D 615 -46.89 -41.36 8.39
CA LYS D 615 -47.21 -42.54 7.56
C LYS D 615 -48.46 -43.25 8.11
N LYS D 616 -48.49 -43.34 9.44
CA LYS D 616 -49.52 -44.01 10.24
C LYS D 616 -50.84 -43.30 10.13
N ILE D 617 -50.75 -42.07 9.65
CA ILE D 617 -51.82 -41.11 9.48
C ILE D 617 -52.91 -41.67 8.61
N ARG D 618 -52.60 -42.68 7.83
CA ARG D 618 -53.61 -43.23 6.99
C ARG D 618 -54.79 -43.76 7.82
N GLY D 619 -54.55 -44.14 9.09
CA GLY D 619 -55.62 -44.59 9.96
C GLY D 619 -56.03 -43.53 10.99
N TYR D 620 -55.45 -42.33 10.90
CA TYR D 620 -55.67 -41.27 11.87
C TYR D 620 -55.96 -39.85 11.34
N ASN D 621 -55.85 -39.64 10.02
CA ASN D 621 -55.96 -38.32 9.38
C ASN D 621 -56.95 -37.30 9.98
N PRO D 622 -58.21 -37.62 10.34
CA PRO D 622 -59.15 -36.64 10.87
C PRO D 622 -58.61 -35.84 12.07
N LEU D 623 -57.73 -36.44 12.89
CA LEU D 623 -57.18 -35.70 14.02
C LEU D 623 -55.75 -35.23 13.77
N ILE D 624 -55.23 -35.50 12.59
CA ILE D 624 -53.85 -35.20 12.26
C ILE D 624 -53.59 -34.09 11.28
N ARG D 625 -54.38 -34.02 10.22
CA ARG D 625 -54.04 -33.08 9.17
C ARG D 625 -53.79 -31.68 9.71
N ASP D 626 -54.58 -31.26 10.69
CA ASP D 626 -54.42 -29.92 11.24
C ASP D 626 -53.14 -29.76 12.07
N ILE D 627 -52.70 -30.81 12.78
CA ILE D 627 -51.53 -30.62 13.63
C ILE D 627 -50.32 -30.60 12.76
N ILE D 628 -50.30 -31.43 11.74
CA ILE D 628 -49.18 -31.46 10.84
C ILE D 628 -49.08 -30.17 10.07
N ASN D 629 -50.19 -29.65 9.56
CA ASN D 629 -50.05 -28.43 8.81
C ASN D 629 -49.50 -27.32 9.69
N LYS D 630 -49.93 -27.30 10.96
CA LYS D 630 -49.39 -26.30 11.86
C LYS D 630 -47.91 -26.59 12.13
N LEU D 631 -47.51 -27.85 12.33
CA LEU D 631 -46.11 -28.20 12.62
C LEU D 631 -45.17 -27.85 11.49
N SER D 632 -45.62 -28.04 10.26
CA SER D 632 -44.78 -27.69 9.12
C SER D 632 -44.54 -26.18 9.09
N ARG D 633 -45.58 -25.42 9.38
CA ARG D 633 -45.43 -23.98 9.42
C ARG D 633 -44.60 -23.56 10.63
N ILE D 634 -44.69 -24.32 11.73
CA ILE D 634 -43.91 -24.04 12.92
C ILE D 634 -42.44 -24.20 12.57
N SER D 635 -42.06 -25.25 11.81
CA SER D 635 -40.65 -25.44 11.42
C SER D 635 -40.14 -24.20 10.70
N ILE D 636 -41.00 -23.60 9.91
CA ILE D 636 -40.62 -22.38 9.25
C ILE D 636 -40.42 -21.28 10.26
N LEU D 637 -41.32 -21.18 11.24
CA LEU D 637 -41.14 -20.12 12.21
C LEU D 637 -39.83 -20.38 12.98
N ARG D 638 -39.51 -21.64 13.27
CA ARG D 638 -38.29 -21.96 14.01
C ARG D 638 -37.05 -21.50 13.25
N THR D 639 -37.12 -21.62 11.94
CA THR D 639 -36.02 -21.29 11.05
C THR D 639 -35.75 -19.79 11.06
N GLN D 640 -36.75 -18.99 11.44
CA GLN D 640 -36.61 -17.56 11.51
C GLN D 640 -35.62 -17.22 12.59
N PHE D 641 -35.60 -18.03 13.63
CA PHE D 641 -34.76 -17.73 14.74
C PHE D 641 -33.41 -18.31 14.49
N GLN D 642 -33.39 -19.45 13.81
CA GLN D 642 -32.08 -19.99 13.54
C GLN D 642 -31.33 -19.10 12.59
N GLN D 643 -32.00 -18.54 11.58
CA GLN D 643 -31.24 -17.71 10.69
C GLN D 643 -30.82 -16.44 11.38
N PHE D 644 -31.62 -15.96 12.33
CA PHE D 644 -31.20 -14.79 13.05
C PHE D 644 -29.91 -15.07 13.78
N ASN D 645 -29.86 -16.17 14.51
CA ASN D 645 -28.66 -16.45 15.26
C ASN D 645 -27.51 -16.75 14.37
N SER D 646 -27.75 -17.44 13.25
CA SER D 646 -26.65 -17.78 12.38
C SER D 646 -26.08 -16.52 11.75
N LYS D 647 -26.94 -15.60 11.33
CA LYS D 647 -26.46 -14.40 10.71
C LYS D 647 -25.74 -13.49 11.64
N MET D 648 -26.26 -13.31 12.85
CA MET D 648 -25.60 -12.41 13.75
C MET D 648 -24.31 -12.96 14.27
N GLU D 649 -24.28 -14.25 14.59
CA GLU D 649 -23.06 -14.80 15.11
C GLU D 649 -22.02 -14.75 14.04
N SER D 650 -22.42 -15.09 12.82
CA SER D 650 -21.49 -15.11 11.73
C SER D 650 -20.99 -13.72 11.49
N TYR D 651 -21.87 -12.71 11.55
CA TYR D 651 -21.40 -11.37 11.30
C TYR D 651 -20.24 -11.02 12.17
N TYR D 652 -20.33 -11.27 13.46
CA TYR D 652 -19.20 -10.86 14.25
C TYR D 652 -17.97 -11.66 13.92
N LEU D 653 -18.15 -12.96 13.78
CA LEU D 653 -16.96 -13.74 13.57
C LEU D 653 -16.28 -13.47 12.24
N ASN D 654 -17.04 -13.29 11.19
CA ASN D 654 -16.40 -13.10 9.91
C ASN D 654 -16.24 -11.65 9.49
N CYS D 655 -16.48 -10.71 10.40
CA CYS D 655 -16.32 -9.31 10.04
C CYS D 655 -15.45 -8.58 11.01
N ILE D 656 -15.55 -8.95 12.28
CA ILE D 656 -14.80 -8.26 13.29
C ILE D 656 -13.68 -9.15 13.80
N ILE D 657 -14.01 -10.36 14.24
CA ILE D 657 -12.95 -11.15 14.83
C ILE D 657 -11.97 -11.66 13.84
N GLU D 658 -12.45 -12.25 12.76
CA GLU D 658 -11.49 -12.74 11.80
C GLU D 658 -10.73 -11.63 11.18
N GLU D 659 -11.36 -10.49 10.97
CA GLU D 659 -10.62 -9.47 10.29
C GLU D 659 -9.55 -8.88 11.16
N ASN D 660 -9.86 -8.69 12.44
CA ASN D 660 -8.88 -8.13 13.31
C ASN D 660 -7.84 -9.15 13.63
N PHE D 661 -8.24 -10.43 13.65
CA PHE D 661 -7.32 -11.48 13.94
C PHE D 661 -6.37 -11.63 12.80
N LYS D 662 -6.89 -11.66 11.58
CA LYS D 662 -5.98 -11.82 10.48
C LYS D 662 -4.99 -10.69 10.50
N GLU D 663 -5.44 -9.48 10.84
CA GLU D 663 -4.48 -8.42 10.87
C GLU D 663 -3.49 -8.64 11.99
N MET D 664 -3.91 -9.13 13.17
CA MET D 664 -2.89 -9.26 14.17
C MET D 664 -1.94 -10.36 13.83
N THR D 665 -2.37 -11.40 13.13
CA THR D 665 -1.38 -12.42 12.90
C THR D 665 -0.46 -11.90 11.84
N ARG D 666 -0.95 -11.10 10.91
CA ARG D 666 -0.07 -10.56 9.91
C ARG D 666 1.03 -9.78 10.56
N LYS D 667 0.71 -9.05 11.60
CA LYS D 667 1.74 -8.33 12.30
C LYS D 667 2.70 -9.31 12.95
N LEU D 668 2.17 -10.35 13.57
CA LEU D 668 2.98 -11.33 14.28
C LEU D 668 3.74 -12.26 13.36
N GLN D 669 3.31 -12.30 12.11
CA GLN D 669 3.89 -13.11 11.08
C GLN D 669 4.92 -12.32 10.31
N ARG D 670 5.19 -11.08 10.68
CA ARG D 670 6.18 -10.36 9.94
C ARG D 670 7.55 -11.03 10.07
N THR D 671 7.78 -11.75 11.17
CA THR D 671 9.05 -12.39 11.43
C THR D 671 9.25 -13.58 10.50
N GLU D 672 8.19 -13.98 9.82
CA GLU D 672 8.21 -15.12 8.92
C GLU D 672 8.72 -14.69 7.55
N ASN D 673 8.88 -13.36 7.36
CA ASN D 673 9.29 -12.82 6.07
C ASN D 673 8.33 -13.31 5.01
N LYS D 674 7.06 -13.24 5.36
CA LYS D 674 5.93 -13.65 4.57
C LYS D 674 5.71 -12.84 3.31
N SER D 675 6.27 -11.65 3.28
CA SER D 675 6.08 -10.75 2.16
C SER D 675 7.34 -10.41 1.43
N GLN D 676 7.24 -10.49 0.12
CA GLN D 676 8.29 -10.12 -0.81
C GLN D 676 8.32 -8.61 -1.02
N ASN D 677 7.30 -7.94 -0.50
CA ASN D 677 7.14 -6.52 -0.66
C ASN D 677 7.92 -5.85 0.45
N GLN D 678 9.03 -5.26 0.06
CA GLN D 678 9.99 -4.67 0.94
C GLN D 678 9.55 -3.35 1.53
N PHE D 679 8.46 -2.79 1.05
CA PHE D 679 8.12 -1.50 1.55
C PHE D 679 7.21 -1.55 2.76
N ASP D 680 7.63 -0.89 3.81
CA ASP D 680 6.87 -0.86 5.05
C ASP D 680 5.87 0.27 4.95
N LEU D 681 4.64 -0.06 4.65
CA LEU D 681 3.65 0.95 4.37
C LEU D 681 2.52 0.98 5.37
N ILE D 682 2.19 2.18 5.79
CA ILE D 682 1.14 2.44 6.75
C ILE D 682 -0.08 2.93 6.07
N ARG D 683 -1.19 2.25 6.22
CA ARG D 683 -2.38 2.79 5.61
C ARG D 683 -3.10 3.68 6.60
N LEU D 684 -3.46 4.86 6.14
CA LEU D 684 -4.19 5.80 6.94
C LEU D 684 -5.62 5.84 6.50
N ASN D 685 -6.47 6.29 7.37
CA ASN D 685 -7.90 6.35 7.11
C ASN D 685 -8.27 7.35 6.04
N ASN D 686 -7.36 8.27 5.73
CA ASN D 686 -7.64 9.26 4.73
C ASN D 686 -7.13 8.82 3.36
N GLY D 687 -6.67 7.58 3.27
CA GLY D 687 -6.20 7.00 2.03
C GLY D 687 -4.69 7.12 1.86
N THR D 688 -4.06 7.88 2.73
CA THR D 688 -2.63 8.04 2.63
C THR D 688 -1.93 6.76 2.92
N ILE D 689 -0.95 6.46 2.10
CA ILE D 689 -0.13 5.33 2.35
C ILE D 689 1.19 5.93 2.75
N GLU D 690 1.58 5.76 3.97
CA GLU D 690 2.78 6.40 4.44
C GLU D 690 3.93 5.44 4.52
N LEU D 691 5.07 5.82 4.00
CA LEU D 691 6.20 4.96 4.17
C LEU D 691 6.56 5.09 5.61
N ASN D 692 6.82 4.00 6.28
CA ASN D 692 7.11 4.11 7.69
C ASN D 692 8.54 4.54 7.97
N GLY D 693 8.77 5.82 7.78
CA GLY D 693 10.08 6.39 8.00
C GLY D 693 10.74 6.85 6.73
N ILE D 694 12.04 7.00 6.82
CA ILE D 694 12.85 7.49 5.72
C ILE D 694 13.01 6.43 4.68
N LEU D 695 12.98 6.81 3.43
CA LEU D 695 13.21 5.80 2.44
C LEU D 695 14.68 5.55 2.42
N THR D 696 15.06 4.31 2.60
CA THR D 696 16.44 3.96 2.65
C THR D 696 16.95 3.76 1.25
N PRO D 697 18.25 3.83 1.04
CA PRO D 697 18.90 3.54 -0.20
C PRO D 697 18.90 2.06 -0.38
N LYS D 698 19.14 1.67 -1.59
CA LYS D 698 19.30 0.32 -1.99
C LYS D 698 20.58 -0.20 -1.44
N ALA D 699 20.82 -1.50 -1.66
CA ALA D 699 22.05 -2.10 -1.20
C ALA D 699 23.24 -1.36 -1.80
N GLU D 700 23.09 -0.80 -3.00
CA GLU D 700 24.18 -0.04 -3.54
C GLU D 700 24.21 1.27 -2.80
N VAL D 701 25.30 1.47 -2.10
CA VAL D 701 25.51 2.61 -1.27
C VAL D 701 26.83 3.24 -1.61
N LEU D 702 27.07 4.40 -1.03
CA LEU D 702 28.26 5.19 -1.23
C LEU D 702 29.50 4.69 -0.49
N THR D 703 29.28 3.81 0.48
CA THR D 703 30.31 3.23 1.33
C THR D 703 29.72 2.30 2.39
N ILE D 715 18.08 -6.41 10.91
CA ILE D 715 17.69 -6.40 9.50
C ILE D 715 16.23 -6.70 9.33
N GLU D 716 15.82 -7.83 9.85
CA GLU D 716 14.44 -8.28 9.78
C GLU D 716 13.55 -7.41 10.64
N LYS D 717 12.33 -7.11 10.18
CA LYS D 717 11.44 -6.33 11.01
C LYS D 717 10.71 -7.21 11.99
N THR D 718 11.41 -7.67 12.99
CA THR D 718 10.84 -8.56 13.96
C THR D 718 10.32 -7.78 15.12
N LEU D 719 9.48 -8.41 15.93
CA LEU D 719 8.93 -7.69 17.06
C LEU D 719 9.59 -8.04 18.35
N ASN D 720 9.67 -7.06 19.22
CA ASN D 720 10.22 -7.25 20.54
C ASN D 720 9.10 -7.62 21.49
N ILE D 721 9.41 -7.78 22.76
CA ILE D 721 8.40 -8.24 23.69
C ILE D 721 7.24 -7.31 23.82
N ASP D 722 7.52 -6.03 23.98
CA ASP D 722 6.43 -5.10 24.16
C ASP D 722 5.62 -5.02 22.91
N GLU D 723 6.27 -5.11 21.77
CA GLU D 723 5.56 -5.04 20.53
C GLU D 723 4.63 -6.21 20.39
N LEU D 724 5.03 -7.39 20.83
CA LEU D 724 4.14 -8.51 20.73
C LEU D 724 2.93 -8.30 21.62
N GLU D 725 3.16 -7.78 22.83
CA GLU D 725 2.05 -7.55 23.71
C GLU D 725 1.14 -6.49 23.14
N SER D 726 1.72 -5.45 22.57
CA SER D 726 0.99 -4.36 22.00
C SER D 726 0.11 -4.84 20.90
N VAL D 727 0.62 -5.71 20.05
CA VAL D 727 -0.19 -6.21 18.97
C VAL D 727 -1.39 -6.92 19.54
N HIS D 728 -1.17 -7.72 20.55
CA HIS D 728 -2.25 -8.44 21.15
C HIS D 728 -3.26 -7.51 21.79
N ASN D 729 -2.77 -6.51 22.51
CA ASN D 729 -3.67 -5.61 23.17
C ASN D 729 -4.45 -4.84 22.14
N THR D 730 -3.77 -4.49 21.06
CA THR D 730 -4.35 -3.72 20.00
C THR D 730 -5.48 -4.51 19.43
N PHE D 731 -5.25 -5.77 19.20
CA PHE D 731 -6.26 -6.65 18.68
C PHE D 731 -7.49 -6.71 19.56
N LEU D 732 -7.31 -6.96 20.84
CA LEU D 732 -8.48 -7.06 21.69
C LEU D 732 -9.18 -5.74 21.77
N THR D 733 -8.41 -4.68 21.77
CA THR D 733 -8.96 -3.37 21.83
C THR D 733 -9.78 -3.16 20.59
N ASN D 734 -9.26 -3.55 19.44
CA ASN D 734 -9.96 -3.36 18.20
C ASN D 734 -11.28 -4.10 18.20
N ILE D 735 -11.32 -5.29 18.80
CA ILE D 735 -12.58 -6.01 18.82
C ILE D 735 -13.58 -5.23 19.61
N LEU D 736 -13.13 -4.73 20.73
CA LEU D 736 -14.00 -4.03 21.62
C LEU D 736 -14.12 -2.58 21.28
N SER D 737 -13.48 -2.15 20.19
CA SER D 737 -13.58 -0.79 19.76
C SER D 737 -14.66 -0.74 18.72
N HIS D 738 -15.17 -1.90 18.32
CA HIS D 738 -16.20 -1.85 17.35
C HIS D 738 -17.36 -1.24 18.09
N LYS D 739 -18.04 -0.31 17.42
CA LYS D 739 -19.12 0.45 17.99
C LYS D 739 -20.11 -0.34 18.78
N LEU D 740 -20.45 -1.52 18.33
CA LEU D 740 -21.47 -2.32 18.95
C LEU D 740 -21.07 -2.82 20.31
N PHE D 741 -19.81 -2.74 20.68
CA PHE D 741 -19.41 -3.21 21.98
C PHE D 741 -19.12 -2.10 22.96
N ALA D 742 -19.30 -0.84 22.57
CA ALA D 742 -18.93 0.26 23.47
C ALA D 742 -20.00 0.56 24.52
N THR D 743 -20.27 -0.39 25.37
CA THR D 743 -21.37 -0.24 26.29
C THR D 743 -21.02 0.50 27.55
N ASN D 744 -19.74 0.78 27.73
CA ASN D 744 -19.29 1.49 28.91
C ASN D 744 -19.09 2.96 28.64
N THR D 745 -19.57 3.46 27.52
CA THR D 745 -19.36 4.86 27.22
C THR D 745 -20.52 5.58 26.60
N SER D 746 -20.54 6.88 26.84
CA SER D 746 -21.52 7.81 26.29
C SER D 746 -21.33 8.01 24.80
N GLU D 747 -20.18 7.56 24.32
CA GLU D 747 -19.82 7.64 22.92
C GLU D 747 -20.56 6.61 22.09
N ILE D 748 -21.18 5.59 22.71
CA ILE D 748 -21.87 4.65 21.87
C ILE D 748 -23.15 5.31 21.49
N SER D 749 -23.50 5.24 20.23
CA SER D 749 -24.78 5.81 19.90
C SER D 749 -25.76 4.79 20.44
N VAL D 750 -26.70 5.21 21.26
CA VAL D 750 -27.58 4.23 21.83
C VAL D 750 -28.74 3.96 20.91
N GLY D 751 -28.43 3.13 19.96
CA GLY D 751 -29.32 2.76 18.89
C GLY D 751 -29.71 4.02 18.16
N ASP D 752 -30.99 4.18 17.92
CA ASP D 752 -31.50 5.35 17.24
C ASP D 752 -32.93 5.56 17.67
N TYR D 753 -33.75 4.55 17.44
CA TYR D 753 -35.13 4.60 17.81
C TYR D 753 -35.34 3.92 19.14
N SER D 754 -34.55 2.86 19.43
CA SER D 754 -34.71 2.16 20.71
C SER D 754 -34.10 2.94 21.85
N GLY D 755 -33.09 3.74 21.54
CA GLY D 755 -32.41 4.52 22.57
C GLY D 755 -31.44 3.69 23.40
N GLN D 756 -31.18 2.46 22.99
CA GLN D 756 -30.32 1.60 23.77
C GLN D 756 -29.06 1.18 23.03
N PRO D 757 -27.97 0.85 23.72
CA PRO D 757 -26.77 0.30 23.14
C PRO D 757 -27.17 -0.92 22.33
N TYR D 758 -26.52 -1.15 21.21
CA TYR D 758 -26.89 -2.26 20.36
C TYR D 758 -26.96 -3.60 21.08
N PRO D 759 -26.02 -3.96 21.97
CA PRO D 759 -26.06 -5.17 22.74
C PRO D 759 -27.26 -5.28 23.65
N THR D 760 -27.89 -4.17 24.00
CA THR D 760 -29.04 -4.32 24.86
C THR D 760 -30.07 -5.00 24.01
N SER D 761 -30.23 -4.48 22.80
CA SER D 761 -31.22 -5.02 21.90
C SER D 761 -30.83 -6.42 21.47
N LEU D 762 -29.55 -6.65 21.23
CA LEU D 762 -29.15 -7.97 20.80
C LEU D 762 -29.32 -9.00 21.89
N VAL D 763 -29.00 -8.67 23.13
CA VAL D 763 -29.16 -9.64 24.17
C VAL D 763 -30.60 -10.00 24.34
N LEU D 764 -31.49 -9.02 24.28
CA LEU D 764 -32.90 -9.33 24.44
C LEU D 764 -33.39 -10.22 23.30
N LEU D 765 -32.91 -9.99 22.09
CA LEU D 765 -33.29 -10.83 20.97
C LEU D 765 -32.74 -12.23 21.19
N LEU D 766 -31.54 -12.33 21.74
CA LEU D 766 -30.96 -13.63 22.06
C LEU D 766 -31.73 -14.30 23.19
N ASN D 767 -32.20 -13.52 24.15
CA ASN D 767 -32.95 -14.09 25.25
C ASN D 767 -34.27 -14.61 24.71
N SER D 768 -34.81 -13.90 23.73
CA SER D 768 -36.07 -14.30 23.15
C SER D 768 -35.92 -15.61 22.44
N VAL D 769 -34.83 -15.81 21.71
CA VAL D 769 -34.69 -17.06 20.99
C VAL D 769 -34.50 -18.22 21.96
N TYR D 770 -33.85 -17.98 23.08
CA TYR D 770 -33.74 -19.05 24.06
C TYR D 770 -35.15 -19.47 24.48
N GLU D 771 -35.99 -18.49 24.77
CA GLU D 771 -37.36 -18.73 25.19
C GLU D 771 -38.19 -19.37 24.09
N PHE D 772 -37.92 -19.02 22.82
CA PHE D 772 -38.62 -19.62 21.71
C PHE D 772 -38.37 -21.11 21.70
N VAL D 773 -37.13 -21.51 21.96
CA VAL D 773 -36.88 -22.93 21.98
C VAL D 773 -37.69 -23.60 23.05
N LYS D 774 -37.73 -23.03 24.24
CA LYS D 774 -38.52 -23.70 25.27
C LYS D 774 -39.98 -23.88 24.87
N VAL D 775 -40.59 -22.87 24.26
CA VAL D 775 -41.98 -23.04 23.85
C VAL D 775 -42.11 -24.04 22.69
N TYR D 776 -41.16 -24.05 21.75
CA TYR D 776 -41.26 -25.02 20.67
C TYR D 776 -41.13 -26.41 21.26
N CYS D 777 -40.26 -26.57 22.25
CA CYS D 777 -40.06 -27.86 22.89
C CYS D 777 -41.33 -28.29 23.57
N ASN D 778 -42.03 -27.35 24.22
CA ASN D 778 -43.26 -27.75 24.87
C ASN D 778 -44.22 -28.26 23.81
N LEU D 779 -44.28 -27.62 22.64
CA LEU D 779 -45.17 -28.15 21.63
C LEU D 779 -44.69 -29.47 21.10
N ASN D 780 -43.38 -29.67 21.01
CA ASN D 780 -42.89 -30.92 20.48
C ASN D 780 -43.29 -32.04 21.41
N ASP D 781 -43.24 -31.80 22.71
CA ASP D 781 -43.62 -32.84 23.64
C ASP D 781 -45.12 -33.09 23.60
N ILE D 782 -45.91 -32.03 23.40
CA ILE D 782 -47.35 -32.21 23.28
C ILE D 782 -47.65 -33.02 22.03
N GLY D 783 -47.02 -32.67 20.91
CA GLY D 783 -47.24 -33.36 19.65
C GLY D 783 -46.84 -34.82 19.79
N TYR D 784 -45.76 -35.07 20.51
CA TYR D 784 -45.30 -36.42 20.72
C TYR D 784 -46.37 -37.23 21.42
N GLU D 785 -46.92 -36.69 22.51
CA GLU D 785 -47.91 -37.40 23.28
C GLU D 785 -49.21 -37.58 22.51
N ILE D 786 -49.56 -36.62 21.65
CA ILE D 786 -50.76 -36.78 20.84
C ILE D 786 -50.57 -37.99 19.94
N PHE D 787 -49.40 -38.11 19.34
CA PHE D 787 -49.12 -39.26 18.51
C PHE D 787 -49.07 -40.56 19.32
N ILE D 788 -48.54 -40.53 20.53
CA ILE D 788 -48.56 -41.75 21.32
C ILE D 788 -49.99 -42.12 21.65
N LYS D 789 -50.81 -41.16 22.01
CA LYS D 789 -52.16 -41.49 22.36
C LYS D 789 -52.89 -42.12 21.19
N MET D 790 -52.63 -41.67 19.95
CA MET D 790 -53.24 -42.25 18.76
C MET D 790 -52.76 -43.68 18.53
N ASN D 791 -51.52 -43.98 18.94
CA ASN D 791 -51.04 -45.35 18.77
C ASN D 791 -51.92 -46.27 19.62
N LEU D 792 -52.38 -45.75 20.76
CA LEU D 792 -53.18 -46.53 21.68
C LEU D 792 -54.69 -46.47 21.39
N ASN D 793 -55.19 -45.26 21.09
CA ASN D 793 -56.59 -44.95 20.84
C ASN D 793 -56.70 -43.93 19.71
N ASP D 794 -57.06 -44.41 18.53
CA ASP D 794 -57.03 -43.62 17.31
C ASP D 794 -57.89 -42.38 17.25
N HIS D 795 -59.01 -42.41 17.94
CA HIS D 795 -59.89 -41.25 17.96
C HIS D 795 -59.94 -40.55 19.28
N GLU D 796 -58.95 -40.77 20.13
CA GLU D 796 -58.94 -40.07 21.39
C GLU D 796 -57.91 -38.99 21.30
N ALA D 797 -56.73 -39.20 21.90
CA ALA D 797 -55.68 -38.20 21.88
C ALA D 797 -56.26 -36.87 22.29
N SER D 798 -56.98 -36.92 23.40
CA SER D 798 -57.71 -35.82 24.02
C SER D 798 -57.55 -34.46 23.38
N ASN D 799 -58.70 -33.85 23.11
CA ASN D 799 -58.74 -32.54 22.50
C ASN D 799 -58.10 -31.51 23.41
N GLY D 800 -57.95 -31.85 24.70
CA GLY D 800 -57.31 -30.99 25.67
C GLY D 800 -55.84 -30.82 25.28
N LEU D 801 -55.24 -31.85 24.67
CA LEU D 801 -53.85 -31.82 24.24
C LEU D 801 -53.77 -30.91 23.05
N LEU D 802 -54.81 -30.98 22.21
CA LEU D 802 -54.85 -30.11 21.04
C LEU D 802 -55.03 -28.69 21.51
N GLY D 803 -55.79 -28.52 22.59
CA GLY D 803 -56.00 -27.23 23.22
C GLY D 803 -54.66 -26.68 23.68
N LYS D 804 -53.91 -27.48 24.43
CA LYS D 804 -52.61 -27.06 24.91
C LYS D 804 -51.67 -26.77 23.77
N PHE D 805 -51.74 -27.59 22.72
CA PHE D 805 -50.90 -27.39 21.56
C PHE D 805 -51.20 -26.02 21.00
N ASN D 806 -52.48 -25.75 20.78
CA ASN D 806 -52.85 -24.50 20.19
C ASN D 806 -52.52 -23.34 21.12
N THR D 807 -52.61 -23.56 22.42
CA THR D 807 -52.32 -22.53 23.40
C THR D 807 -50.85 -22.15 23.35
N ASN D 808 -49.99 -23.14 23.28
CA ASN D 808 -48.59 -22.86 23.21
C ASN D 808 -48.22 -22.30 21.84
N LEU D 809 -48.99 -22.65 20.80
CA LEU D 809 -48.75 -22.05 19.52
C LEU D 809 -49.14 -20.58 19.59
N LYS D 810 -50.23 -20.25 20.28
CA LYS D 810 -50.60 -18.85 20.39
C LYS D 810 -49.45 -18.10 21.05
N GLU D 811 -48.80 -18.74 22.04
CA GLU D 811 -47.66 -18.12 22.71
C GLU D 811 -46.51 -17.95 21.74
N ILE D 812 -46.25 -18.93 20.88
CA ILE D 812 -45.17 -18.76 19.93
C ILE D 812 -45.44 -17.63 18.99
N VAL D 813 -46.65 -17.57 18.49
CA VAL D 813 -47.01 -16.56 17.53
C VAL D 813 -46.94 -15.18 18.17
N SER D 814 -47.40 -15.05 19.41
CA SER D 814 -47.32 -13.78 20.08
C SER D 814 -45.86 -13.40 20.25
N GLN D 815 -45.04 -14.35 20.67
CA GLN D 815 -43.64 -14.07 20.84
C GLN D 815 -42.99 -13.75 19.52
N TYR D 816 -43.40 -14.45 18.46
CA TYR D 816 -42.84 -14.30 17.12
C TYR D 816 -43.01 -12.89 16.68
N LYS D 817 -44.23 -12.39 16.82
CA LYS D 817 -44.52 -11.05 16.42
C LYS D 817 -43.78 -10.03 17.27
N ASN D 818 -43.69 -10.27 18.57
CA ASN D 818 -43.04 -9.31 19.44
C ASN D 818 -41.56 -9.26 19.12
N PHE D 819 -41.00 -10.43 18.83
CA PHE D 819 -39.62 -10.57 18.48
C PHE D 819 -39.34 -9.81 17.21
N LYS D 820 -40.18 -10.04 16.20
CA LYS D 820 -40.01 -9.41 14.92
C LYS D 820 -40.06 -7.91 15.03
N ASP D 821 -40.95 -7.36 15.86
CA ASP D 821 -40.98 -5.91 15.98
C ASP D 821 -39.70 -5.40 16.62
N ARG D 822 -39.19 -6.11 17.63
CA ARG D 822 -37.96 -5.68 18.26
C ARG D 822 -36.80 -5.80 17.29
N LEU D 823 -36.84 -6.85 16.48
CA LEU D 823 -35.81 -7.09 15.52
C LEU D 823 -35.83 -5.98 14.49
N TYR D 824 -37.02 -5.59 14.06
CA TYR D 824 -37.12 -4.48 13.12
C TYR D 824 -36.48 -3.25 13.69
N ILE D 825 -36.78 -2.92 14.95
CA ILE D 825 -36.24 -1.72 15.55
C ILE D 825 -34.74 -1.82 15.58
N PHE D 826 -34.23 -2.98 15.98
CA PHE D 826 -32.80 -3.21 16.01
C PHE D 826 -32.22 -2.97 14.63
N ARG D 827 -32.83 -3.55 13.59
CA ARG D 827 -32.33 -3.37 12.25
C ARG D 827 -32.35 -1.92 11.84
N ALA D 828 -33.44 -1.23 12.17
CA ALA D 828 -33.59 0.17 11.82
C ALA D 828 -32.54 1.01 12.52
N ASP D 829 -32.22 0.68 13.78
CA ASP D 829 -31.22 1.41 14.52
C ASP D 829 -29.85 1.18 13.97
N LEU D 830 -29.60 -0.01 13.46
CA LEU D 830 -28.30 -0.24 12.88
C LEU D 830 -28.21 0.60 11.61
N LYS D 831 -29.25 0.52 10.79
CA LYS D 831 -29.25 1.19 9.50
C LYS D 831 -29.11 2.68 9.57
N ASN D 832 -29.85 3.32 10.45
CA ASN D 832 -29.83 4.76 10.44
C ASN D 832 -28.82 5.40 11.35
N ASP D 833 -27.92 4.60 11.93
CA ASP D 833 -26.91 5.19 12.79
C ASP D 833 -25.76 5.74 11.98
N GLY D 834 -25.51 5.15 10.82
CA GLY D 834 -24.39 5.53 10.00
C GLY D 834 -23.40 4.40 10.03
N ASP D 835 -22.50 4.36 9.05
CA ASP D 835 -21.50 3.29 8.85
C ASP D 835 -22.10 2.22 7.95
N GLU D 836 -21.47 2.05 6.82
CA GLU D 836 -21.94 1.15 5.79
C GLU D 836 -22.05 -0.26 6.31
N GLU D 837 -21.24 -0.63 7.29
CA GLU D 837 -21.34 -1.95 7.85
C GLU D 837 -22.69 -2.18 8.51
N LEU D 838 -23.28 -1.13 9.08
CA LEU D 838 -24.52 -1.34 9.78
C LEU D 838 -25.65 -1.35 8.78
N PHE D 839 -25.45 -0.65 7.67
CA PHE D 839 -26.47 -0.68 6.63
C PHE D 839 -26.48 -2.07 6.03
N LEU D 840 -25.30 -2.61 5.79
CA LEU D 840 -25.17 -3.92 5.19
C LEU D 840 -25.70 -4.99 6.12
N LEU D 841 -25.40 -4.85 7.42
CA LEU D 841 -25.90 -5.83 8.35
C LEU D 841 -27.39 -5.75 8.48
N SER D 842 -27.93 -4.55 8.56
CA SER D 842 -29.36 -4.42 8.73
C SER D 842 -30.10 -4.99 7.54
N LYS D 843 -29.66 -4.67 6.32
CA LYS D 843 -30.34 -5.18 5.14
C LYS D 843 -30.25 -6.69 5.06
N SER D 844 -29.17 -7.25 5.55
CA SER D 844 -28.95 -8.67 5.49
C SER D 844 -29.81 -9.43 6.49
N LEU D 845 -30.44 -8.73 7.41
CA LEU D 845 -31.29 -9.35 8.41
C LEU D 845 -32.73 -9.33 7.94
N ARG D 846 -32.98 -8.82 6.72
CA ARG D 846 -34.33 -8.79 6.17
C ARG D 846 -34.51 -9.84 5.10
N ASP E 112 18.43 59.31 -30.60
CA ASP E 112 17.96 60.57 -31.16
C ASP E 112 16.46 60.50 -31.36
N VAL E 113 15.95 59.29 -31.26
CA VAL E 113 14.55 59.01 -31.53
C VAL E 113 13.85 58.15 -30.46
N PRO E 114 12.51 58.19 -30.38
CA PRO E 114 11.66 57.40 -29.48
C PRO E 114 11.50 55.96 -29.93
N MET E 115 12.57 55.21 -29.77
CA MET E 115 12.60 53.80 -30.13
C MET E 115 12.08 52.93 -28.97
N SER E 116 11.33 51.88 -29.31
CA SER E 116 10.77 50.89 -28.38
C SER E 116 11.83 49.95 -27.85
N GLN E 117 11.47 49.09 -26.91
CA GLN E 117 12.41 48.14 -26.38
C GLN E 117 12.45 46.94 -27.35
N PRO E 118 13.30 45.91 -27.13
CA PRO E 118 13.40 44.72 -27.95
C PRO E 118 12.13 43.91 -27.90
N LEU E 119 11.74 43.37 -29.03
CA LEU E 119 10.52 42.61 -29.15
C LEU E 119 10.57 41.24 -28.51
N LYS E 120 11.66 40.51 -28.70
CA LYS E 120 11.74 39.20 -28.08
C LYS E 120 11.87 39.38 -26.62
N GLU E 121 12.67 40.33 -26.19
CA GLU E 121 12.78 40.44 -24.76
C GLU E 121 11.44 40.73 -24.14
N GLN E 122 10.62 41.57 -24.78
CA GLN E 122 9.35 41.79 -24.16
C GLN E 122 8.51 40.51 -24.19
N GLU E 123 8.56 39.75 -25.29
CA GLU E 123 7.80 38.52 -25.38
C GLU E 123 8.21 37.52 -24.32
N VAL E 124 9.51 37.43 -24.09
CA VAL E 124 10.06 36.53 -23.11
C VAL E 124 9.61 36.93 -21.75
N ARG E 125 9.68 38.21 -21.46
CA ARG E 125 9.22 38.65 -20.17
C ARG E 125 7.75 38.39 -20.01
N GLU E 126 6.95 38.54 -21.06
CA GLU E 126 5.55 38.28 -20.80
C GLU E 126 5.36 36.83 -20.43
N HIS E 127 6.09 35.96 -21.11
CA HIS E 127 6.00 34.56 -20.86
C HIS E 127 6.49 34.21 -19.46
N GLN E 128 7.66 34.72 -19.12
CA GLN E 128 8.25 34.43 -17.85
C GLN E 128 7.46 35.01 -16.71
N MET E 129 6.91 36.21 -16.88
CA MET E 129 6.17 36.79 -15.81
C MET E 129 4.93 35.98 -15.56
N LYS E 130 4.31 35.47 -16.63
CA LYS E 130 3.14 34.64 -16.45
C LYS E 130 3.50 33.44 -15.63
N LYS E 131 4.63 32.81 -15.97
CA LYS E 131 5.06 31.64 -15.25
C LYS E 131 5.28 31.96 -13.79
N GLU E 132 5.90 33.10 -13.53
CA GLU E 132 6.18 33.46 -12.18
C GLU E 132 4.92 33.76 -11.39
N ARG E 133 3.95 34.43 -11.99
CA ARG E 133 2.74 34.74 -11.24
C ARG E 133 2.06 33.48 -10.81
N PHE E 134 2.03 32.53 -11.72
CA PHE E 134 1.42 31.26 -11.46
C PHE E 134 2.13 30.52 -10.34
N ASP E 135 3.45 30.43 -10.40
CA ASP E 135 4.15 29.72 -9.34
C ASP E 135 4.03 30.42 -8.02
N ARG E 136 3.99 31.74 -8.03
CA ARG E 136 3.84 32.45 -6.80
C ARG E 136 2.47 32.15 -6.19
N ALA E 137 1.44 32.07 -7.04
CA ALA E 137 0.12 31.74 -6.54
C ALA E 137 0.12 30.36 -5.91
N LEU E 138 0.84 29.43 -6.51
CA LEU E 138 0.84 28.10 -5.94
C LEU E 138 1.60 28.08 -4.64
N GLU E 139 2.70 28.83 -4.56
CA GLU E 139 3.47 28.84 -3.34
C GLU E 139 2.60 29.33 -2.19
N SER E 140 1.80 30.35 -2.47
CA SER E 140 0.92 30.94 -1.48
C SER E 140 -0.08 29.90 -0.97
N LYS E 141 -0.65 29.10 -1.87
CA LYS E 141 -1.61 28.10 -1.43
C LYS E 141 -0.98 27.04 -0.55
N LEU E 142 0.31 26.80 -0.77
CA LEU E 142 1.07 25.84 0.02
C LEU E 142 1.58 26.50 1.30
N LEU E 143 1.18 27.76 1.50
CA LEU E 143 1.46 28.66 2.61
C LEU E 143 2.88 29.13 2.70
N GLY E 144 3.63 28.97 1.64
CA GLY E 144 4.98 29.49 1.59
C GLY E 144 6.07 28.59 2.12
PB GDP F . -4.98 -22.51 -50.68
O1B GDP F . -6.22 -21.80 -50.34
O2B GDP F . -5.28 -23.74 -51.61
O3B GDP F . -4.29 -23.01 -49.38
O3A GDP F . -4.00 -21.54 -51.41
PA GDP F . -3.55 -20.10 -50.93
O1A GDP F . -3.58 -20.01 -49.45
O2A GDP F . -2.11 -19.82 -51.44
O5' GDP F . -4.51 -19.00 -51.65
C5' GDP F . -4.43 -18.54 -53.05
C4' GDP F . -3.31 -17.46 -53.30
O4' GDP F . -2.38 -17.38 -52.20
C3' GDP F . -2.40 -17.75 -54.54
O3' GDP F . -2.78 -17.03 -55.70
C2' GDP F . -0.98 -17.24 -54.12
O2' GDP F . -0.54 -16.20 -55.02
C1' GDP F . -1.18 -16.68 -52.66
N9 GDP F . 0.00 -16.95 -51.79
C8 GDP F . 0.33 -18.17 -51.21
N7 GDP F . 1.02 -18.03 -50.14
C5 GDP F . 1.25 -16.70 -49.95
C6 GDP F . 2.00 -15.92 -48.97
O6 GDP F . 2.53 -16.43 -48.00
N1 GDP F . 2.12 -14.56 -49.14
C2 GDP F . 1.58 -13.93 -50.26
N2 GDP F . 1.86 -12.63 -50.41
N3 GDP F . 0.83 -14.61 -51.16
C4 GDP F . 0.65 -15.99 -51.05
PB GDP G . -28.93 -50.14 -12.52
O1B GDP G . -29.09 -49.21 -11.39
O2B GDP G . -30.26 -50.98 -12.55
O3B GDP G . -27.83 -51.20 -12.19
O3A GDP G . -28.63 -49.38 -13.86
PA GDP G . -28.40 -47.83 -14.10
O1A GDP G . -28.19 -47.15 -12.81
O2A GDP G . -27.13 -47.48 -14.97
O5' GDP G . -29.67 -47.15 -14.86
C5' GDP G . -29.69 -46.09 -15.90
C4' GDP G . -29.12 -44.74 -15.37
O4' GDP G . -27.76 -44.95 -14.94
C3' GDP G . -28.97 -43.60 -16.45
O3' GDP G . -29.96 -42.59 -16.34
C2' GDP G . -27.60 -42.94 -16.09
O2' GDP G . -27.76 -41.53 -15.83
C1' GDP G . -27.17 -43.65 -14.77
N9 GDP G . -25.68 -43.71 -14.64
C8 GDP G . -24.88 -44.83 -14.63
N7 GDP G . -23.68 -44.54 -14.23
C5 GDP G . -23.60 -43.22 -13.95
C6 GDP G . -22.57 -42.30 -13.46
O6 GDP G . -21.47 -42.71 -13.11
N1 GDP G . -22.85 -40.94 -13.36
C2 GDP G . -24.15 -40.46 -13.60
N2 GDP G . -24.41 -39.15 -13.44
N3 GDP G . -25.14 -41.29 -14.01
C4 GDP G . -24.90 -42.66 -14.21
#